data_8R0G
#
_entry.id   8R0G
#
_cell.length_a   1.00
_cell.length_b   1.00
_cell.length_c   1.00
_cell.angle_alpha   90.00
_cell.angle_beta   90.00
_cell.angle_gamma   90.00
#
_symmetry.space_group_name_H-M   'P 1'
#
_entity_poly.entity_id   1
_entity_poly.type   'polypeptide(L)'
_entity_poly.pdbx_seq_one_letter_code
;PENITLDTLNTQNDYEETHGESPEVPKASIAPAGRQNVPVLQQNQENKDNHALGGSEDAKDEREIRFSAIKTLYNYYSEG
PSTPIMPHLVNRLRGLDALAKIDATLTKVDMNAAYIFALRPTFPYSYGYKQRFSNRRLTTSAVCYARTGLSSFLTVNKTY
TSNSPLKGGSRGWPIFNVGVSPHVAEPHMRTLSPIGLEVFSQNLATFSKTLLTASSKVFTQSLYTADILSIFGEVFLPHV
MQPVSNYTPILVRALLALIHILGPGSGNCSLSSSIFESSIPQFFTVSHSTNMSNRTRYCLHTWSAYKDMFRNGIPPQSTL
PPTLAPEGSSARVLIPAALVTSPMFPWLLALVSSGPQFFLYSKDASINTVDIGSRGRITSPIPDVANLDLHRLWNLFRFD
GHRYIDVVIVGVDRDYVWPYQNGVYVHGGKGPNGTDNYGNADVHDGIGTIFSSFNDNVNVQTSDLILGLLTLWNHITTTY
ATEEEVTMAIKIAAAFALVYPVQPIVYSGCPRAFQSHTSYYQPSSENCYTTDTAEVKSTWDTVELSVQVNNAMVLGMTLP
FGQPTVSSAQWFNNIDKAEISMFKVGNLPLQNLDYLSLDMMEFYAPTTGQLYDIRSDNLILSAHRTVNLGIGYTALADFF
AYLASVPAQSFYHDRMVTSPISKQTYSVYERFIERFVDDFVGWDRCDLFNLDTLLAAKRIAGVASSPIPWHCSLQRCPLP
IIMHYTGLHFGQEHITVRDVAGVEGLQQIVMRNDQGKIVVDALGTAAPSRLAVKLDWSRLSAWYSDTTCAIPLSDRVMEI
INYAAIWDPTQERRATGFVYTYFSPNFLSSFNASEPIFNTSINLTPPYDDTSHTVIQNLSMPQMLSFDPYYESTFYVVSA
DNEWIPTSGPAWKVPYLENVVKRSGRRLLAELRIASNNGSGDRTFLDDV
;
_entity_poly.pdbx_strand_id   A,B
#
# COMPACT_ATOMS: atom_id res chain seq x y z
N ILE A 70 -27.59 18.58 25.30
CA ILE A 70 -28.86 19.12 24.86
C ILE A 70 -29.79 18.00 24.42
N LYS A 71 -29.33 17.21 23.45
CA LYS A 71 -30.12 16.09 22.96
C LYS A 71 -30.17 14.97 24.00
N THR A 72 -31.21 14.15 23.89
CA THR A 72 -31.42 13.03 24.80
C THR A 72 -31.57 11.75 23.98
N LEU A 73 -31.65 10.62 24.70
CA LEU A 73 -31.78 9.32 24.04
C LEU A 73 -33.07 9.22 23.24
N TYR A 74 -34.13 9.90 23.69
CA TYR A 74 -35.37 9.93 22.91
C TYR A 74 -35.15 10.58 21.55
N ASN A 75 -34.44 11.71 21.50
CA ASN A 75 -34.20 12.38 20.23
C ASN A 75 -33.34 11.53 19.31
N TYR A 76 -32.34 10.86 19.86
CA TYR A 76 -31.45 10.04 19.03
C TYR A 76 -32.16 8.80 18.51
N TYR A 77 -32.98 8.15 19.35
CA TYR A 77 -33.73 6.99 18.90
C TYR A 77 -34.84 7.37 17.93
N SER A 78 -35.34 8.60 18.00
CA SER A 78 -36.39 9.04 17.08
C SER A 78 -35.88 9.24 15.66
N GLU A 79 -34.65 9.72 15.51
CA GLU A 79 -34.12 10.10 14.21
C GLU A 79 -33.30 8.97 13.60
N GLY A 80 -33.25 8.96 12.26
CA GLY A 80 -32.53 7.94 11.55
C GLY A 80 -31.38 8.49 10.73
N PRO A 81 -30.74 7.64 9.94
CA PRO A 81 -29.58 8.07 9.15
C PRO A 81 -29.96 9.06 8.07
N SER A 82 -28.99 9.89 7.69
CA SER A 82 -29.11 10.83 6.58
C SER A 82 -28.18 10.41 5.46
N THR A 83 -28.40 10.98 4.28
CA THR A 83 -27.61 10.56 3.11
C THR A 83 -26.10 10.75 3.27
N PRO A 84 -25.58 11.85 3.87
CA PRO A 84 -24.17 11.83 4.29
C PRO A 84 -24.05 11.10 5.63
N ILE A 85 -23.52 9.88 5.59
CA ILE A 85 -23.53 9.05 6.78
C ILE A 85 -22.44 9.47 7.75
N MET A 86 -21.19 9.58 7.27
CA MET A 86 -20.09 9.97 8.15
C MET A 86 -20.31 11.30 8.84
N PRO A 87 -20.74 12.37 8.16
CA PRO A 87 -21.11 13.60 8.90
C PRO A 87 -22.24 13.39 9.88
N HIS A 88 -23.11 12.41 9.65
CA HIS A 88 -24.19 12.08 10.55
C HIS A 88 -23.74 11.14 11.67
N LEU A 89 -23.01 10.08 11.32
CA LEU A 89 -22.56 9.12 12.32
C LEU A 89 -21.57 9.74 13.30
N VAL A 90 -20.66 10.58 12.81
CA VAL A 90 -19.69 11.22 13.69
C VAL A 90 -20.39 12.15 14.67
N ASN A 91 -21.35 12.94 14.18
CA ASN A 91 -22.10 13.82 15.05
C ASN A 91 -22.91 13.05 16.08
N ARG A 92 -23.52 11.93 15.65
CA ARG A 92 -24.27 11.10 16.59
C ARG A 92 -23.37 10.51 17.66
N LEU A 93 -22.18 10.05 17.29
CA LEU A 93 -21.25 9.50 18.27
C LEU A 93 -20.75 10.58 19.23
N ARG A 94 -20.51 11.79 18.72
CA ARG A 94 -20.13 12.89 19.59
C ARG A 94 -21.24 13.19 20.59
N GLY A 95 -22.49 13.22 20.12
CA GLY A 95 -23.60 13.47 21.03
C GLY A 95 -23.78 12.36 22.05
N LEU A 96 -23.57 11.10 21.63
CA LEU A 96 -23.65 10.00 22.57
C LEU A 96 -22.57 10.08 23.62
N ASP A 97 -21.36 10.49 23.23
CA ASP A 97 -20.29 10.70 24.21
C ASP A 97 -20.65 11.82 25.17
N ALA A 98 -21.24 12.90 24.65
CA ALA A 98 -21.67 14.00 25.51
C ALA A 98 -22.73 13.53 26.51
N LEU A 99 -23.66 12.68 26.06
CA LEU A 99 -24.62 12.08 26.97
C LEU A 99 -23.93 11.21 28.00
N ALA A 100 -22.94 10.43 27.58
CA ALA A 100 -22.21 9.58 28.51
C ALA A 100 -21.45 10.40 29.56
N LYS A 101 -21.08 11.64 29.23
CA LYS A 101 -20.46 12.51 30.21
C LYS A 101 -21.41 12.78 31.38
N ILE A 102 -22.63 13.23 31.08
CA ILE A 102 -23.62 13.55 32.12
C ILE A 102 -24.59 12.37 32.19
N ASP A 103 -24.25 11.41 33.06
CA ASP A 103 -25.14 10.28 33.30
C ASP A 103 -25.20 9.84 34.76
N ALA A 104 -24.47 10.51 35.65
CA ALA A 104 -24.40 10.14 37.07
C ALA A 104 -24.15 8.65 37.27
N THR A 105 -24.72 8.11 38.36
CA THR A 105 -24.63 6.67 38.66
C THR A 105 -23.20 6.17 38.71
N LEU A 106 -22.27 7.02 39.14
CA LEU A 106 -20.86 6.64 39.20
C LEU A 106 -20.15 7.06 40.47
N THR A 107 -20.71 7.95 41.30
CA THR A 107 -20.05 8.44 42.50
C THR A 107 -20.72 7.97 43.78
N LYS A 108 -22.02 8.22 43.93
CA LYS A 108 -22.70 7.86 45.16
C LYS A 108 -22.99 6.36 45.26
N VAL A 109 -23.08 5.68 44.12
CA VAL A 109 -23.44 4.26 44.13
C VAL A 109 -22.33 3.43 44.78
N ASP A 110 -22.66 2.20 45.13
CA ASP A 110 -21.70 1.27 45.71
C ASP A 110 -20.51 1.06 44.77
N MET A 111 -19.44 0.50 45.31
CA MET A 111 -18.17 0.43 44.58
C MET A 111 -18.32 -0.52 43.39
N ASN A 112 -18.54 -1.80 43.67
CA ASN A 112 -18.75 -2.78 42.60
C ASN A 112 -20.20 -2.82 42.14
N ALA A 113 -20.78 -1.67 41.94
CA ALA A 113 -21.93 -1.39 41.08
C ALA A 113 -21.65 -0.22 40.16
N ALA A 114 -20.94 0.81 40.66
CA ALA A 114 -20.46 1.86 39.78
C ALA A 114 -19.43 1.32 38.80
N TYR A 115 -18.53 0.43 39.27
CA TYR A 115 -17.59 -0.20 38.34
C TYR A 115 -18.32 -0.98 37.26
N ILE A 116 -19.34 -1.77 37.64
CA ILE A 116 -20.01 -2.62 36.67
C ILE A 116 -20.86 -1.79 35.72
N PHE A 117 -21.40 -0.66 36.17
CA PHE A 117 -22.15 0.21 35.28
C PHE A 117 -21.20 0.95 34.33
N ALA A 118 -20.00 1.29 34.79
CA ALA A 118 -19.05 2.01 33.95
C ALA A 118 -18.43 1.11 32.89
N LEU A 119 -18.05 -0.11 33.25
CA LEU A 119 -17.28 -0.95 32.35
C LEU A 119 -18.10 -1.96 31.58
N ARG A 120 -19.33 -2.24 31.99
CA ARG A 120 -20.20 -3.19 31.31
C ARG A 120 -21.55 -2.53 31.03
N PRO A 121 -21.58 -1.57 30.12
CA PRO A 121 -22.84 -0.89 29.82
C PRO A 121 -23.83 -1.82 29.14
N THR A 122 -25.11 -1.59 29.42
CA THR A 122 -26.19 -2.38 28.86
C THR A 122 -27.03 -1.52 27.93
N PHE A 123 -27.38 -2.08 26.78
CA PHE A 123 -28.20 -1.38 25.79
C PHE A 123 -29.59 -1.99 25.77
N PRO A 124 -30.61 -1.30 26.25
CA PRO A 124 -31.96 -1.86 26.22
C PRO A 124 -32.47 -1.99 24.79
N TYR A 125 -33.40 -2.93 24.60
CA TYR A 125 -34.11 -3.08 23.33
C TYR A 125 -35.31 -3.99 23.55
N SER A 126 -36.33 -3.80 22.70
CA SER A 126 -37.55 -4.60 22.73
C SER A 126 -37.61 -5.42 21.46
N TYR A 127 -37.72 -6.74 21.60
CA TYR A 127 -37.78 -7.64 20.46
C TYR A 127 -39.24 -7.91 20.10
N GLY A 128 -39.46 -8.86 19.21
CA GLY A 128 -40.79 -9.26 18.79
C GLY A 128 -40.75 -9.72 17.35
N TYR A 129 -41.65 -10.64 17.02
CA TYR A 129 -41.78 -11.13 15.65
C TYR A 129 -43.25 -11.32 15.32
N LYS A 130 -43.56 -11.26 14.03
CA LYS A 130 -44.92 -11.32 13.54
C LYS A 130 -45.12 -12.55 12.66
N GLN A 131 -46.37 -12.99 12.54
CA GLN A 131 -46.74 -14.09 11.68
C GLN A 131 -47.93 -13.69 10.83
N ARG A 132 -48.18 -14.46 9.78
CA ARG A 132 -49.19 -14.09 8.79
C ARG A 132 -50.60 -14.35 9.31
N PHE A 133 -50.93 -15.61 9.58
CA PHE A 133 -52.27 -16.01 10.01
C PHE A 133 -52.19 -16.43 11.47
N SER A 134 -52.37 -15.46 12.36
CA SER A 134 -52.35 -15.69 13.80
C SER A 134 -53.78 -15.65 14.33
N ASN A 135 -54.15 -16.69 15.08
CA ASN A 135 -55.47 -16.78 15.70
C ASN A 135 -55.26 -16.87 17.21
N ARG A 136 -55.53 -15.76 17.90
CA ARG A 136 -55.36 -15.66 19.35
C ARG A 136 -53.93 -16.00 19.75
N ARG A 137 -52.97 -15.34 19.11
CA ARG A 137 -51.55 -15.62 19.36
C ARG A 137 -51.07 -14.75 20.51
N LEU A 138 -50.67 -15.39 21.61
CA LEU A 138 -50.23 -14.68 22.80
C LEU A 138 -48.71 -14.55 22.78
N THR A 139 -48.23 -13.31 22.76
CA THR A 139 -46.81 -12.99 22.72
C THR A 139 -46.44 -12.15 23.93
N THR A 140 -45.13 -12.05 24.17
CA THR A 140 -44.58 -11.30 25.29
C THR A 140 -43.74 -10.15 24.75
N SER A 141 -44.11 -8.92 25.09
CA SER A 141 -43.33 -7.74 24.79
C SER A 141 -42.52 -7.38 26.04
N ALA A 142 -41.20 -7.55 25.96
CA ALA A 142 -40.33 -7.30 27.10
C ALA A 142 -39.14 -6.43 26.71
N VAL A 143 -38.17 -6.30 27.62
CA VAL A 143 -36.97 -5.50 27.40
C VAL A 143 -35.76 -6.34 27.73
N CYS A 144 -34.79 -6.38 26.81
CA CYS A 144 -33.53 -7.07 27.01
C CYS A 144 -32.39 -6.06 26.95
N TYR A 145 -31.17 -6.53 27.27
CA TYR A 145 -30.02 -5.65 27.45
C TYR A 145 -28.82 -6.31 26.80
N ALA A 146 -28.38 -5.77 25.65
CA ALA A 146 -27.46 -6.49 24.79
C ALA A 146 -26.08 -6.78 25.39
N ARG A 147 -25.24 -5.76 25.55
CA ARG A 147 -23.86 -5.91 26.03
C ARG A 147 -23.01 -6.84 25.15
N THR A 148 -21.79 -6.42 24.82
CA THR A 148 -20.82 -7.28 24.13
C THR A 148 -19.42 -6.96 24.60
N GLY A 149 -18.52 -7.91 24.34
CA GLY A 149 -17.11 -7.78 24.69
C GLY A 149 -16.68 -8.78 25.73
N LEU A 150 -15.57 -9.46 25.48
CA LEU A 150 -15.04 -10.38 26.47
C LEU A 150 -14.53 -9.61 27.68
N SER A 151 -14.95 -10.02 28.87
CA SER A 151 -14.49 -9.40 30.10
C SER A 151 -13.20 -10.01 30.62
N SER A 152 -12.89 -11.23 30.21
CA SER A 152 -11.66 -11.92 30.59
C SER A 152 -11.52 -13.11 29.64
N PHE A 153 -10.47 -13.90 29.84
CA PHE A 153 -10.21 -15.05 28.98
C PHE A 153 -9.90 -16.26 29.84
N LEU A 154 -10.59 -17.36 29.60
CA LEU A 154 -10.38 -18.59 30.33
C LEU A 154 -9.46 -19.51 29.54
N THR A 155 -8.34 -19.90 30.14
CA THR A 155 -7.42 -20.83 29.53
C THR A 155 -7.17 -22.00 30.47
N VAL A 156 -6.43 -23.00 29.97
CA VAL A 156 -6.01 -24.10 30.82
C VAL A 156 -4.93 -23.60 31.78
N ASN A 157 -4.86 -24.19 32.96
CA ASN A 157 -3.88 -23.76 33.93
C ASN A 157 -2.47 -24.17 33.49
N LYS A 158 -1.48 -23.52 34.09
CA LYS A 158 -0.09 -23.71 33.70
C LYS A 158 0.46 -25.09 34.04
N THR A 159 -0.27 -25.88 34.83
CA THR A 159 0.19 -27.20 35.27
C THR A 159 -0.88 -28.25 34.97
N TYR A 160 -1.38 -28.26 33.73
CA TYR A 160 -2.45 -29.18 33.34
C TYR A 160 -1.91 -30.52 32.87
N THR A 161 -1.08 -30.50 31.82
CA THR A 161 -0.64 -31.70 31.11
C THR A 161 -1.84 -32.49 30.62
N SER A 162 -1.64 -33.79 30.37
CA SER A 162 -2.70 -34.74 30.02
C SER A 162 -3.24 -34.52 28.60
N ASN A 163 -2.82 -33.43 27.96
CA ASN A 163 -3.12 -33.14 26.56
C ASN A 163 -4.54 -33.52 26.17
N SER A 164 -5.51 -33.01 26.93
CA SER A 164 -6.90 -33.33 26.67
C SER A 164 -7.74 -32.05 26.63
N PRO A 165 -8.79 -32.03 25.80
CA PRO A 165 -9.63 -30.84 25.73
C PRO A 165 -10.39 -30.60 27.03
N LEU A 166 -10.68 -29.32 27.28
CA LEU A 166 -11.44 -28.91 28.44
C LEU A 166 -12.67 -28.12 27.99
N LYS A 167 -13.72 -28.17 28.81
CA LYS A 167 -14.99 -27.51 28.49
C LYS A 167 -14.85 -26.02 28.74
N GLY A 168 -14.38 -25.30 27.72
CA GLY A 168 -14.23 -23.86 27.78
C GLY A 168 -12.83 -23.37 28.07
N GLY A 169 -11.84 -24.25 28.08
CA GLY A 169 -10.47 -23.84 28.37
C GLY A 169 -9.58 -23.79 27.15
N SER A 170 -9.23 -22.59 26.72
CA SER A 170 -8.34 -22.42 25.57
C SER A 170 -6.93 -22.86 25.92
N ARG A 171 -6.24 -23.44 24.94
CA ARG A 171 -4.85 -23.83 25.13
C ARG A 171 -3.91 -22.63 25.10
N GLY A 172 -4.37 -21.49 24.59
CA GLY A 172 -3.58 -20.28 24.55
C GLY A 172 -4.47 -19.08 24.32
N TRP A 173 -3.88 -17.90 24.41
CA TRP A 173 -4.63 -16.67 24.26
C TRP A 173 -3.92 -15.73 23.30
N PRO A 174 -4.66 -14.85 22.64
CA PRO A 174 -4.04 -13.90 21.71
C PRO A 174 -3.28 -12.81 22.44
N ILE A 175 -2.36 -12.18 21.70
CA ILE A 175 -1.57 -11.06 22.20
C ILE A 175 -1.69 -9.94 21.18
N PHE A 176 -2.46 -8.91 21.51
CA PHE A 176 -2.61 -7.74 20.66
C PHE A 176 -1.47 -6.78 20.97
N ASN A 177 -0.32 -7.01 20.32
CA ASN A 177 0.87 -6.22 20.58
C ASN A 177 0.76 -4.84 19.96
N VAL A 178 1.11 -3.82 20.74
CA VAL A 178 1.07 -2.43 20.30
C VAL A 178 2.49 -1.89 20.30
N GLY A 179 2.86 -1.23 19.20
CA GLY A 179 4.19 -0.69 19.03
C GLY A 179 4.29 0.75 19.49
N VAL A 180 5.37 1.40 19.07
CA VAL A 180 5.66 2.79 19.42
C VAL A 180 5.36 3.66 18.21
N SER A 181 4.53 4.69 18.41
CA SER A 181 4.18 5.57 17.32
C SER A 181 5.37 6.42 16.88
N PRO A 182 5.58 6.59 15.58
CA PRO A 182 6.57 7.57 15.13
C PRO A 182 6.10 9.00 15.29
N HIS A 183 4.82 9.22 15.56
CA HIS A 183 4.27 10.54 15.77
C HIS A 183 4.39 10.94 17.23
N VAL A 184 4.54 12.24 17.46
CA VAL A 184 4.71 12.80 18.80
C VAL A 184 3.49 13.63 19.13
N ALA A 185 2.88 13.37 20.28
CA ALA A 185 1.75 14.16 20.74
C ALA A 185 2.16 15.63 20.89
N GLU A 186 1.37 16.52 20.31
CA GLU A 186 1.75 17.92 20.27
C GLU A 186 1.55 18.56 21.64
N PRO A 187 2.59 19.08 22.27
CA PRO A 187 2.44 19.71 23.58
C PRO A 187 1.82 21.10 23.47
N HIS A 188 1.18 21.52 24.56
CA HIS A 188 0.52 22.81 24.63
C HIS A 188 1.22 23.69 25.66
N MET A 189 0.93 24.99 25.59
CA MET A 189 1.67 25.98 26.36
C MET A 189 1.45 25.79 27.85
N ARG A 190 2.44 26.22 28.64
CA ARG A 190 2.36 26.18 30.09
C ARG A 190 3.12 27.39 30.64
N THR A 191 2.79 27.73 31.89
CA THR A 191 3.42 28.85 32.56
C THR A 191 4.27 28.35 33.73
N LEU A 192 5.40 29.03 33.96
CA LEU A 192 6.35 28.61 34.97
C LEU A 192 5.89 29.04 36.36
N SER A 193 6.36 28.32 37.36
CA SER A 193 6.16 28.69 38.75
C SER A 193 7.04 29.89 39.08
N PRO A 194 6.78 30.56 40.21
CA PRO A 194 7.66 31.69 40.60
C PRO A 194 9.14 31.31 40.64
N ILE A 195 9.46 30.08 41.03
CA ILE A 195 10.85 29.63 40.97
C ILE A 195 11.27 29.42 39.51
N GLY A 196 10.39 28.86 38.69
CA GLY A 196 10.72 28.65 37.29
C GLY A 196 10.98 29.95 36.55
N LEU A 197 10.17 30.97 36.80
CA LEU A 197 10.41 32.29 36.21
C LEU A 197 11.76 32.84 36.61
N GLU A 198 12.23 32.54 37.82
CA GLU A 198 13.55 33.00 38.24
C GLU A 198 14.65 32.26 37.49
N VAL A 199 14.45 30.97 37.23
CA VAL A 199 15.40 30.24 36.38
C VAL A 199 15.42 30.84 34.98
N PHE A 200 14.25 31.23 34.48
CA PHE A 200 14.18 31.92 33.19
C PHE A 200 14.98 33.21 33.23
N SER A 201 14.85 33.98 34.31
CA SER A 201 15.63 35.21 34.46
C SER A 201 17.12 34.92 34.50
N GLN A 202 17.51 33.84 35.18
CA GLN A 202 18.93 33.44 35.21
C GLN A 202 19.43 33.12 33.81
N ASN A 203 18.64 32.37 33.03
CA ASN A 203 19.08 31.97 31.70
C ASN A 203 18.96 33.10 30.68
N LEU A 204 18.21 34.15 30.99
CA LEU A 204 17.94 35.22 30.04
C LEU A 204 18.81 36.46 30.24
N ALA A 205 19.32 36.69 31.44
CA ALA A 205 20.04 37.92 31.76
C ALA A 205 21.34 37.62 32.46
N THR A 206 22.25 38.58 32.40
CA THR A 206 23.51 38.47 33.13
C THR A 206 23.25 38.45 34.63
N PHE A 207 24.12 37.74 35.34
CA PHE A 207 23.85 37.44 36.75
C PHE A 207 23.80 38.70 37.60
N SER A 208 22.81 38.76 38.48
CA SER A 208 22.69 39.81 39.48
C SER A 208 22.01 39.21 40.70
N LYS A 209 22.33 39.76 41.88
CA LYS A 209 21.71 39.28 43.11
C LYS A 209 20.22 39.58 43.16
N THR A 210 19.75 40.56 42.39
CA THR A 210 18.32 40.86 42.32
C THR A 210 17.56 39.83 41.49
N LEU A 211 18.25 39.09 40.62
CA LEU A 211 17.58 38.04 39.85
C LEU A 211 17.09 36.91 40.75
N LEU A 212 17.83 36.61 41.82
CA LEU A 212 17.43 35.56 42.76
C LEU A 212 16.27 36.06 43.62
N THR A 213 15.03 35.83 43.16
CA THR A 213 13.85 36.41 43.78
C THR A 213 12.94 35.42 44.47
N ALA A 214 13.03 34.13 44.15
CA ALA A 214 12.09 33.14 44.67
C ALA A 214 12.72 32.08 45.56
N SER A 215 14.02 31.83 45.42
CA SER A 215 14.66 30.77 46.19
C SER A 215 14.78 31.17 47.67
N SER A 216 14.83 30.15 48.52
CA SER A 216 14.98 30.36 49.95
C SER A 216 15.60 29.13 50.58
N LYS A 217 16.19 29.32 51.75
CA LYS A 217 16.77 28.23 52.52
C LYS A 217 16.03 27.99 53.83
N VAL A 218 14.84 28.57 54.00
CA VAL A 218 14.06 28.38 55.21
C VAL A 218 13.66 26.91 55.36
N PHE A 219 13.23 26.29 54.28
CA PHE A 219 12.84 24.89 54.26
C PHE A 219 14.02 24.06 53.76
N THR A 220 14.47 23.10 54.57
CA THR A 220 15.64 22.31 54.26
C THR A 220 15.29 21.09 53.42
N GLN A 221 16.15 20.78 52.46
CA GLN A 221 15.97 19.65 51.56
C GLN A 221 14.61 19.70 50.86
N SER A 222 14.25 20.88 50.39
CA SER A 222 13.01 21.12 49.68
C SER A 222 13.31 21.41 48.21
N LEU A 223 12.25 21.72 47.46
CA LEU A 223 12.34 22.02 46.04
C LEU A 223 12.50 23.51 45.77
N TYR A 224 13.03 24.28 46.73
CA TYR A 224 13.08 25.73 46.61
C TYR A 224 14.43 26.32 46.94
N THR A 225 15.49 25.51 47.07
CA THR A 225 16.83 26.02 47.33
C THR A 225 17.53 26.34 46.01
N ALA A 226 18.83 26.61 46.09
CA ALA A 226 19.61 27.01 44.92
C ALA A 226 20.12 25.84 44.11
N ASP A 227 20.34 24.67 44.74
CA ASP A 227 20.75 23.49 43.98
C ASP A 227 19.66 23.00 43.05
N ILE A 228 18.38 23.07 43.45
CA ILE A 228 17.30 22.79 42.54
C ILE A 228 17.31 23.78 41.38
N LEU A 229 17.68 25.03 41.66
CA LEU A 229 17.80 26.03 40.59
C LEU A 229 18.87 25.63 39.60
N SER A 230 20.02 25.16 40.11
CA SER A 230 21.09 24.67 39.24
C SER A 230 20.63 23.48 38.42
N ILE A 231 19.87 22.56 39.04
CA ILE A 231 19.33 21.43 38.30
C ILE A 231 18.45 21.91 37.15
N PHE A 232 17.54 22.84 37.43
CA PHE A 232 16.65 23.35 36.39
C PHE A 232 17.42 24.04 35.28
N GLY A 233 18.42 24.84 35.64
CA GLY A 233 19.23 25.50 34.64
C GLY A 233 20.17 24.61 33.87
N GLU A 234 20.50 23.43 34.41
CA GLU A 234 21.45 22.52 33.78
C GLU A 234 20.78 21.48 32.89
N VAL A 235 19.81 20.73 33.40
CA VAL A 235 19.26 19.59 32.67
C VAL A 235 17.86 19.86 32.14
N PHE A 236 17.34 21.08 32.26
CA PHE A 236 16.00 21.36 31.75
C PHE A 236 15.93 22.73 31.08
N LEU A 237 17.03 23.19 30.49
CA LEU A 237 17.02 24.48 29.79
C LEU A 237 15.97 24.56 28.68
N PRO A 238 15.79 23.55 27.81
CA PRO A 238 14.76 23.67 26.78
C PRO A 238 13.37 23.95 27.33
N HIS A 239 13.01 23.31 28.45
CA HIS A 239 11.69 23.49 29.03
C HIS A 239 11.57 24.79 29.80
N VAL A 240 12.69 25.35 30.27
CA VAL A 240 12.66 26.72 30.79
C VAL A 240 12.40 27.70 29.66
N MET A 241 13.07 27.51 28.52
CA MET A 241 12.90 28.44 27.41
C MET A 241 11.53 28.30 26.77
N GLN A 242 11.06 27.07 26.60
CA GLN A 242 9.75 26.79 25.98
C GLN A 242 8.95 25.89 26.92
N PRO A 243 8.29 26.48 27.92
CA PRO A 243 7.46 25.67 28.84
C PRO A 243 6.30 25.04 28.07
N VAL A 244 6.30 23.71 28.02
CA VAL A 244 5.36 22.98 27.18
C VAL A 244 5.25 21.57 27.76
N SER A 245 4.08 20.96 27.59
CA SER A 245 3.84 19.62 28.12
C SER A 245 2.67 18.97 27.40
N ASN A 246 2.60 17.65 27.50
CA ASN A 246 1.51 16.86 26.94
C ASN A 246 1.45 15.54 27.69
N TYR A 247 0.24 15.10 28.05
CA TYR A 247 0.07 13.98 28.95
C TYR A 247 -0.90 12.91 28.45
N THR A 248 -1.28 12.94 27.17
CA THR A 248 -2.24 11.96 26.67
C THR A 248 -1.69 10.52 26.63
N PRO A 249 -0.41 10.28 26.36
CA PRO A 249 0.07 8.88 26.38
C PRO A 249 -0.14 8.18 27.73
N ILE A 250 0.26 8.82 28.82
CA ILE A 250 0.12 8.18 30.14
C ILE A 250 -1.35 8.02 30.50
N LEU A 251 -2.21 8.97 30.11
CA LEU A 251 -3.64 8.82 30.35
C LEU A 251 -4.22 7.65 29.56
N VAL A 252 -3.77 7.47 28.31
CA VAL A 252 -4.21 6.32 27.51
C VAL A 252 -3.81 5.03 28.20
N ARG A 253 -2.55 4.96 28.65
CA ARG A 253 -2.09 3.75 29.31
C ARG A 253 -2.83 3.50 30.62
N ALA A 254 -3.17 4.56 31.36
CA ALA A 254 -3.93 4.39 32.59
C ALA A 254 -5.34 3.85 32.32
N LEU A 255 -6.01 4.44 31.32
CA LEU A 255 -7.35 3.95 30.96
C LEU A 255 -7.30 2.50 30.52
N LEU A 256 -6.33 2.15 29.67
CA LEU A 256 -6.22 0.78 29.20
C LEU A 256 -5.90 -0.18 30.34
N ALA A 257 -5.02 0.24 31.26
CA ALA A 257 -4.68 -0.60 32.40
C ALA A 257 -5.91 -0.88 33.26
N LEU A 258 -6.66 0.17 33.59
CA LEU A 258 -7.86 -0.02 34.41
C LEU A 258 -8.86 -0.93 33.70
N ILE A 259 -9.11 -0.66 32.41
CA ILE A 259 -10.12 -1.41 31.68
C ILE A 259 -9.73 -2.87 31.54
N HIS A 260 -8.45 -3.14 31.24
CA HIS A 260 -8.02 -4.52 31.05
C HIS A 260 -7.95 -5.27 32.38
N ILE A 261 -7.55 -4.59 33.46
CA ILE A 261 -7.49 -5.25 34.76
C ILE A 261 -8.89 -5.63 35.22
N LEU A 262 -9.85 -4.71 35.08
CA LEU A 262 -11.20 -5.00 35.56
C LEU A 262 -12.00 -5.81 34.54
N GLY A 263 -11.88 -5.48 33.26
CA GLY A 263 -12.55 -6.21 32.22
C GLY A 263 -13.86 -5.59 31.80
N PRO A 264 -13.92 -5.07 30.57
CA PRO A 264 -15.17 -4.48 30.06
C PRO A 264 -16.00 -5.50 29.29
N GLY A 265 -17.21 -5.10 28.89
CA GLY A 265 -17.98 -5.92 27.99
C GLY A 265 -19.27 -6.47 28.54
N SER A 266 -19.53 -7.76 28.29
CA SER A 266 -20.78 -8.40 28.66
C SER A 266 -20.63 -9.42 29.78
N GLY A 267 -19.41 -9.76 30.17
CA GLY A 267 -19.17 -10.77 31.18
C GLY A 267 -18.74 -12.12 30.64
N ASN A 268 -18.91 -12.34 29.34
CA ASN A 268 -18.42 -13.57 28.73
C ASN A 268 -16.90 -13.64 28.84
N CYS A 269 -16.38 -14.78 29.29
CA CYS A 269 -14.97 -14.88 29.65
C CYS A 269 -14.33 -16.14 29.07
N SER A 270 -14.76 -16.58 27.89
CA SER A 270 -14.18 -17.75 27.26
C SER A 270 -14.54 -17.75 25.79
N LEU A 271 -13.92 -18.69 25.05
CA LEU A 271 -14.26 -18.90 23.66
C LEU A 271 -15.67 -19.48 23.49
N SER A 272 -16.27 -19.99 24.55
CA SER A 272 -17.63 -20.51 24.53
C SER A 272 -18.58 -19.43 25.03
N SER A 273 -19.68 -19.23 24.31
CA SER A 273 -20.64 -18.18 24.64
C SER A 273 -21.55 -18.57 25.81
N SER A 274 -21.26 -19.64 26.52
CA SER A 274 -22.05 -20.06 27.67
C SER A 274 -21.42 -19.66 29.00
N ILE A 275 -20.10 -19.66 29.09
CA ILE A 275 -19.42 -19.31 30.34
C ILE A 275 -19.34 -17.79 30.45
N PHE A 276 -19.73 -17.26 31.61
CA PHE A 276 -19.73 -15.84 31.88
C PHE A 276 -18.98 -15.57 33.18
N GLU A 277 -18.77 -14.29 33.47
CA GLU A 277 -18.14 -13.84 34.70
C GLU A 277 -19.22 -13.25 35.59
N SER A 278 -19.32 -13.76 36.82
CA SER A 278 -20.41 -13.35 37.70
C SER A 278 -20.35 -11.86 38.01
N SER A 279 -19.17 -11.34 38.31
CA SER A 279 -19.00 -9.94 38.62
C SER A 279 -17.54 -9.57 38.45
N ILE A 280 -17.22 -8.31 38.70
CA ILE A 280 -15.83 -7.84 38.66
C ILE A 280 -15.06 -8.50 39.79
N PRO A 281 -13.88 -9.08 39.52
CA PRO A 281 -13.15 -9.78 40.58
C PRO A 281 -12.67 -8.84 41.67
N GLN A 282 -12.54 -9.40 42.87
CA GLN A 282 -12.06 -8.67 44.03
C GLN A 282 -10.65 -9.04 44.43
N PHE A 283 -10.11 -10.15 43.92
CA PHE A 283 -8.77 -10.61 44.28
C PHE A 283 -8.03 -11.03 43.04
N PHE A 284 -6.80 -10.53 42.89
CA PHE A 284 -5.92 -10.89 41.79
C PHE A 284 -4.65 -11.55 42.32
N THR A 285 -4.01 -12.31 41.44
CA THR A 285 -2.71 -12.90 41.70
C THR A 285 -1.73 -12.44 40.63
N VAL A 286 -0.52 -12.11 41.06
CA VAL A 286 0.54 -11.65 40.17
C VAL A 286 1.43 -12.84 39.84
N SER A 287 1.67 -13.05 38.55
CA SER A 287 2.51 -14.13 38.06
C SER A 287 3.62 -13.56 37.17
N HIS A 288 4.79 -14.18 37.27
CA HIS A 288 5.97 -13.76 36.52
C HIS A 288 6.34 -14.81 35.49
N SER A 289 6.75 -14.35 34.31
CA SER A 289 7.13 -15.26 33.23
C SER A 289 8.15 -14.55 32.36
N THR A 290 9.41 -14.97 32.46
CA THR A 290 10.48 -14.28 31.74
C THR A 290 10.31 -14.39 30.23
N ASN A 291 9.85 -15.55 29.75
CA ASN A 291 9.80 -15.80 28.32
C ASN A 291 8.84 -14.87 27.60
N MET A 292 7.71 -14.55 28.22
CA MET A 292 6.64 -13.80 27.56
C MET A 292 6.25 -12.56 28.34
N SER A 293 7.22 -11.84 28.87
CA SER A 293 6.98 -10.57 29.55
C SER A 293 7.72 -9.46 28.82
N ASN A 294 7.02 -8.37 28.53
CA ASN A 294 7.62 -7.20 27.92
C ASN A 294 8.19 -6.35 29.06
N ARG A 295 9.36 -6.74 29.53
CA ARG A 295 10.00 -6.09 30.67
C ARG A 295 10.90 -4.96 30.21
N THR A 296 11.16 -4.03 31.13
CA THR A 296 12.03 -2.90 30.89
C THR A 296 13.01 -2.76 32.04
N ARG A 297 14.15 -2.16 31.76
CA ARG A 297 15.24 -2.06 32.72
C ARG A 297 15.14 -0.77 33.52
N TYR A 298 15.38 -0.88 34.82
CA TYR A 298 15.34 0.26 35.73
C TYR A 298 16.67 0.41 36.43
N CYS A 299 17.15 1.65 36.53
CA CYS A 299 18.30 1.99 37.35
C CYS A 299 17.85 3.04 38.37
N LEU A 300 18.40 2.96 39.58
CA LEU A 300 18.02 3.86 40.65
C LEU A 300 19.24 4.65 41.11
N HIS A 301 19.12 5.97 41.13
CA HIS A 301 20.21 6.83 41.56
C HIS A 301 19.65 7.95 42.43
N THR A 302 20.53 8.49 43.27
CA THR A 302 20.31 9.80 43.86
C THR A 302 20.84 10.85 42.91
N TRP A 303 20.39 12.10 43.09
CA TRP A 303 20.78 13.15 42.17
C TRP A 303 22.28 13.39 42.20
N SER A 304 22.89 13.30 43.38
CA SER A 304 24.33 13.54 43.50
C SER A 304 25.13 12.49 42.72
N ALA A 305 24.82 11.21 42.94
CA ALA A 305 25.55 10.16 42.24
C ALA A 305 25.25 10.16 40.75
N TYR A 306 24.01 10.43 40.37
CA TYR A 306 23.64 10.49 38.96
C TYR A 306 24.41 11.61 38.25
N LYS A 307 24.52 12.78 38.89
CA LYS A 307 25.32 13.84 38.31
C LYS A 307 26.80 13.50 38.30
N ASP A 308 27.30 12.83 39.35
CA ASP A 308 28.70 12.48 39.42
C ASP A 308 29.12 11.48 38.35
N MET A 309 28.21 10.60 37.93
CA MET A 309 28.55 9.62 36.90
C MET A 309 28.73 10.24 35.52
N PHE A 310 28.48 11.55 35.37
CA PHE A 310 28.68 12.25 34.11
C PHE A 310 29.81 13.27 34.19
N ARG A 311 30.83 13.00 35.01
CA ARG A 311 31.92 13.94 35.21
C ARG A 311 33.16 13.59 34.38
N ASN A 312 33.57 12.33 34.38
CA ASN A 312 34.72 11.90 33.59
C ASN A 312 34.26 11.40 32.22
N GLY A 313 33.68 12.33 31.46
CA GLY A 313 33.17 12.02 30.13
C GLY A 313 31.76 11.50 30.15
N ILE A 314 31.28 11.17 28.95
CA ILE A 314 29.92 10.70 28.74
C ILE A 314 29.94 9.17 28.66
N PRO A 315 29.27 8.47 29.56
CA PRO A 315 29.21 7.01 29.47
C PRO A 315 28.22 6.57 28.41
N PRO A 316 28.30 5.32 27.95
CA PRO A 316 27.31 4.83 26.97
C PRO A 316 25.92 4.79 27.57
N GLN A 317 24.92 4.96 26.69
CA GLN A 317 23.51 5.01 27.09
C GLN A 317 23.27 6.12 28.10
N SER A 318 23.66 7.33 27.72
CA SER A 318 23.55 8.48 28.59
C SER A 318 22.19 9.15 28.43
N THR A 319 21.54 9.44 29.56
CA THR A 319 20.25 10.13 29.58
C THR A 319 20.38 11.60 29.95
N LEU A 320 21.61 12.12 30.01
CA LEU A 320 21.81 13.51 30.42
C LEU A 320 21.14 14.53 29.51
N PRO A 321 21.26 14.47 28.18
CA PRO A 321 20.66 15.51 27.36
C PRO A 321 19.15 15.48 27.48
N PRO A 322 18.51 16.64 27.42
CA PRO A 322 17.04 16.69 27.49
C PRO A 322 16.40 16.13 26.23
N THR A 323 15.11 15.88 26.33
CA THR A 323 14.35 15.28 25.24
C THR A 323 13.14 16.16 24.92
N LEU A 324 12.97 16.46 23.63
CA LEU A 324 11.78 17.14 23.13
C LEU A 324 10.85 16.21 22.36
N ALA A 325 11.41 15.36 21.51
CA ALA A 325 10.67 14.27 20.90
C ALA A 325 11.07 12.97 21.57
N PRO A 326 10.19 12.33 22.34
CA PRO A 326 10.59 11.14 23.10
C PRO A 326 11.05 10.00 22.20
N GLU A 327 12.07 9.28 22.66
CA GLU A 327 12.57 8.11 21.98
C GLU A 327 12.48 6.92 22.92
N GLY A 328 12.26 5.74 22.34
CA GLY A 328 12.00 4.53 23.11
C GLY A 328 12.97 4.24 24.24
N SER A 329 14.21 3.94 23.92
CA SER A 329 15.17 3.54 24.93
C SER A 329 15.80 4.76 25.61
N SER A 330 16.43 4.51 26.76
CA SER A 330 17.28 5.48 27.46
C SER A 330 16.50 6.75 27.83
N ALA A 331 15.53 6.55 28.72
CA ALA A 331 14.79 7.65 29.32
C ALA A 331 15.21 7.83 30.77
N ARG A 332 14.74 8.92 31.38
CA ARG A 332 15.04 9.20 32.78
C ARG A 332 13.94 10.09 33.35
N VAL A 333 13.73 9.96 34.66
CA VAL A 333 12.69 10.71 35.36
C VAL A 333 13.26 11.21 36.68
N LEU A 334 12.92 12.44 37.05
CA LEU A 334 13.33 13.04 38.32
C LEU A 334 12.18 12.92 39.32
N ILE A 335 12.40 12.16 40.38
CA ILE A 335 11.39 11.85 41.38
C ILE A 335 11.79 12.48 42.72
N PRO A 336 10.99 13.40 43.25
CA PRO A 336 11.27 13.91 44.60
C PRO A 336 11.10 12.80 45.65
N ALA A 337 11.84 12.93 46.74
CA ALA A 337 11.81 11.91 47.78
C ALA A 337 10.43 11.80 48.41
N ALA A 338 9.76 12.93 48.62
CA ALA A 338 8.44 12.93 49.24
C ALA A 338 7.38 12.25 48.37
N LEU A 339 7.66 12.01 47.09
CA LEU A 339 6.70 11.39 46.19
C LEU A 339 7.05 9.94 45.85
N VAL A 340 8.22 9.44 46.26
CA VAL A 340 8.53 8.03 46.06
C VAL A 340 7.57 7.16 46.87
N THR A 341 7.28 7.58 48.10
CA THR A 341 6.41 6.81 48.99
C THR A 341 4.95 6.84 48.57
N SER A 342 4.59 7.68 47.60
CA SER A 342 3.21 7.76 47.15
C SER A 342 2.79 6.43 46.53
N PRO A 343 1.55 5.98 46.75
CA PRO A 343 1.10 4.74 46.09
C PRO A 343 1.02 4.85 44.58
N MET A 344 1.01 6.06 44.03
CA MET A 344 0.94 6.25 42.59
C MET A 344 2.28 6.03 41.90
N PHE A 345 3.38 5.96 42.65
CA PHE A 345 4.70 5.86 42.01
C PHE A 345 4.89 4.56 41.23
N PRO A 346 4.57 3.38 41.75
CA PRO A 346 4.73 2.16 40.93
C PRO A 346 3.86 2.18 39.67
N TRP A 347 2.67 2.76 39.74
CA TRP A 347 1.83 2.87 38.55
C TRP A 347 2.33 3.94 37.59
N LEU A 348 3.06 4.94 38.09
CA LEU A 348 3.65 5.95 37.23
C LEU A 348 4.90 5.43 36.52
N LEU A 349 5.66 4.54 37.18
CA LEU A 349 6.73 3.85 36.47
C LEU A 349 6.16 2.94 35.40
N ALA A 350 5.05 2.27 35.70
CA ALA A 350 4.23 1.67 34.66
C ALA A 350 3.51 2.76 33.87
N LEU A 351 2.80 2.35 32.82
CA LEU A 351 2.00 3.25 31.98
C LEU A 351 2.89 4.15 31.15
N VAL A 352 4.20 4.10 31.40
CA VAL A 352 5.19 4.71 30.53
C VAL A 352 6.26 3.71 30.10
N SER A 353 6.46 2.64 30.85
CA SER A 353 7.34 1.55 30.48
C SER A 353 6.63 0.61 29.51
N SER A 354 7.35 -0.39 29.02
CA SER A 354 6.76 -1.41 28.15
C SER A 354 6.09 -2.46 29.02
N GLY A 355 4.92 -2.92 28.56
CA GLY A 355 4.15 -3.90 29.30
C GLY A 355 3.65 -5.02 28.43
N PRO A 356 3.14 -6.09 29.07
CA PRO A 356 3.01 -6.28 30.51
C PRO A 356 4.24 -6.92 31.14
N GLN A 357 4.77 -6.32 32.21
CA GLN A 357 5.91 -6.90 32.92
C GLN A 357 5.49 -7.98 33.90
N PHE A 358 4.19 -8.11 34.16
CA PHE A 358 3.67 -9.18 35.01
C PHE A 358 2.27 -9.53 34.53
N PHE A 359 1.83 -10.75 34.87
CA PHE A 359 0.53 -11.24 34.48
C PHE A 359 -0.42 -11.21 35.67
N LEU A 360 -1.67 -10.84 35.41
CA LEU A 360 -2.69 -10.73 36.44
C LEU A 360 -3.74 -11.82 36.21
N TYR A 361 -3.93 -12.66 37.21
CA TYR A 361 -4.94 -13.72 37.18
C TYR A 361 -5.98 -13.45 38.26
N SER A 362 -7.13 -14.09 38.12
CA SER A 362 -8.14 -14.11 39.17
C SER A 362 -7.72 -15.12 40.23
N LYS A 363 -7.88 -14.75 41.50
CA LYS A 363 -7.43 -15.62 42.59
C LYS A 363 -8.15 -16.96 42.54
N ASP A 364 -9.47 -16.94 42.35
CA ASP A 364 -10.26 -18.15 42.24
C ASP A 364 -11.13 -18.06 41.00
N ALA A 365 -11.06 -19.08 40.15
CA ALA A 365 -11.89 -19.15 38.95
C ALA A 365 -13.17 -19.94 39.18
N SER A 366 -13.40 -20.44 40.40
CA SER A 366 -14.59 -21.21 40.71
C SER A 366 -15.73 -20.37 41.27
N ILE A 367 -15.43 -19.36 42.08
CA ILE A 367 -16.45 -18.50 42.65
C ILE A 367 -16.70 -17.25 41.80
N ASN A 368 -16.03 -17.13 40.65
CA ASN A 368 -16.20 -15.99 39.77
C ASN A 368 -16.78 -16.34 38.41
N THR A 369 -16.46 -17.51 37.86
CA THR A 369 -16.99 -17.94 36.57
C THR A 369 -18.28 -18.72 36.78
N VAL A 370 -19.24 -18.51 35.87
CA VAL A 370 -20.55 -19.13 35.95
C VAL A 370 -20.93 -19.67 34.57
N ASP A 371 -21.93 -20.54 34.55
CA ASP A 371 -22.44 -21.12 33.31
C ASP A 371 -23.89 -20.73 33.12
N ILE A 372 -24.26 -20.44 31.87
CA ILE A 372 -25.60 -20.01 31.52
C ILE A 372 -26.15 -20.98 30.48
N GLY A 373 -27.38 -21.47 30.71
CA GLY A 373 -28.02 -22.38 29.79
C GLY A 373 -28.75 -21.67 28.67
N SER A 374 -29.20 -22.46 27.71
CA SER A 374 -29.99 -21.91 26.61
C SER A 374 -31.33 -21.37 27.09
N ARG A 375 -31.89 -21.98 28.12
CA ARG A 375 -33.17 -21.55 28.69
C ARG A 375 -32.99 -20.56 29.85
N GLY A 376 -31.77 -20.36 30.32
CA GLY A 376 -31.51 -19.41 31.38
C GLY A 376 -31.17 -20.03 32.72
N ARG A 377 -30.69 -21.26 32.71
CA ARG A 377 -30.31 -21.96 33.93
C ARG A 377 -28.87 -21.59 34.30
N ILE A 378 -28.66 -21.18 35.54
CA ILE A 378 -27.38 -20.68 36.00
C ILE A 378 -26.73 -21.75 36.87
N THR A 379 -25.63 -22.32 36.38
CA THR A 379 -24.83 -23.27 37.15
C THR A 379 -23.50 -22.61 37.49
N SER A 380 -23.20 -22.53 38.80
CA SER A 380 -22.06 -21.73 39.24
C SER A 380 -20.73 -22.41 38.94
N PRO A 381 -20.46 -23.65 39.43
CA PRO A 381 -19.16 -24.28 39.13
C PRO A 381 -19.16 -24.90 37.75
N ILE A 382 -18.38 -24.31 36.84
CA ILE A 382 -18.29 -24.86 35.49
C ILE A 382 -17.54 -26.19 35.59
N PRO A 383 -17.70 -27.11 34.64
CA PRO A 383 -17.27 -28.50 34.90
C PRO A 383 -15.80 -28.66 35.26
N ASP A 384 -14.92 -27.80 34.76
CA ASP A 384 -13.49 -28.00 34.94
C ASP A 384 -12.82 -26.85 35.67
N VAL A 385 -13.39 -26.43 36.81
CA VAL A 385 -12.84 -25.31 37.58
C VAL A 385 -11.38 -25.57 37.96
N ALA A 386 -11.01 -26.83 38.21
CA ALA A 386 -9.71 -27.13 38.79
C ALA A 386 -8.57 -26.73 37.87
N ASN A 387 -8.70 -27.01 36.57
CA ASN A 387 -7.61 -26.85 35.62
C ASN A 387 -7.81 -25.65 34.69
N LEU A 388 -8.35 -24.55 35.23
CA LEU A 388 -8.59 -23.36 34.43
C LEU A 388 -8.07 -22.13 35.15
N ASP A 389 -7.46 -21.23 34.39
CA ASP A 389 -7.08 -19.90 34.84
C ASP A 389 -7.88 -18.83 34.11
N LEU A 390 -8.17 -17.75 34.82
CA LEU A 390 -8.96 -16.64 34.32
C LEU A 390 -8.03 -15.44 34.10
N HIS A 391 -7.41 -15.39 32.93
CA HIS A 391 -6.61 -14.24 32.56
C HIS A 391 -7.50 -13.00 32.46
N ARG A 392 -7.02 -11.89 33.01
CA ARG A 392 -7.63 -10.61 32.69
C ARG A 392 -7.19 -10.19 31.29
N LEU A 393 -7.87 -9.17 30.76
CA LEU A 393 -7.45 -8.62 29.48
C LEU A 393 -6.08 -7.95 29.57
N TRP A 394 -5.58 -7.72 30.79
CA TRP A 394 -4.24 -7.20 30.99
C TRP A 394 -3.18 -8.11 30.36
N ASN A 395 -3.41 -9.43 30.36
CA ASN A 395 -2.47 -10.37 29.81
C ASN A 395 -2.62 -10.59 28.31
N LEU A 396 -3.69 -10.07 27.70
CA LEU A 396 -3.93 -10.23 26.27
C LEU A 396 -3.40 -9.06 25.45
N PHE A 397 -2.73 -8.10 26.08
CA PHE A 397 -2.24 -6.91 25.40
C PHE A 397 -0.75 -6.74 25.66
N ARG A 398 -0.04 -6.26 24.64
CA ARG A 398 1.39 -5.98 24.73
C ARG A 398 1.62 -4.54 24.32
N PHE A 399 2.33 -3.79 25.15
CA PHE A 399 2.61 -2.38 24.89
C PHE A 399 4.11 -2.14 24.92
N ASP A 400 4.60 -1.37 23.96
CA ASP A 400 6.00 -0.98 23.89
C ASP A 400 6.14 0.45 24.35
N GLY A 401 6.91 0.67 25.42
CA GLY A 401 7.17 1.99 25.95
C GLY A 401 8.67 2.21 26.09
N HIS A 402 9.05 2.90 27.16
CA HIS A 402 10.46 3.09 27.46
C HIS A 402 11.07 1.79 27.94
N ARG A 403 12.23 1.44 27.39
CA ARG A 403 12.89 0.17 27.71
C ARG A 403 13.95 0.30 28.80
N TYR A 404 14.40 1.52 29.10
CA TYR A 404 15.40 1.74 30.14
C TYR A 404 15.12 3.09 30.79
N ILE A 405 14.92 3.08 32.11
CA ILE A 405 14.55 4.28 32.85
C ILE A 405 15.53 4.49 33.99
N ASP A 406 16.07 5.70 34.07
CA ASP A 406 16.92 6.13 35.18
C ASP A 406 16.05 6.91 36.16
N VAL A 407 15.66 6.25 37.26
CA VAL A 407 14.89 6.89 38.31
C VAL A 407 15.87 7.60 39.23
N VAL A 408 15.84 8.93 39.21
CA VAL A 408 16.78 9.75 39.97
C VAL A 408 16.00 10.49 41.03
N ILE A 409 16.37 10.28 42.29
CA ILE A 409 15.65 10.83 43.44
C ILE A 409 16.36 12.09 43.90
N VAL A 410 15.59 13.16 44.09
CA VAL A 410 16.11 14.49 44.41
C VAL A 410 15.74 14.83 45.85
N GLY A 411 16.71 15.31 46.61
CA GLY A 411 16.50 15.67 47.99
C GLY A 411 16.73 14.49 48.92
N VAL A 412 17.82 13.77 48.69
CA VAL A 412 18.09 12.51 49.38
C VAL A 412 19.56 12.45 49.75
N ASP A 413 19.84 12.01 50.97
CA ASP A 413 21.20 11.86 51.47
C ASP A 413 21.75 10.48 51.10
N ARG A 414 22.94 10.18 51.61
CA ARG A 414 23.66 8.98 51.18
C ARG A 414 23.27 7.72 51.97
N ASP A 415 22.13 7.73 52.66
CA ASP A 415 21.62 6.55 53.37
C ASP A 415 20.12 6.39 53.11
N TYR A 416 19.73 6.47 51.83
CA TYR A 416 18.31 6.59 51.50
C TYR A 416 17.53 5.33 51.88
N VAL A 417 18.03 4.16 51.47
CA VAL A 417 17.33 2.87 51.62
C VAL A 417 16.10 2.85 50.71
N TRP A 418 16.08 1.93 49.76
CA TRP A 418 14.93 1.80 48.87
C TRP A 418 13.73 1.30 49.66
N PRO A 419 12.58 1.98 49.60
CA PRO A 419 11.49 1.66 50.54
C PRO A 419 10.74 0.38 50.21
N TYR A 420 10.66 0.00 48.94
CA TYR A 420 9.70 -1.03 48.52
C TYR A 420 10.27 -2.45 48.63
N GLN A 421 11.35 -2.73 47.91
CA GLN A 421 11.89 -4.08 47.83
C GLN A 421 13.16 -4.21 48.66
N ASN A 422 13.21 -5.26 49.48
CA ASN A 422 14.43 -5.56 50.22
C ASN A 422 15.50 -6.11 49.28
N GLY A 423 16.75 -5.74 49.55
CA GLY A 423 17.85 -6.16 48.72
C GLY A 423 18.10 -5.31 47.50
N VAL A 424 17.37 -4.20 47.35
CA VAL A 424 17.56 -3.28 46.23
C VAL A 424 18.15 -2.00 46.81
N TYR A 425 19.31 -1.59 46.28
CA TYR A 425 20.07 -0.48 46.81
C TYR A 425 20.18 0.62 45.76
N VAL A 426 19.89 1.85 46.17
CA VAL A 426 19.96 2.99 45.27
C VAL A 426 21.41 3.41 45.10
N HIS A 427 21.81 3.68 43.85
CA HIS A 427 23.15 4.19 43.59
C HIS A 427 23.33 5.54 44.26
N GLY A 428 24.36 5.63 45.11
CA GLY A 428 24.57 6.81 45.92
C GLY A 428 23.86 6.81 47.25
N GLY A 429 23.08 5.78 47.54
CA GLY A 429 22.38 5.69 48.81
C GLY A 429 23.00 4.67 49.75
N LYS A 430 22.18 4.10 50.63
CA LYS A 430 22.69 3.12 51.60
C LYS A 430 23.15 1.86 50.88
N GLY A 431 24.30 1.34 51.30
CA GLY A 431 24.85 0.13 50.72
C GLY A 431 24.23 -1.12 51.29
N PRO A 432 24.74 -2.28 50.86
CA PRO A 432 24.18 -3.56 51.33
C PRO A 432 24.23 -3.75 52.83
N ASN A 433 25.42 -3.69 53.42
CA ASN A 433 25.63 -3.98 54.84
C ASN A 433 26.16 -2.71 55.51
N GLY A 434 25.25 -1.85 55.94
CA GLY A 434 25.59 -0.67 56.71
C GLY A 434 26.38 0.39 55.96
N THR A 435 26.89 0.08 54.77
CA THR A 435 27.72 1.04 54.03
C THR A 435 26.87 2.18 53.50
N ASP A 436 27.53 3.30 53.25
CA ASP A 436 26.89 4.50 52.74
C ASP A 436 27.48 4.86 51.39
N ASN A 437 26.71 5.62 50.61
CA ASN A 437 27.11 6.06 49.27
C ASN A 437 27.43 4.85 48.38
N TYR A 438 26.39 4.07 48.10
CA TYR A 438 26.53 2.89 47.27
C TYR A 438 27.06 3.27 45.89
N GLY A 439 28.09 2.57 45.44
CA GLY A 439 28.79 2.94 44.23
C GLY A 439 28.48 2.10 43.01
N ASN A 440 27.37 1.35 43.05
CA ASN A 440 26.96 0.49 41.95
C ASN A 440 25.61 0.96 41.42
N ALA A 441 25.51 1.13 40.10
CA ALA A 441 24.25 1.46 39.44
C ALA A 441 23.68 0.16 38.85
N ASP A 442 23.07 -0.63 39.73
CA ASP A 442 22.54 -1.93 39.31
C ASP A 442 21.31 -1.75 38.43
N VAL A 443 21.24 -2.55 37.38
CA VAL A 443 20.12 -2.54 36.45
C VAL A 443 19.19 -3.69 36.80
N HIS A 444 17.92 -3.37 37.04
CA HIS A 444 16.91 -4.36 37.42
C HIS A 444 16.00 -4.62 36.24
N ASP A 445 15.83 -5.89 35.89
CA ASP A 445 15.02 -6.31 34.74
C ASP A 445 13.59 -6.53 35.20
N GLY A 446 12.71 -5.62 34.82
CA GLY A 446 11.30 -5.77 35.14
C GLY A 446 10.91 -4.97 36.36
N ILE A 447 9.63 -4.56 36.40
CA ILE A 447 9.10 -3.82 37.54
C ILE A 447 8.77 -4.73 38.71
N GLY A 448 8.92 -6.04 38.57
CA GLY A 448 8.66 -6.97 39.66
C GLY A 448 9.86 -7.19 40.55
N THR A 449 11.07 -6.94 40.03
CA THR A 449 12.26 -7.06 40.86
C THR A 449 12.30 -5.98 41.93
N ILE A 450 11.65 -4.84 41.67
CA ILE A 450 11.43 -3.80 42.67
C ILE A 450 9.94 -3.73 42.91
N PHE A 451 9.50 -2.83 43.78
CA PHE A 451 8.06 -2.62 44.04
C PHE A 451 7.40 -3.92 44.51
N SER A 452 7.77 -4.31 45.73
CA SER A 452 7.43 -5.61 46.29
C SER A 452 5.96 -5.99 46.11
N SER A 453 5.08 -5.02 45.84
CA SER A 453 3.68 -5.33 45.58
C SER A 453 3.51 -6.15 44.30
N PHE A 454 4.50 -6.11 43.40
CA PHE A 454 4.41 -6.79 42.11
C PHE A 454 5.29 -8.03 42.02
N ASN A 455 5.63 -8.65 43.15
CA ASN A 455 6.40 -9.88 43.09
C ASN A 455 5.55 -11.04 42.61
N ASP A 456 6.21 -12.18 42.38
CA ASP A 456 5.53 -13.38 41.94
C ASP A 456 4.64 -13.94 43.04
N ASN A 457 3.49 -14.47 42.65
CA ASN A 457 2.55 -15.13 43.56
C ASN A 457 2.07 -14.20 44.67
N VAL A 458 1.84 -12.93 44.34
CA VAL A 458 1.34 -11.96 45.30
C VAL A 458 -0.16 -11.82 45.13
N ASN A 459 -0.90 -11.99 46.21
CA ASN A 459 -2.35 -11.88 46.20
C ASN A 459 -2.74 -10.47 46.62
N VAL A 460 -3.50 -9.78 45.77
CA VAL A 460 -3.86 -8.38 45.97
C VAL A 460 -5.38 -8.26 45.94
N GLN A 461 -5.91 -7.39 46.79
CA GLN A 461 -7.32 -7.02 46.73
C GLN A 461 -7.51 -5.93 45.67
N THR A 462 -8.69 -5.92 45.05
CA THR A 462 -8.94 -5.00 43.95
C THR A 462 -8.82 -3.54 44.37
N SER A 463 -9.08 -3.24 45.65
CA SER A 463 -8.93 -1.87 46.12
C SER A 463 -7.47 -1.49 46.32
N ASP A 464 -6.64 -2.42 46.79
CA ASP A 464 -5.24 -2.16 47.08
C ASP A 464 -4.37 -2.20 45.84
N LEU A 465 -4.94 -2.48 44.67
CA LEU A 465 -4.22 -2.50 43.40
C LEU A 465 -4.59 -1.33 42.50
N ILE A 466 -5.85 -0.92 42.50
CA ILE A 466 -6.30 0.17 41.65
C ILE A 466 -6.08 1.54 42.31
N LEU A 467 -5.95 1.58 43.65
CA LEU A 467 -5.90 2.85 44.38
C LEU A 467 -4.84 3.78 43.82
N GLY A 468 -3.62 3.27 43.63
CA GLY A 468 -2.56 4.11 43.08
C GLY A 468 -2.93 4.69 41.73
N LEU A 469 -3.49 3.84 40.85
CA LEU A 469 -4.03 4.33 39.59
C LEU A 469 -5.04 5.45 39.84
N LEU A 470 -6.00 5.19 40.74
CA LEU A 470 -7.00 6.21 41.07
C LEU A 470 -6.33 7.48 41.59
N THR A 471 -5.21 7.33 42.31
CA THR A 471 -4.47 8.51 42.74
C THR A 471 -3.84 9.20 41.54
N LEU A 472 -3.15 8.43 40.69
CA LEU A 472 -2.40 9.04 39.59
C LEU A 472 -3.31 9.83 38.66
N TRP A 473 -4.39 9.18 38.20
CA TRP A 473 -5.35 9.87 37.33
C TRP A 473 -5.94 11.09 38.03
N ASN A 474 -6.08 11.03 39.35
CA ASN A 474 -6.65 12.18 40.06
C ASN A 474 -5.71 13.37 40.01
N HIS A 475 -4.40 13.12 40.01
CA HIS A 475 -3.44 14.23 40.04
C HIS A 475 -3.25 14.84 38.65
N ILE A 476 -2.91 14.01 37.67
CA ILE A 476 -2.55 14.51 36.35
C ILE A 476 -3.72 15.28 35.73
N THR A 477 -4.92 14.71 35.80
CA THR A 477 -6.09 15.37 35.23
C THR A 477 -6.48 16.63 35.99
N THR A 478 -5.97 16.84 37.19
CA THR A 478 -6.31 18.02 37.98
C THR A 478 -5.19 19.05 38.01
N THR A 479 -3.95 18.61 38.12
CA THR A 479 -2.80 19.50 38.28
C THR A 479 -1.98 19.66 37.01
N TYR A 480 -1.85 18.61 36.20
CA TYR A 480 -0.90 18.60 35.09
C TYR A 480 -1.54 18.73 33.72
N ALA A 481 -2.71 18.14 33.49
CA ALA A 481 -3.26 18.02 32.15
C ALA A 481 -4.55 18.82 31.99
N THR A 482 -4.86 19.15 30.74
CA THR A 482 -6.08 19.85 30.40
C THR A 482 -7.15 18.84 29.95
N GLU A 483 -8.36 19.35 29.73
CA GLU A 483 -9.47 18.49 29.34
C GLU A 483 -9.30 17.93 27.93
N GLU A 484 -8.65 18.69 27.03
CA GLU A 484 -8.44 18.21 25.67
C GLU A 484 -7.55 16.97 25.65
N GLU A 485 -6.52 16.96 26.50
CA GLU A 485 -5.66 15.77 26.59
C GLU A 485 -6.44 14.55 27.06
N VAL A 486 -7.33 14.74 28.04
CA VAL A 486 -8.14 13.63 28.52
C VAL A 486 -9.09 13.15 27.43
N THR A 487 -9.69 14.06 26.67
CA THR A 487 -10.58 13.66 25.59
C THR A 487 -9.83 12.88 24.52
N MET A 488 -8.63 13.36 24.13
CA MET A 488 -7.82 12.63 23.16
C MET A 488 -7.43 11.26 23.69
N ALA A 489 -7.10 11.18 24.99
CA ALA A 489 -6.75 9.90 25.58
C ALA A 489 -7.92 8.93 25.54
N ILE A 490 -9.14 9.42 25.84
CA ILE A 490 -10.31 8.56 25.79
C ILE A 490 -10.54 8.05 24.37
N LYS A 491 -10.46 8.96 23.39
CA LYS A 491 -10.70 8.57 22.00
C LYS A 491 -9.66 7.56 21.51
N ILE A 492 -8.40 7.74 21.89
CA ILE A 492 -7.36 6.82 21.45
C ILE A 492 -7.51 5.47 22.15
N ALA A 493 -7.74 5.49 23.47
CA ALA A 493 -7.86 4.25 24.23
C ALA A 493 -9.10 3.45 23.84
N ALA A 494 -10.13 4.11 23.29
CA ALA A 494 -11.30 3.37 22.84
C ALA A 494 -10.99 2.40 21.71
N ALA A 495 -9.88 2.60 21.00
CA ALA A 495 -9.51 1.70 19.90
C ALA A 495 -9.01 0.35 20.39
N PHE A 496 -8.45 0.28 21.61
CA PHE A 496 -7.97 -0.97 22.17
C PHE A 496 -8.74 -1.36 23.42
N ALA A 497 -9.98 -0.90 23.56
CA ALA A 497 -10.71 -1.07 24.81
C ALA A 497 -11.22 -2.50 24.98
N LEU A 498 -11.70 -3.12 23.91
CA LEU A 498 -12.42 -4.40 24.02
C LEU A 498 -11.83 -5.43 23.06
N VAL A 499 -12.08 -6.70 23.38
CA VAL A 499 -11.68 -7.82 22.56
C VAL A 499 -12.92 -8.67 22.28
N TYR A 500 -13.15 -9.01 21.03
CA TYR A 500 -14.34 -9.76 20.64
C TYR A 500 -13.97 -11.11 20.05
N PRO A 501 -14.72 -12.16 20.37
CA PRO A 501 -14.39 -13.50 19.83
C PRO A 501 -14.73 -13.61 18.35
N VAL A 502 -14.48 -14.79 17.77
CA VAL A 502 -14.74 -15.00 16.36
C VAL A 502 -16.24 -14.91 16.09
N GLN A 503 -16.57 -14.46 14.88
CA GLN A 503 -17.98 -14.26 14.51
C GLN A 503 -18.60 -15.60 14.11
N PRO A 504 -19.67 -16.04 14.78
CA PRO A 504 -20.36 -17.26 14.37
C PRO A 504 -21.49 -16.96 13.40
N ILE A 505 -21.71 -17.90 12.47
CA ILE A 505 -22.72 -17.76 11.44
C ILE A 505 -23.45 -19.08 11.26
N VAL A 506 -24.68 -19.01 10.75
CA VAL A 506 -25.50 -20.20 10.52
C VAL A 506 -26.18 -20.09 9.16
N TYR A 507 -25.71 -20.87 8.20
CA TYR A 507 -26.31 -20.91 6.87
C TYR A 507 -27.56 -21.78 6.91
N SER A 508 -28.69 -21.21 6.46
CA SER A 508 -29.98 -21.89 6.54
C SER A 508 -30.16 -22.96 5.48
N GLY A 509 -29.34 -22.97 4.44
CA GLY A 509 -29.55 -23.88 3.34
C GLY A 509 -30.44 -23.28 2.28
N CYS A 510 -30.94 -24.16 1.41
CA CYS A 510 -31.80 -23.75 0.31
C CYS A 510 -33.06 -24.60 0.28
N PRO A 511 -34.17 -24.04 -0.21
CA PRO A 511 -35.39 -24.84 -0.35
C PRO A 511 -35.20 -26.04 -1.26
N ARG A 512 -35.99 -27.08 -1.00
CA ARG A 512 -35.95 -28.30 -1.80
C ARG A 512 -36.32 -28.03 -3.25
N ALA A 513 -37.01 -26.93 -3.54
CA ALA A 513 -37.34 -26.60 -4.93
C ALA A 513 -36.09 -26.26 -5.74
N PHE A 514 -35.05 -25.75 -5.09
CA PHE A 514 -33.81 -25.35 -5.76
C PHE A 514 -32.65 -26.26 -5.42
N GLN A 515 -32.94 -27.54 -5.14
CA GLN A 515 -31.88 -28.47 -4.75
C GLN A 515 -30.88 -28.69 -5.89
N SER A 516 -31.34 -28.61 -7.14
CA SER A 516 -30.49 -28.86 -8.30
C SER A 516 -29.86 -27.60 -8.87
N HIS A 517 -30.12 -26.44 -8.27
CA HIS A 517 -29.59 -25.17 -8.77
C HIS A 517 -28.74 -24.46 -7.71
N THR A 518 -28.02 -25.23 -6.89
CA THR A 518 -27.24 -24.67 -5.80
C THR A 518 -25.89 -25.35 -5.71
N SER A 519 -24.93 -24.60 -5.17
CA SER A 519 -23.67 -25.16 -4.71
C SER A 519 -23.60 -25.26 -3.19
N TYR A 520 -24.55 -24.65 -2.47
CA TYR A 520 -24.63 -24.69 -1.01
C TYR A 520 -26.06 -25.06 -0.65
N TYR A 521 -26.34 -26.36 -0.58
CA TYR A 521 -27.71 -26.81 -0.30
C TYR A 521 -27.95 -27.05 1.19
N GLN A 522 -27.05 -27.77 1.85
CA GLN A 522 -27.26 -28.13 3.23
C GLN A 522 -27.05 -26.93 4.16
N PRO A 523 -27.80 -26.86 5.25
CA PRO A 523 -27.51 -25.86 6.27
C PRO A 523 -26.20 -26.18 6.98
N SER A 524 -25.58 -25.14 7.54
CA SER A 524 -24.28 -25.29 8.16
C SER A 524 -24.12 -24.23 9.24
N SER A 525 -23.01 -24.30 9.97
CA SER A 525 -22.70 -23.30 10.98
C SER A 525 -21.18 -23.18 11.10
N GLU A 526 -20.74 -22.04 11.62
CA GLU A 526 -19.33 -21.75 11.75
C GLU A 526 -19.08 -20.95 13.02
N ASN A 527 -18.06 -21.37 13.79
CA ASN A 527 -17.62 -20.68 15.01
C ASN A 527 -18.70 -20.64 16.07
N CYS A 528 -19.56 -21.66 16.11
CA CYS A 528 -20.65 -21.75 17.08
C CYS A 528 -20.24 -22.73 18.18
N TYR A 529 -19.76 -22.18 19.30
CA TYR A 529 -19.20 -23.00 20.38
C TYR A 529 -19.89 -22.65 21.68
N THR A 530 -20.47 -23.66 22.34
CA THR A 530 -21.03 -23.52 23.66
C THR A 530 -20.67 -24.76 24.48
N THR A 531 -20.62 -24.59 25.80
CA THR A 531 -20.16 -25.64 26.69
C THR A 531 -21.20 -26.08 27.72
N ASP A 532 -22.34 -25.41 27.82
CA ASP A 532 -23.34 -25.79 28.81
C ASP A 532 -23.93 -27.15 28.47
N THR A 533 -24.11 -27.99 29.50
CA THR A 533 -24.63 -29.34 29.34
C THR A 533 -25.89 -29.59 30.16
N ALA A 534 -26.27 -28.67 31.05
CA ALA A 534 -27.47 -28.86 31.85
C ALA A 534 -28.72 -28.81 31.00
N GLU A 535 -28.79 -27.87 30.07
CA GLU A 535 -29.94 -27.69 29.21
C GLU A 535 -29.66 -28.27 27.82
N VAL A 536 -30.63 -28.10 26.92
CA VAL A 536 -30.49 -28.62 25.57
C VAL A 536 -29.50 -27.76 24.79
N LYS A 537 -28.60 -28.41 24.06
CA LYS A 537 -27.65 -27.71 23.22
C LYS A 537 -28.28 -27.39 21.88
N SER A 538 -28.08 -26.16 21.40
CA SER A 538 -28.60 -25.77 20.09
C SER A 538 -27.91 -26.59 19.00
N THR A 539 -28.69 -26.99 17.99
CA THR A 539 -28.15 -27.80 16.91
C THR A 539 -27.12 -27.05 16.10
N TRP A 540 -27.21 -25.72 16.06
CA TRP A 540 -26.23 -24.93 15.31
C TRP A 540 -24.84 -25.04 15.93
N ASP A 541 -24.76 -25.08 17.25
CA ASP A 541 -23.48 -25.20 17.95
C ASP A 541 -22.96 -26.62 17.79
N THR A 542 -22.00 -26.81 16.89
CA THR A 542 -21.40 -28.11 16.62
C THR A 542 -19.88 -27.99 16.53
N VAL A 543 -19.28 -27.29 17.49
CA VAL A 543 -17.85 -27.04 17.52
C VAL A 543 -17.23 -27.85 18.65
N GLU A 544 -16.20 -28.62 18.34
CA GLU A 544 -15.42 -29.36 19.32
C GLU A 544 -14.05 -28.71 19.44
N LEU A 545 -13.62 -28.42 20.66
CA LEU A 545 -12.39 -27.69 20.90
C LEU A 545 -11.19 -28.63 20.79
N SER A 546 -10.75 -28.86 19.56
CA SER A 546 -9.49 -29.55 19.32
C SER A 546 -8.37 -28.51 19.25
N VAL A 547 -7.13 -28.99 19.14
CA VAL A 547 -5.98 -28.09 19.08
C VAL A 547 -6.08 -27.21 17.83
N GLN A 548 -6.39 -27.83 16.69
CA GLN A 548 -6.48 -27.07 15.45
C GLN A 548 -7.62 -26.06 15.49
N VAL A 549 -8.79 -26.48 15.99
CA VAL A 549 -9.91 -25.56 16.09
C VAL A 549 -9.62 -24.47 17.11
N ASN A 550 -8.96 -24.81 18.21
CA ASN A 550 -8.58 -23.82 19.21
C ASN A 550 -7.68 -22.75 18.58
N ASN A 551 -6.67 -23.17 17.82
CA ASN A 551 -5.78 -22.20 17.18
C ASN A 551 -6.53 -21.38 16.13
N ALA A 552 -7.41 -22.02 15.36
CA ALA A 552 -8.15 -21.31 14.32
C ALA A 552 -9.03 -20.23 14.91
N MET A 553 -9.71 -20.51 16.02
CA MET A 553 -10.52 -19.48 16.66
C MET A 553 -9.66 -18.47 17.43
N VAL A 554 -8.51 -18.88 17.96
CA VAL A 554 -7.62 -17.95 18.62
C VAL A 554 -7.12 -16.90 17.64
N LEU A 555 -6.86 -17.30 16.41
CA LEU A 555 -6.49 -16.35 15.36
C LEU A 555 -7.70 -15.61 14.79
N GLY A 556 -8.82 -15.58 15.51
CA GLY A 556 -10.04 -14.96 15.01
C GLY A 556 -10.60 -13.83 15.85
N MET A 557 -10.05 -13.60 17.05
CA MET A 557 -10.48 -12.44 17.82
C MET A 557 -10.11 -11.14 17.12
N THR A 558 -10.91 -10.11 17.37
CA THR A 558 -10.75 -8.81 16.73
C THR A 558 -10.81 -7.71 17.77
N LEU A 559 -10.41 -6.51 17.34
CA LEU A 559 -10.46 -5.31 18.15
C LEU A 559 -11.68 -4.49 17.71
N PRO A 560 -11.99 -3.36 18.36
CA PRO A 560 -13.17 -2.58 17.93
C PRO A 560 -13.19 -2.25 16.45
N PHE A 561 -12.05 -1.96 15.84
CA PHE A 561 -12.00 -1.66 14.42
C PHE A 561 -11.86 -2.91 13.56
N GLY A 562 -11.76 -4.08 14.16
CA GLY A 562 -11.72 -5.32 13.41
C GLY A 562 -10.34 -5.86 13.09
N GLN A 563 -9.29 -5.28 13.66
CA GLN A 563 -7.95 -5.77 13.39
C GLN A 563 -7.68 -7.04 14.18
N PRO A 564 -7.19 -8.11 13.54
CA PRO A 564 -6.84 -9.33 14.27
C PRO A 564 -5.44 -9.24 14.84
N THR A 565 -4.96 -10.33 15.43
CA THR A 565 -3.59 -10.42 15.90
C THR A 565 -2.97 -11.73 15.42
N VAL A 566 -1.66 -11.71 15.21
CA VAL A 566 -0.90 -12.88 14.79
C VAL A 566 0.10 -13.30 15.86
N SER A 567 0.07 -12.67 17.03
CA SER A 567 0.93 -13.02 18.15
C SER A 567 0.12 -13.78 19.19
N SER A 568 0.73 -14.82 19.76
CA SER A 568 0.02 -15.68 20.70
C SER A 568 0.94 -16.06 21.85
N ALA A 569 0.34 -16.56 22.92
CA ALA A 569 1.07 -17.07 24.07
C ALA A 569 0.49 -18.42 24.48
N GLN A 570 1.32 -19.21 25.15
CA GLN A 570 0.94 -20.57 25.50
C GLN A 570 1.73 -21.00 26.73
N TRP A 571 1.03 -21.19 27.84
CA TRP A 571 1.65 -21.55 29.13
C TRP A 571 0.94 -22.79 29.66
N PHE A 572 1.56 -23.96 29.47
CA PHE A 572 1.01 -25.20 29.99
C PHE A 572 2.14 -26.23 30.06
N ASN A 573 1.82 -27.40 30.62
CA ASN A 573 2.79 -28.38 31.07
C ASN A 573 3.58 -27.76 32.22
N ASN A 574 4.79 -27.29 31.92
CA ASN A 574 5.48 -26.36 32.80
C ASN A 574 6.23 -25.31 31.99
N ILE A 575 5.77 -25.04 30.76
CA ILE A 575 6.51 -24.23 29.80
C ILE A 575 5.62 -23.07 29.36
N ASP A 576 6.20 -21.87 29.33
CA ASP A 576 5.58 -20.67 28.79
C ASP A 576 6.34 -20.25 27.54
N LYS A 577 5.62 -20.07 26.44
CA LYS A 577 6.21 -19.73 25.16
C LYS A 577 5.31 -18.75 24.44
N ALA A 578 5.89 -17.68 23.90
CA ALA A 578 5.14 -16.66 23.19
C ALA A 578 5.74 -16.44 21.80
N GLU A 579 4.85 -16.28 20.81
CA GLU A 579 5.24 -15.94 19.46
C GLU A 579 4.72 -14.54 19.16
N ILE A 580 5.63 -13.57 19.09
CA ILE A 580 5.29 -12.18 18.79
C ILE A 580 5.82 -11.87 17.40
N SER A 581 4.91 -11.52 16.50
CA SER A 581 5.28 -11.24 15.12
C SER A 581 5.80 -9.81 15.00
N MET A 582 6.44 -9.52 13.86
CA MET A 582 6.92 -8.18 13.58
C MET A 582 5.78 -7.20 13.33
N PHE A 583 4.59 -7.71 12.98
CA PHE A 583 3.45 -6.85 12.69
C PHE A 583 2.66 -6.58 13.97
N LYS A 584 2.24 -5.33 14.13
CA LYS A 584 1.52 -4.89 15.31
C LYS A 584 0.10 -4.50 14.94
N VAL A 585 -0.81 -4.60 15.92
CA VAL A 585 -2.18 -4.16 15.73
C VAL A 585 -2.35 -2.66 15.86
N GLY A 586 -1.31 -1.95 16.25
CA GLY A 586 -1.38 -0.51 16.39
C GLY A 586 -0.15 0.02 17.07
N ASN A 587 -0.12 1.34 17.22
CA ASN A 587 1.00 2.03 17.84
C ASN A 587 0.47 3.10 18.79
N LEU A 588 1.23 3.36 19.85
CA LEU A 588 0.87 4.34 20.84
C LEU A 588 2.03 5.31 21.07
N PRO A 589 1.73 6.58 21.31
CA PRO A 589 2.81 7.55 21.54
C PRO A 589 3.51 7.32 22.88
N LEU A 590 4.75 7.77 22.95
CA LEU A 590 5.53 7.71 24.17
C LEU A 590 5.25 8.92 25.03
N GLN A 591 5.39 8.75 26.35
CA GLN A 591 5.26 9.84 27.30
C GLN A 591 6.63 10.45 27.54
N ASN A 592 6.75 11.75 27.28
CA ASN A 592 7.99 12.47 27.56
C ASN A 592 8.15 12.58 29.07
N LEU A 593 9.15 11.90 29.62
CA LEU A 593 9.33 11.87 31.07
C LEU A 593 9.83 13.21 31.61
N ASP A 594 10.34 14.09 30.74
CA ASP A 594 10.76 15.40 31.19
C ASP A 594 9.59 16.22 31.70
N TYR A 595 8.44 16.16 31.00
CA TYR A 595 7.26 16.86 31.48
C TYR A 595 6.83 16.33 32.84
N LEU A 596 6.83 15.01 33.01
CA LEU A 596 6.49 14.41 34.30
C LEU A 596 7.41 14.91 35.39
N SER A 597 8.72 14.84 35.15
CA SER A 597 9.68 15.26 36.17
C SER A 597 9.51 16.73 36.52
N LEU A 598 9.38 17.60 35.52
CA LEU A 598 9.25 19.02 35.80
C LEU A 598 7.96 19.36 36.53
N ASP A 599 6.85 18.71 36.17
CA ASP A 599 5.62 18.92 36.91
C ASP A 599 5.75 18.45 38.35
N MET A 600 6.42 17.31 38.56
CA MET A 600 6.54 16.71 39.87
C MET A 600 7.51 17.45 40.79
N MET A 601 8.26 18.42 40.28
CA MET A 601 9.04 19.32 41.13
C MET A 601 8.43 20.71 41.24
N GLU A 602 7.17 20.87 40.82
CA GLU A 602 6.46 22.15 40.89
C GLU A 602 7.19 23.22 40.06
N PHE A 603 7.82 22.80 38.97
CA PHE A 603 8.44 23.76 38.06
C PHE A 603 7.40 24.46 37.18
N TYR A 604 6.32 23.77 36.83
CA TYR A 604 5.22 24.37 36.11
C TYR A 604 4.15 24.84 37.08
N ALA A 605 3.43 25.89 36.68
CA ALA A 605 2.27 26.31 37.45
C ALA A 605 1.13 25.30 37.23
N PRO A 606 0.42 24.93 38.29
CA PRO A 606 -0.67 23.95 38.14
C PRO A 606 -1.78 24.49 37.24
N THR A 607 -2.40 23.57 36.50
CA THR A 607 -3.49 23.96 35.60
C THR A 607 -4.72 24.38 36.41
N THR A 608 -5.04 23.64 37.47
CA THR A 608 -6.16 23.95 38.33
C THR A 608 -5.74 23.85 39.79
N GLY A 609 -6.39 24.64 40.64
CA GLY A 609 -6.17 24.60 42.07
C GLY A 609 -6.99 23.59 42.82
N GLN A 610 -7.78 22.78 42.12
CA GLN A 610 -8.65 21.82 42.77
C GLN A 610 -7.85 20.67 43.37
N LEU A 611 -8.51 19.90 44.24
CA LEU A 611 -7.92 18.71 44.83
C LEU A 611 -8.54 17.41 44.36
N TYR A 612 -9.79 17.45 43.89
CA TYR A 612 -10.53 16.24 43.53
C TYR A 612 -11.11 16.38 42.14
N ASP A 613 -11.17 15.27 41.41
CA ASP A 613 -11.77 15.21 40.09
C ASP A 613 -13.20 14.68 40.12
N ILE A 614 -13.88 14.79 41.27
CA ILE A 614 -15.23 14.25 41.39
C ILE A 614 -16.17 14.94 40.42
N ARG A 615 -16.08 16.26 40.32
CA ARG A 615 -16.97 17.04 39.47
C ARG A 615 -16.44 17.23 38.06
N SER A 616 -15.26 16.69 37.73
CA SER A 616 -14.69 16.90 36.41
C SER A 616 -13.76 15.73 36.08
N ASP A 617 -14.24 14.79 35.27
CA ASP A 617 -13.42 13.79 34.61
C ASP A 617 -12.67 12.92 35.62
N ASN A 618 -13.42 12.19 36.43
CA ASN A 618 -12.81 11.19 37.29
C ASN A 618 -12.44 9.96 36.47
N LEU A 619 -11.65 9.07 37.11
CA LEU A 619 -11.15 7.90 36.40
C LEU A 619 -12.28 6.98 35.95
N ILE A 620 -13.28 6.77 36.82
CA ILE A 620 -14.34 5.83 36.50
C ILE A 620 -15.23 6.37 35.39
N LEU A 621 -15.56 7.68 35.44
CA LEU A 621 -16.37 8.26 34.37
C LEU A 621 -15.60 8.28 33.06
N SER A 622 -14.30 8.58 33.12
CA SER A 622 -13.48 8.56 31.91
C SER A 622 -13.45 7.17 31.30
N ALA A 623 -13.22 6.14 32.13
CA ALA A 623 -13.16 4.78 31.62
C ALA A 623 -14.51 4.35 31.05
N HIS A 624 -15.61 4.75 31.69
CA HIS A 624 -16.93 4.50 31.12
C HIS A 624 -17.06 5.14 29.75
N ARG A 625 -16.54 6.37 29.61
CA ARG A 625 -16.59 7.04 28.32
C ARG A 625 -15.79 6.29 27.26
N THR A 626 -14.60 5.79 27.60
CA THR A 626 -13.83 5.07 26.59
C THR A 626 -14.45 3.72 26.25
N VAL A 627 -15.08 3.06 27.23
CA VAL A 627 -15.77 1.81 26.90
C VAL A 627 -16.96 2.07 25.99
N ASN A 628 -17.71 3.14 26.26
CA ASN A 628 -18.81 3.51 25.38
C ASN A 628 -18.30 3.83 23.98
N LEU A 629 -17.19 4.56 23.88
CA LEU A 629 -16.65 4.90 22.57
C LEU A 629 -16.08 3.68 21.86
N GLY A 630 -15.53 2.71 22.59
CA GLY A 630 -15.07 1.48 21.96
C GLY A 630 -16.21 0.65 21.41
N ILE A 631 -17.30 0.54 22.17
CA ILE A 631 -18.47 -0.17 21.65
C ILE A 631 -19.06 0.59 20.46
N GLY A 632 -19.02 1.92 20.50
CA GLY A 632 -19.45 2.69 19.34
C GLY A 632 -18.57 2.48 18.13
N TYR A 633 -17.26 2.38 18.34
CA TYR A 633 -16.34 2.07 17.24
C TYR A 633 -16.67 0.70 16.65
N THR A 634 -16.93 -0.29 17.51
CA THR A 634 -17.29 -1.61 17.01
C THR A 634 -18.58 -1.57 16.21
N ALA A 635 -19.59 -0.87 16.71
CA ALA A 635 -20.87 -0.78 16.01
C ALA A 635 -20.71 -0.07 14.67
N LEU A 636 -19.96 1.03 14.64
CA LEU A 636 -19.75 1.74 13.38
C LEU A 636 -18.89 0.94 12.42
N ALA A 637 -17.93 0.16 12.92
CA ALA A 637 -17.17 -0.73 12.05
C ALA A 637 -18.05 -1.80 11.43
N ASP A 638 -18.97 -2.35 12.23
CA ASP A 638 -19.93 -3.32 11.69
C ASP A 638 -20.84 -2.67 10.65
N PHE A 639 -21.25 -1.42 10.90
CA PHE A 639 -22.06 -0.69 9.93
C PHE A 639 -21.30 -0.44 8.64
N PHE A 640 -20.01 -0.09 8.76
CA PHE A 640 -19.18 0.12 7.57
C PHE A 640 -18.97 -1.19 6.81
N ALA A 641 -18.89 -2.31 7.54
CA ALA A 641 -18.84 -3.61 6.88
C ALA A 641 -20.09 -3.85 6.06
N TYR A 642 -21.25 -3.43 6.56
CA TYR A 642 -22.46 -3.40 5.75
C TYR A 642 -22.62 -2.03 5.10
N LEU A 643 -21.53 -1.54 4.54
CA LEU A 643 -21.54 -0.44 3.56
C LEU A 643 -20.57 -0.67 2.42
N ALA A 644 -19.55 -1.49 2.61
CA ALA A 644 -18.57 -1.83 1.58
C ALA A 644 -18.64 -3.28 1.17
N SER A 645 -19.64 -4.03 1.66
CA SER A 645 -19.79 -5.45 1.37
C SER A 645 -18.55 -6.24 1.79
N VAL A 646 -18.17 -6.08 3.07
CA VAL A 646 -17.01 -6.78 3.63
C VAL A 646 -17.54 -8.05 4.31
N PRO A 647 -17.23 -9.23 3.79
CA PRO A 647 -17.76 -10.47 4.38
C PRO A 647 -17.11 -10.78 5.73
N ALA A 648 -17.84 -11.56 6.53
CA ALA A 648 -17.31 -12.03 7.81
C ALA A 648 -16.12 -12.95 7.61
N GLN A 649 -16.19 -13.84 6.62
CA GLN A 649 -15.14 -14.82 6.38
C GLN A 649 -13.82 -14.18 5.98
N SER A 650 -13.82 -12.90 5.61
CA SER A 650 -12.58 -12.19 5.34
C SER A 650 -11.81 -11.84 6.60
N PHE A 651 -12.34 -12.15 7.78
CA PHE A 651 -11.64 -11.90 9.04
C PHE A 651 -11.37 -13.19 9.82
N TYR A 652 -11.50 -14.35 9.20
CA TYR A 652 -11.21 -15.61 9.85
C TYR A 652 -9.73 -15.95 9.68
N HIS A 653 -9.34 -17.12 10.21
CA HIS A 653 -7.93 -17.51 10.16
C HIS A 653 -7.46 -17.75 8.73
N ASP A 654 -8.32 -18.30 7.86
CA ASP A 654 -7.98 -18.60 6.48
C ASP A 654 -8.39 -17.50 5.51
N ARG A 655 -8.35 -16.25 5.98
CA ARG A 655 -8.81 -15.14 5.14
C ARG A 655 -7.87 -14.86 3.97
N MET A 656 -6.60 -15.27 4.06
CA MET A 656 -5.60 -14.91 3.07
C MET A 656 -5.41 -15.96 1.98
N VAL A 657 -6.07 -17.10 2.08
CA VAL A 657 -5.95 -18.15 1.06
C VAL A 657 -7.29 -18.55 0.47
N THR A 658 -8.40 -18.28 1.14
CA THR A 658 -9.70 -18.70 0.61
C THR A 658 -10.05 -17.95 -0.67
N SER A 659 -9.74 -16.65 -0.73
CA SER A 659 -10.09 -15.85 -1.89
C SER A 659 -9.16 -14.66 -2.01
N PRO A 660 -8.81 -14.26 -3.23
CA PRO A 660 -8.00 -13.05 -3.42
C PRO A 660 -8.80 -11.76 -3.35
N ILE A 661 -10.12 -11.85 -3.13
CA ILE A 661 -10.95 -10.64 -3.01
C ILE A 661 -10.87 -10.03 -1.62
N SER A 662 -10.18 -10.68 -0.68
CA SER A 662 -10.06 -10.13 0.66
C SER A 662 -9.33 -8.80 0.65
N LYS A 663 -8.28 -8.68 -0.16
CA LYS A 663 -7.56 -7.40 -0.28
C LYS A 663 -8.48 -6.32 -0.84
N GLN A 664 -9.29 -6.66 -1.84
CA GLN A 664 -10.23 -5.70 -2.41
C GLN A 664 -11.24 -5.23 -1.38
N THR A 665 -11.74 -6.15 -0.54
CA THR A 665 -12.63 -5.75 0.54
C THR A 665 -11.91 -4.86 1.56
N TYR A 666 -10.66 -5.21 1.89
CA TYR A 666 -9.90 -4.42 2.84
C TYR A 666 -9.69 -3.00 2.34
N SER A 667 -9.54 -2.83 1.03
CA SER A 667 -9.37 -1.49 0.49
C SER A 667 -10.53 -0.58 0.85
N VAL A 668 -11.76 -1.03 0.59
CA VAL A 668 -12.92 -0.21 0.90
C VAL A 668 -13.12 -0.08 2.40
N TYR A 669 -12.86 -1.15 3.15
CA TYR A 669 -13.03 -1.10 4.59
C TYR A 669 -12.09 -0.08 5.22
N GLU A 670 -10.83 -0.06 4.77
CA GLU A 670 -9.89 0.93 5.28
C GLU A 670 -10.22 2.33 4.76
N ARG A 671 -10.82 2.43 3.56
CA ARG A 671 -11.30 3.74 3.12
C ARG A 671 -12.35 4.30 4.07
N PHE A 672 -13.27 3.46 4.53
CA PHE A 672 -14.26 3.90 5.51
C PHE A 672 -13.60 4.25 6.85
N ILE A 673 -12.72 3.37 7.33
CA ILE A 673 -12.13 3.57 8.65
C ILE A 673 -11.26 4.83 8.68
N GLU A 674 -10.46 5.05 7.64
CA GLU A 674 -9.58 6.21 7.61
C GLU A 674 -10.36 7.51 7.55
N ARG A 675 -11.55 7.50 6.95
CA ARG A 675 -12.37 8.70 7.00
C ARG A 675 -13.04 8.88 8.34
N PHE A 676 -13.38 7.79 9.02
CA PHE A 676 -13.98 7.94 10.35
C PHE A 676 -12.97 8.45 11.37
N VAL A 677 -11.75 7.90 11.35
CA VAL A 677 -10.76 8.24 12.38
C VAL A 677 -10.33 9.70 12.26
N ASP A 678 -10.05 10.16 11.03
CA ASP A 678 -9.60 11.54 10.86
C ASP A 678 -10.70 12.54 11.18
N ASP A 679 -11.97 12.18 10.95
CA ASP A 679 -13.07 13.09 11.21
C ASP A 679 -13.49 13.13 12.68
N PHE A 680 -13.23 12.06 13.44
CA PHE A 680 -13.65 12.00 14.83
C PHE A 680 -12.48 11.94 15.80
N VAL A 681 -11.57 10.97 15.64
CA VAL A 681 -10.53 10.77 16.63
C VAL A 681 -9.51 11.91 16.60
N GLY A 682 -9.09 12.31 15.40
CA GLY A 682 -8.09 13.34 15.27
C GLY A 682 -6.65 12.87 15.36
N TRP A 683 -6.43 11.56 15.52
CA TRP A 683 -5.11 10.98 15.58
C TRP A 683 -4.76 10.33 14.23
N ASP A 684 -3.48 10.00 14.07
CA ASP A 684 -3.04 9.34 12.85
C ASP A 684 -3.73 7.99 12.71
N ARG A 685 -4.32 7.76 11.53
CA ARG A 685 -5.16 6.58 11.34
C ARG A 685 -4.35 5.28 11.41
N CYS A 686 -3.16 5.27 10.82
CA CYS A 686 -2.36 4.05 10.77
C CYS A 686 -1.94 3.57 12.15
N ASP A 687 -1.96 4.44 13.16
CA ASP A 687 -1.63 4.03 14.52
C ASP A 687 -2.76 3.26 15.18
N LEU A 688 -4.00 3.43 14.71
CA LEU A 688 -5.15 2.77 15.31
C LEU A 688 -5.66 1.59 14.52
N PHE A 689 -5.51 1.60 13.19
CA PHE A 689 -5.94 0.49 12.36
C PHE A 689 -4.95 0.28 11.23
N ASN A 690 -4.68 -0.99 10.91
CA ASN A 690 -3.76 -1.35 9.85
C ASN A 690 -4.21 -2.65 9.21
N LEU A 691 -3.72 -2.89 8.00
CA LEU A 691 -3.92 -4.15 7.31
C LEU A 691 -2.77 -5.13 7.53
N ASP A 692 -1.80 -4.77 8.37
CA ASP A 692 -0.62 -5.61 8.56
C ASP A 692 -0.99 -6.96 9.14
N THR A 693 -1.84 -6.98 10.17
CA THR A 693 -2.25 -8.25 10.76
C THR A 693 -3.28 -8.97 9.90
N LEU A 694 -4.13 -8.22 9.19
CA LEU A 694 -5.08 -8.85 8.28
C LEU A 694 -4.37 -9.58 7.15
N LEU A 695 -3.33 -8.97 6.59
CA LEU A 695 -2.62 -9.54 5.45
C LEU A 695 -1.58 -10.58 5.86
N ALA A 696 -1.29 -10.74 7.15
CA ALA A 696 -0.31 -11.69 7.65
C ALA A 696 -0.96 -12.97 8.16
N ALA A 697 -2.11 -13.35 7.61
CA ALA A 697 -2.77 -14.58 8.03
C ALA A 697 -1.93 -15.79 7.62
N LYS A 698 -2.11 -16.88 8.36
CA LYS A 698 -1.30 -18.08 8.18
C LYS A 698 -2.09 -19.33 7.86
N ARG A 699 -3.30 -19.49 8.43
CA ARG A 699 -4.11 -20.72 8.33
C ARG A 699 -3.43 -21.85 9.08
N ILE A 700 -4.21 -22.57 9.90
CA ILE A 700 -3.63 -23.54 10.83
C ILE A 700 -3.04 -24.72 10.07
N ALA A 701 -3.90 -25.50 9.42
CA ALA A 701 -3.55 -26.74 8.71
C ALA A 701 -4.81 -27.55 8.39
N GLY A 702 -5.22 -28.39 9.34
CA GLY A 702 -6.35 -29.27 9.14
C GLY A 702 -7.66 -28.69 9.64
N VAL A 703 -7.94 -27.44 9.28
CA VAL A 703 -9.20 -26.79 9.60
C VAL A 703 -9.84 -26.38 8.29
N ALA A 704 -11.03 -26.91 8.02
CA ALA A 704 -11.73 -26.66 6.77
C ALA A 704 -12.83 -25.62 6.96
N SER A 705 -13.06 -24.83 5.92
CA SER A 705 -14.09 -23.81 5.97
C SER A 705 -15.47 -24.44 5.76
N SER A 706 -16.45 -23.94 6.51
CA SER A 706 -17.80 -24.45 6.38
C SER A 706 -18.39 -24.04 5.02
N PRO A 707 -19.20 -24.89 4.41
CA PRO A 707 -19.80 -24.54 3.10
C PRO A 707 -20.87 -23.48 3.23
N ILE A 708 -20.46 -22.23 3.44
CA ILE A 708 -21.40 -21.13 3.61
C ILE A 708 -21.06 -20.02 2.63
N PRO A 709 -22.04 -19.50 1.88
CA PRO A 709 -21.76 -18.35 1.00
C PRO A 709 -21.43 -17.10 1.81
N TRP A 710 -20.65 -16.22 1.20
CA TRP A 710 -20.18 -15.00 1.86
C TRP A 710 -21.23 -13.91 1.67
N HIS A 711 -22.24 -13.93 2.55
CA HIS A 711 -23.37 -13.00 2.44
C HIS A 711 -23.64 -12.19 3.69
N CYS A 712 -22.83 -12.31 4.74
CA CYS A 712 -23.01 -11.55 5.96
C CYS A 712 -21.76 -10.73 6.29
N SER A 713 -21.98 -9.57 6.90
CA SER A 713 -20.92 -8.62 7.22
C SER A 713 -20.19 -9.00 8.51
N LEU A 714 -19.42 -8.05 9.05
CA LEU A 714 -18.54 -8.27 10.20
C LEU A 714 -19.23 -8.00 11.53
N GLN A 715 -20.51 -8.32 11.63
CA GLN A 715 -21.27 -8.15 12.86
C GLN A 715 -20.55 -8.74 14.05
N ARG A 716 -20.17 -7.89 15.00
CA ARG A 716 -19.57 -8.31 16.27
C ARG A 716 -20.47 -8.08 17.46
N CYS A 717 -21.29 -7.03 17.44
CA CYS A 717 -22.30 -6.70 18.43
C CYS A 717 -23.69 -6.86 17.81
N PRO A 718 -24.72 -7.14 18.61
CA PRO A 718 -26.03 -7.44 18.03
C PRO A 718 -26.62 -6.23 17.33
N LEU A 719 -27.72 -6.49 16.62
CA LEU A 719 -28.41 -5.41 15.91
C LEU A 719 -28.82 -4.24 16.82
N PRO A 720 -29.36 -4.45 18.03
CA PRO A 720 -29.76 -3.28 18.83
C PRO A 720 -28.64 -2.29 19.11
N ILE A 721 -27.43 -2.76 19.35
CA ILE A 721 -26.32 -1.84 19.58
C ILE A 721 -26.01 -1.05 18.31
N ILE A 722 -26.04 -1.71 17.15
CA ILE A 722 -25.79 -1.03 15.89
C ILE A 722 -26.85 0.03 15.63
N MET A 723 -28.12 -0.30 15.89
CA MET A 723 -29.19 0.70 15.75
C MET A 723 -29.02 1.85 16.74
N HIS A 724 -28.57 1.56 17.96
CA HIS A 724 -28.31 2.62 18.94
C HIS A 724 -27.24 3.57 18.44
N TYR A 725 -26.15 3.04 17.88
CA TYR A 725 -25.03 3.87 17.48
C TYR A 725 -25.15 4.45 16.08
N THR A 726 -26.10 3.99 15.28
CA THR A 726 -26.28 4.49 13.91
C THR A 726 -27.62 5.12 13.64
N GLY A 727 -28.66 4.76 14.38
CA GLY A 727 -30.00 5.24 14.11
C GLY A 727 -30.81 4.36 13.18
N LEU A 728 -30.33 3.16 12.87
CA LEU A 728 -31.09 2.23 12.05
C LEU A 728 -32.40 1.88 12.72
N HIS A 729 -33.49 1.91 11.95
CA HIS A 729 -34.82 1.61 12.46
C HIS A 729 -35.29 0.31 11.83
N PHE A 730 -35.65 -0.66 12.67
CA PHE A 730 -36.09 -1.98 12.23
C PHE A 730 -37.36 -2.39 12.96
N GLY A 731 -38.30 -1.46 13.12
CA GLY A 731 -39.54 -1.74 13.79
C GLY A 731 -40.50 -2.53 12.94
N GLN A 732 -41.77 -2.60 13.36
CA GLN A 732 -42.78 -3.36 12.65
C GLN A 732 -43.48 -2.55 11.57
N GLU A 733 -43.15 -1.27 11.43
CA GLU A 733 -43.72 -0.46 10.35
C GLU A 733 -43.12 -0.82 9.00
N HIS A 734 -41.98 -1.51 8.97
CA HIS A 734 -41.35 -1.91 7.72
C HIS A 734 -41.71 -3.32 7.30
N ILE A 735 -42.60 -3.99 8.03
CA ILE A 735 -43.06 -5.32 7.67
C ILE A 735 -44.35 -5.18 6.87
N THR A 736 -44.33 -5.68 5.64
CA THR A 736 -45.49 -5.55 4.77
C THR A 736 -46.52 -6.62 5.09
N VAL A 737 -47.79 -6.21 5.17
CA VAL A 737 -48.91 -7.12 5.40
C VAL A 737 -49.85 -7.17 4.20
N ARG A 738 -50.07 -6.03 3.55
CA ARG A 738 -50.91 -5.94 2.36
C ARG A 738 -50.04 -5.55 1.16
N ASP A 739 -50.69 -5.35 0.02
CA ASP A 739 -50.00 -4.98 -1.20
C ASP A 739 -49.75 -3.47 -1.24
N VAL A 743 -47.19 -0.73 -8.41
CA VAL A 743 -48.03 -1.88 -8.09
C VAL A 743 -47.36 -3.16 -8.59
N GLU A 744 -46.37 -3.00 -9.47
CA GLU A 744 -45.67 -4.14 -10.07
C GLU A 744 -44.17 -3.96 -9.87
N GLY A 745 -43.67 -4.41 -8.71
CA GLY A 745 -42.26 -4.60 -8.51
C GLY A 745 -41.81 -6.03 -8.66
N LEU A 746 -42.70 -6.93 -9.09
CA LEU A 746 -42.40 -8.34 -9.24
C LEU A 746 -41.74 -8.62 -10.58
N GLN A 747 -41.07 -9.77 -10.65
CA GLN A 747 -40.50 -10.25 -11.90
C GLN A 747 -40.57 -11.76 -11.94
N GLN A 748 -40.98 -12.31 -13.07
CA GLN A 748 -41.03 -13.75 -13.24
C GLN A 748 -39.66 -14.24 -13.72
N ILE A 749 -39.07 -15.16 -12.96
CA ILE A 749 -37.79 -15.76 -13.28
C ILE A 749 -38.07 -17.10 -13.94
N VAL A 750 -37.56 -17.27 -15.16
CA VAL A 750 -37.77 -18.46 -15.97
C VAL A 750 -36.41 -19.07 -16.30
N MET A 751 -36.30 -20.39 -16.12
CA MET A 751 -35.08 -21.11 -16.45
C MET A 751 -35.48 -22.42 -17.12
N ARG A 752 -34.78 -22.77 -18.19
CA ARG A 752 -35.03 -24.00 -18.92
C ARG A 752 -33.78 -24.86 -18.95
N ASN A 753 -33.97 -26.16 -19.09
CA ASN A 753 -32.87 -27.12 -19.16
C ASN A 753 -32.61 -27.49 -20.62
N ASP A 754 -31.73 -28.47 -20.83
CA ASP A 754 -31.37 -28.88 -22.17
C ASP A 754 -32.53 -29.48 -22.95
N GLN A 755 -33.58 -29.93 -22.26
CA GLN A 755 -34.77 -30.45 -22.92
C GLN A 755 -35.82 -29.38 -23.19
N GLY A 756 -35.54 -28.12 -22.86
CA GLY A 756 -36.47 -27.05 -23.11
C GLY A 756 -37.63 -26.94 -22.15
N LYS A 757 -37.56 -27.62 -21.01
CA LYS A 757 -38.64 -27.59 -20.02
C LYS A 757 -38.33 -26.55 -18.96
N ILE A 758 -39.32 -25.72 -18.64
CA ILE A 758 -39.15 -24.70 -17.61
C ILE A 758 -39.04 -25.36 -16.26
N VAL A 759 -38.02 -24.95 -15.48
CA VAL A 759 -37.70 -25.62 -14.22
C VAL A 759 -37.71 -24.67 -13.02
N VAL A 760 -37.92 -23.36 -13.23
CA VAL A 760 -37.96 -22.46 -12.09
C VAL A 760 -39.31 -21.73 -12.05
N ASP A 761 -39.56 -20.88 -13.04
CA ASP A 761 -40.83 -20.16 -13.22
C ASP A 761 -41.40 -19.65 -11.90
N ALA A 762 -40.64 -18.77 -11.25
CA ALA A 762 -41.02 -18.31 -9.92
C ALA A 762 -40.96 -16.79 -9.84
N LEU A 763 -41.85 -16.21 -9.03
CA LEU A 763 -41.85 -14.77 -8.85
C LEU A 763 -40.67 -14.35 -7.97
N GLY A 764 -40.25 -13.09 -8.13
CA GLY A 764 -39.13 -12.58 -7.37
C GLY A 764 -39.14 -11.07 -7.31
N THR A 765 -38.47 -10.54 -6.29
CA THR A 765 -38.33 -9.10 -6.08
C THR A 765 -36.85 -8.75 -6.02
N ALA A 766 -36.46 -7.71 -6.75
CA ALA A 766 -35.05 -7.33 -6.83
C ALA A 766 -34.57 -6.76 -5.51
N ALA A 767 -33.40 -7.21 -5.06
CA ALA A 767 -32.79 -6.64 -3.88
C ALA A 767 -32.40 -5.19 -4.15
N PRO A 768 -32.53 -4.30 -3.16
CA PRO A 768 -32.20 -2.89 -3.40
C PRO A 768 -30.70 -2.70 -3.60
N SER A 769 -30.37 -1.65 -4.35
CA SER A 769 -29.00 -1.25 -4.57
C SER A 769 -28.55 -0.30 -3.46
N ARG A 770 -27.24 -0.24 -3.25
CA ARG A 770 -26.70 0.64 -2.22
C ARG A 770 -27.00 2.11 -2.53
N LEU A 771 -27.09 2.46 -3.81
CA LEU A 771 -27.49 3.82 -4.17
C LEU A 771 -28.92 4.11 -3.73
N ALA A 772 -29.83 3.14 -3.93
CA ALA A 772 -31.22 3.34 -3.51
C ALA A 772 -31.32 3.50 -2.00
N VAL A 773 -30.54 2.72 -1.25
CA VAL A 773 -30.50 2.88 0.21
C VAL A 773 -29.91 4.23 0.58
N LYS A 774 -28.92 4.69 -0.19
CA LYS A 774 -28.34 6.01 0.06
C LYS A 774 -29.38 7.11 -0.12
N LEU A 775 -30.20 7.03 -1.15
CA LEU A 775 -31.24 8.03 -1.36
C LEU A 775 -32.48 7.79 -0.51
N ASP A 776 -32.62 6.62 0.10
CA ASP A 776 -33.77 6.34 0.96
C ASP A 776 -33.35 5.23 1.91
N TRP A 777 -33.18 5.59 3.19
CA TRP A 777 -32.70 4.62 4.17
C TRP A 777 -33.80 3.69 4.68
N SER A 778 -35.06 3.93 4.31
CA SER A 778 -36.11 2.96 4.61
C SER A 778 -36.05 1.75 3.71
N ARG A 779 -35.32 1.83 2.59
CA ARG A 779 -35.11 0.65 1.75
C ARG A 779 -34.30 -0.40 2.49
N LEU A 780 -33.31 0.03 3.28
CA LEU A 780 -32.56 -0.92 4.10
C LEU A 780 -33.43 -1.49 5.21
N SER A 781 -34.33 -0.68 5.78
CA SER A 781 -35.25 -1.17 6.80
C SER A 781 -36.18 -2.23 6.22
N ALA A 782 -36.66 -2.01 4.99
CA ALA A 782 -37.53 -2.98 4.34
C ALA A 782 -36.77 -4.20 3.85
N TRP A 783 -35.49 -4.05 3.50
CA TRP A 783 -34.68 -5.20 3.13
C TRP A 783 -34.51 -6.14 4.31
N TYR A 784 -34.26 -5.59 5.50
CA TYR A 784 -34.48 -6.35 6.72
C TYR A 784 -35.97 -6.63 6.88
N SER A 785 -36.29 -7.73 7.55
CA SER A 785 -37.65 -8.24 7.71
C SER A 785 -38.23 -8.75 6.40
N ASP A 786 -37.44 -8.78 5.33
CA ASP A 786 -37.77 -9.50 4.12
C ASP A 786 -36.91 -10.73 3.91
N THR A 787 -35.68 -10.71 4.41
CA THR A 787 -34.78 -11.85 4.37
C THR A 787 -34.45 -12.39 5.75
N THR A 788 -35.09 -11.89 6.80
CA THR A 788 -34.78 -12.26 8.17
C THR A 788 -35.85 -13.23 8.71
N CYS A 789 -35.38 -14.32 9.31
CA CYS A 789 -36.25 -15.29 9.96
C CYS A 789 -35.68 -15.66 11.32
N ALA A 790 -36.57 -16.04 12.24
CA ALA A 790 -36.14 -16.47 13.56
C ALA A 790 -35.34 -17.77 13.46
N ILE A 791 -34.27 -17.85 14.24
CA ILE A 791 -33.36 -19.00 14.20
C ILE A 791 -33.94 -20.13 15.05
N PRO A 792 -34.21 -21.30 14.47
CA PRO A 792 -34.73 -22.41 15.26
C PRO A 792 -33.68 -22.99 16.20
N LEU A 793 -34.17 -23.61 17.28
CA LEU A 793 -33.30 -24.14 18.32
C LEU A 793 -33.10 -25.65 18.23
N SER A 794 -34.16 -26.42 17.99
CA SER A 794 -34.07 -27.87 18.03
C SER A 794 -33.84 -28.52 16.67
N ASP A 795 -34.21 -27.85 15.58
CA ASP A 795 -34.05 -28.39 14.24
C ASP A 795 -33.33 -27.36 13.36
N ARG A 796 -32.69 -27.88 12.30
CA ARG A 796 -31.91 -27.06 11.39
C ARG A 796 -32.71 -26.64 10.16
N VAL A 797 -34.02 -26.50 10.29
CA VAL A 797 -34.89 -26.08 9.19
C VAL A 797 -35.54 -24.78 9.59
N MET A 798 -35.35 -23.74 8.78
CA MET A 798 -35.93 -22.43 9.04
C MET A 798 -37.24 -22.27 8.27
N GLU A 799 -38.07 -21.34 8.74
CA GLU A 799 -39.35 -21.07 8.13
C GLU A 799 -39.25 -20.13 6.93
N ILE A 800 -38.07 -19.57 6.67
CA ILE A 800 -37.87 -18.76 5.48
C ILE A 800 -37.50 -19.64 4.28
N ILE A 801 -36.90 -20.80 4.52
CA ILE A 801 -36.52 -21.70 3.44
C ILE A 801 -37.73 -22.21 2.70
N ASN A 802 -38.83 -22.47 3.41
CA ASN A 802 -40.03 -23.00 2.78
C ASN A 802 -40.68 -22.05 1.79
N TYR A 803 -40.30 -20.77 1.80
CA TYR A 803 -40.95 -19.79 0.94
C TYR A 803 -40.02 -18.98 0.05
N ALA A 804 -38.76 -18.75 0.44
CA ALA A 804 -37.93 -17.81 -0.27
C ALA A 804 -36.53 -18.37 -0.48
N ALA A 805 -35.83 -17.78 -1.45
CA ALA A 805 -34.44 -18.12 -1.74
C ALA A 805 -33.77 -16.91 -2.38
N ILE A 806 -32.45 -16.96 -2.47
CA ILE A 806 -31.65 -15.89 -3.08
C ILE A 806 -31.26 -16.34 -4.48
N TRP A 807 -31.61 -15.52 -5.48
CA TRP A 807 -31.38 -15.84 -6.88
C TRP A 807 -30.38 -14.84 -7.44
N ASP A 808 -29.17 -15.30 -7.75
CA ASP A 808 -28.11 -14.45 -8.27
C ASP A 808 -27.77 -14.87 -9.70
N PRO A 809 -28.24 -14.13 -10.71
CA PRO A 809 -28.01 -14.55 -12.10
C PRO A 809 -26.53 -14.67 -12.48
N THR A 810 -25.67 -13.83 -11.91
CA THR A 810 -24.25 -13.87 -12.26
C THR A 810 -23.53 -15.10 -11.75
N GLN A 811 -24.16 -15.87 -10.85
CA GLN A 811 -23.55 -17.09 -10.35
C GLN A 811 -23.84 -18.25 -11.30
N GLU A 812 -22.91 -19.21 -11.33
CA GLU A 812 -23.09 -20.38 -12.18
C GLU A 812 -24.29 -21.20 -11.73
N ARG A 813 -24.39 -21.46 -10.43
CA ARG A 813 -25.60 -22.00 -9.81
C ARG A 813 -26.22 -20.85 -9.03
N ARG A 814 -27.38 -20.40 -9.47
CA ARG A 814 -27.88 -19.08 -9.14
C ARG A 814 -28.70 -19.02 -7.86
N ALA A 815 -28.86 -20.12 -7.15
CA ALA A 815 -29.68 -20.15 -5.94
C ALA A 815 -28.81 -20.39 -4.70
N THR A 816 -29.17 -19.71 -3.61
CA THR A 816 -28.47 -19.85 -2.34
C THR A 816 -29.49 -19.63 -1.22
N GLY A 817 -28.99 -19.41 0.00
CA GLY A 817 -29.84 -19.17 1.15
C GLY A 817 -29.50 -17.92 1.93
N PHE A 818 -29.46 -18.03 3.26
CA PHE A 818 -29.19 -16.91 4.14
C PHE A 818 -28.15 -17.33 5.18
N VAL A 819 -27.33 -16.37 5.61
CA VAL A 819 -26.12 -16.65 6.36
C VAL A 819 -26.28 -16.35 7.85
N TYR A 820 -26.89 -15.22 8.21
CA TYR A 820 -27.40 -15.04 9.57
C TYR A 820 -26.37 -15.20 10.68
N THR A 821 -25.42 -14.26 10.82
CA THR A 821 -24.50 -14.33 11.95
C THR A 821 -25.25 -14.52 13.26
N TYR A 822 -24.80 -15.50 14.04
CA TYR A 822 -25.59 -16.10 15.12
C TYR A 822 -24.79 -16.04 16.42
N PHE A 823 -25.38 -15.47 17.47
CA PHE A 823 -24.62 -15.29 18.70
C PHE A 823 -24.65 -16.54 19.59
N SER A 824 -25.80 -16.82 20.23
CA SER A 824 -26.03 -17.99 21.06
C SER A 824 -27.43 -17.93 21.66
N PRO A 825 -27.98 -19.04 22.15
CA PRO A 825 -29.14 -18.95 23.04
C PRO A 825 -28.73 -18.58 24.45
N ASN A 826 -27.59 -19.12 24.91
CA ASN A 826 -27.10 -18.79 26.25
C ASN A 826 -26.67 -17.32 26.32
N PHE A 827 -26.02 -16.83 25.27
CA PHE A 827 -25.59 -15.43 25.27
C PHE A 827 -26.78 -14.50 25.40
N LEU A 828 -27.86 -14.76 24.65
CA LEU A 828 -29.05 -13.93 24.74
C LEU A 828 -29.83 -14.17 26.03
N SER A 829 -29.71 -15.36 26.62
CA SER A 829 -30.26 -15.58 27.95
C SER A 829 -29.56 -14.70 28.97
N SER A 830 -28.26 -14.47 28.78
CA SER A 830 -27.54 -13.53 29.63
C SER A 830 -28.04 -12.10 29.48
N PHE A 831 -28.77 -11.79 28.40
CA PHE A 831 -29.29 -10.45 28.18
C PHE A 831 -30.49 -10.13 29.06
N ASN A 832 -31.08 -11.12 29.72
CA ASN A 832 -32.32 -10.89 30.46
C ASN A 832 -32.09 -9.99 31.67
N ALA A 833 -31.00 -10.21 32.39
CA ALA A 833 -30.69 -9.38 33.54
C ALA A 833 -30.31 -7.97 33.10
N SER A 834 -30.81 -6.97 33.84
CA SER A 834 -30.50 -5.59 33.54
C SER A 834 -29.08 -5.21 33.94
N GLU A 835 -28.44 -5.99 34.80
CA GLU A 835 -27.08 -5.77 35.22
C GLU A 835 -26.30 -7.07 35.09
N PRO A 836 -25.07 -7.02 34.58
CA PRO A 836 -24.32 -8.27 34.32
C PRO A 836 -23.84 -8.94 35.59
N ILE A 837 -24.78 -9.39 36.43
CA ILE A 837 -24.48 -10.19 37.62
C ILE A 837 -25.30 -11.46 37.53
N PHE A 838 -24.63 -12.61 37.55
CA PHE A 838 -25.29 -13.91 37.46
C PHE A 838 -24.57 -14.85 38.42
N ASN A 839 -25.15 -15.10 39.61
CA ASN A 839 -24.54 -16.04 40.54
C ASN A 839 -25.42 -17.27 40.77
N THR A 840 -26.56 -17.13 41.44
CA THR A 840 -27.55 -18.21 41.51
C THR A 840 -28.97 -17.70 41.37
N SER A 841 -29.25 -16.55 41.99
CA SER A 841 -30.62 -16.10 42.20
C SER A 841 -31.16 -15.26 41.05
N ILE A 842 -30.32 -14.92 40.08
CA ILE A 842 -30.79 -14.14 38.93
C ILE A 842 -31.68 -15.03 38.06
N ASN A 843 -32.83 -14.49 37.67
CA ASN A 843 -33.79 -15.21 36.84
C ASN A 843 -33.52 -14.85 35.38
N LEU A 844 -32.89 -15.76 34.66
CA LEU A 844 -32.57 -15.57 33.25
C LEU A 844 -33.57 -16.26 32.32
N THR A 845 -34.68 -16.76 32.87
CA THR A 845 -35.68 -17.42 32.04
C THR A 845 -36.37 -16.41 31.13
N PRO A 846 -36.79 -16.84 29.94
CA PRO A 846 -37.45 -15.92 29.03
C PRO A 846 -38.76 -15.42 29.63
N PRO A 847 -39.17 -14.20 29.29
CA PRO A 847 -40.37 -13.62 29.91
C PRO A 847 -41.64 -14.31 29.46
N TYR A 848 -42.50 -14.62 30.43
CA TYR A 848 -43.82 -15.22 30.18
C TYR A 848 -43.69 -16.45 29.27
N ASP A 849 -42.73 -17.31 29.59
CA ASP A 849 -42.43 -18.44 28.73
C ASP A 849 -43.60 -19.43 28.69
N ASP A 850 -43.96 -19.87 27.48
CA ASP A 850 -45.06 -20.80 27.29
C ASP A 850 -44.59 -22.14 26.75
N THR A 851 -43.85 -22.16 25.64
CA THR A 851 -43.38 -23.41 25.05
C THR A 851 -41.86 -23.46 24.99
N THR A 854 -38.42 -22.12 21.25
CA THR A 854 -37.81 -22.92 20.19
C THR A 854 -37.24 -22.03 19.09
N VAL A 855 -37.01 -20.76 19.42
CA VAL A 855 -36.42 -19.79 18.51
C VAL A 855 -35.28 -19.08 19.24
N ILE A 856 -34.17 -18.87 18.55
CA ILE A 856 -32.94 -18.37 19.16
C ILE A 856 -32.74 -16.88 18.90
N GLN A 857 -33.76 -16.18 18.39
CA GLN A 857 -33.71 -14.73 18.20
C GLN A 857 -32.73 -14.32 17.11
N ASN A 858 -33.13 -13.40 16.23
CA ASN A 858 -32.33 -13.00 15.09
C ASN A 858 -31.86 -11.56 15.29
N LEU A 859 -30.58 -11.39 15.65
CA LEU A 859 -29.91 -10.09 15.68
C LEU A 859 -28.67 -10.26 14.81
N SER A 860 -28.83 -10.05 13.51
CA SER A 860 -27.80 -10.50 12.58
C SER A 860 -27.46 -9.53 11.45
N MET A 861 -28.16 -8.39 11.31
CA MET A 861 -28.00 -7.47 10.20
C MET A 861 -28.44 -8.16 8.90
N PRO A 862 -29.08 -7.44 7.98
CA PRO A 862 -29.55 -8.08 6.74
C PRO A 862 -28.38 -8.59 5.89
N GLN A 863 -28.74 -9.31 4.83
CA GLN A 863 -27.75 -9.77 3.87
C GLN A 863 -27.18 -8.59 3.09
N MET A 864 -25.92 -8.73 2.66
CA MET A 864 -25.29 -7.62 1.94
C MET A 864 -26.04 -7.32 0.65
N LEU A 865 -26.10 -6.05 0.31
CA LEU A 865 -26.71 -5.61 -0.95
C LEU A 865 -25.83 -5.92 -2.16
N SER A 866 -24.59 -6.36 -1.93
CA SER A 866 -23.69 -6.76 -3.00
C SER A 866 -22.76 -7.83 -2.48
N PHE A 867 -22.47 -8.82 -3.34
CA PHE A 867 -21.61 -9.93 -2.98
C PHE A 867 -20.19 -9.76 -3.51
N ASP A 868 -19.88 -8.60 -4.09
CA ASP A 868 -18.53 -8.28 -4.53
C ASP A 868 -18.16 -6.88 -4.03
N PRO A 869 -16.92 -6.69 -3.59
CA PRO A 869 -16.51 -5.36 -3.09
C PRO A 869 -16.51 -4.29 -4.16
N TYR A 870 -16.44 -4.63 -5.44
CA TYR A 870 -16.33 -3.61 -6.48
C TYR A 870 -17.37 -3.78 -7.58
N TYR A 871 -17.78 -5.01 -7.86
CA TYR A 871 -18.72 -5.28 -8.93
C TYR A 871 -20.15 -5.09 -8.43
N GLU A 872 -20.92 -4.28 -9.16
CA GLU A 872 -22.32 -4.02 -8.82
C GLU A 872 -23.21 -4.86 -9.73
N SER A 873 -23.98 -5.76 -9.13
CA SER A 873 -24.92 -6.60 -9.85
C SER A 873 -26.17 -6.77 -9.01
N THR A 874 -27.28 -7.08 -9.68
CA THR A 874 -28.58 -7.19 -9.03
C THR A 874 -28.95 -8.66 -8.87
N PHE A 875 -29.36 -9.03 -7.66
CA PHE A 875 -29.92 -10.34 -7.37
C PHE A 875 -31.34 -10.16 -6.85
N TYR A 876 -32.02 -11.28 -6.60
CA TYR A 876 -33.43 -11.27 -6.30
C TYR A 876 -33.73 -12.15 -5.09
N VAL A 877 -34.83 -11.86 -4.42
CA VAL A 877 -35.45 -12.76 -3.47
C VAL A 877 -36.61 -13.42 -4.19
N VAL A 878 -36.56 -14.74 -4.33
CA VAL A 878 -37.45 -15.49 -5.22
C VAL A 878 -38.29 -16.44 -4.39
N SER A 879 -39.59 -16.46 -4.67
CA SER A 879 -40.50 -17.38 -4.01
C SER A 879 -40.20 -18.83 -4.40
N ALA A 880 -40.51 -19.75 -3.48
CA ALA A 880 -40.13 -21.14 -3.65
C ALA A 880 -41.29 -22.12 -3.65
N ASP A 881 -42.48 -21.73 -3.17
CA ASP A 881 -43.58 -22.71 -3.04
C ASP A 881 -44.48 -22.71 -4.27
N ASN A 882 -45.17 -21.58 -4.52
CA ASN A 882 -46.15 -21.37 -5.58
C ASN A 882 -47.18 -20.33 -5.16
N GLU A 883 -47.70 -20.47 -3.95
CA GLU A 883 -48.83 -19.67 -3.47
C GLU A 883 -48.39 -18.43 -2.69
N TRP A 884 -47.09 -18.19 -2.56
CA TRP A 884 -46.60 -17.01 -1.87
C TRP A 884 -46.15 -15.97 -2.89
N ILE A 885 -46.72 -14.77 -2.80
CA ILE A 885 -46.35 -13.65 -3.65
C ILE A 885 -45.39 -12.77 -2.86
N PRO A 886 -44.16 -12.55 -3.34
CA PRO A 886 -43.16 -11.82 -2.53
C PRO A 886 -43.55 -10.40 -2.18
N THR A 887 -44.42 -9.76 -2.96
CA THR A 887 -44.83 -8.39 -2.67
C THR A 887 -45.99 -8.31 -1.69
N SER A 888 -46.56 -9.44 -1.29
CA SER A 888 -47.62 -9.47 -0.30
C SER A 888 -47.10 -9.47 1.13
N GLY A 889 -45.78 -9.48 1.32
CA GLY A 889 -45.19 -9.51 2.63
C GLY A 889 -44.65 -10.88 2.99
N PRO A 890 -43.69 -10.92 3.91
CA PRO A 890 -43.12 -12.20 4.31
C PRO A 890 -44.15 -13.10 4.97
N ALA A 891 -43.96 -14.40 4.81
CA ALA A 891 -44.91 -15.41 5.29
C ALA A 891 -44.30 -16.33 6.34
N TRP A 892 -43.47 -15.78 7.21
CA TRP A 892 -42.81 -16.56 8.25
C TRP A 892 -42.75 -15.72 9.53
N LYS A 893 -41.94 -16.16 10.48
CA LYS A 893 -41.71 -15.41 11.71
C LYS A 893 -40.74 -14.27 11.41
N VAL A 894 -41.27 -13.05 11.35
CA VAL A 894 -40.53 -11.88 10.88
C VAL A 894 -40.16 -11.03 12.08
N PRO A 895 -38.89 -10.94 12.45
CA PRO A 895 -38.51 -10.15 13.63
C PRO A 895 -38.65 -8.65 13.40
N TYR A 896 -38.77 -7.94 14.52
CA TYR A 896 -38.71 -6.48 14.52
C TYR A 896 -38.07 -6.04 15.83
N LEU A 897 -37.48 -4.84 15.81
CA LEU A 897 -36.68 -4.37 16.93
C LEU A 897 -36.96 -2.90 17.21
N GLU A 898 -36.73 -2.51 18.46
CA GLU A 898 -36.78 -1.12 18.87
C GLU A 898 -35.75 -0.90 19.97
N ASN A 899 -35.37 0.35 20.17
CA ASN A 899 -34.27 0.64 21.10
C ASN A 899 -34.74 0.79 22.54
N VAL A 900 -35.73 1.64 22.80
CA VAL A 900 -36.37 1.76 24.11
C VAL A 900 -35.41 2.34 25.15
N VAL A 901 -35.75 3.51 25.69
CA VAL A 901 -34.94 4.12 26.75
C VAL A 901 -35.37 3.62 28.12
N LYS A 902 -36.67 3.65 28.39
CA LYS A 902 -37.20 3.32 29.71
C LYS A 902 -37.39 1.81 29.81
N ARG A 903 -36.64 1.18 30.71
CA ARG A 903 -36.74 -0.26 30.92
C ARG A 903 -38.09 -0.58 31.56
N SER A 904 -39.01 -1.14 30.77
CA SER A 904 -40.33 -1.48 31.24
C SER A 904 -40.41 -2.98 31.56
N GLY A 905 -41.57 -3.40 32.07
CA GLY A 905 -41.79 -4.78 32.43
C GLY A 905 -42.41 -5.58 31.31
N ARG A 906 -42.67 -6.86 31.61
CA ARG A 906 -43.26 -7.77 30.65
C ARG A 906 -44.71 -7.39 30.37
N ARG A 907 -45.11 -7.48 29.11
CA ARG A 907 -46.50 -7.26 28.72
C ARG A 907 -46.98 -8.45 27.91
N LEU A 908 -48.13 -8.99 28.28
CA LEU A 908 -48.73 -10.12 27.57
C LEU A 908 -49.70 -9.56 26.53
N LEU A 909 -49.30 -9.58 25.27
CA LEU A 909 -50.12 -9.06 24.18
C LEU A 909 -50.72 -10.20 23.38
N ALA A 910 -51.78 -9.89 22.65
CA ALA A 910 -52.47 -10.86 21.82
C ALA A 910 -52.62 -10.30 20.41
N GLU A 911 -52.23 -11.09 19.42
CA GLU A 911 -52.44 -10.76 18.02
C GLU A 911 -53.59 -11.61 17.49
N LEU A 912 -54.56 -10.96 16.86
CA LEU A 912 -55.84 -11.55 16.50
C LEU A 912 -56.18 -11.18 15.07
N ARG A 913 -57.25 -11.80 14.56
CA ARG A 913 -57.82 -11.39 13.29
C ARG A 913 -58.78 -10.23 13.48
N ILE A 914 -58.90 -9.40 12.46
CA ILE A 914 -59.87 -8.30 12.45
C ILE A 914 -61.12 -8.79 11.74
N ALA A 915 -62.23 -8.91 12.49
CA ALA A 915 -63.44 -9.53 11.96
C ALA A 915 -64.69 -8.66 12.14
N SER A 916 -64.52 -7.37 12.44
CA SER A 916 -65.62 -6.40 12.54
C SER A 916 -66.53 -6.67 13.73
N ASN A 917 -66.28 -7.76 14.46
CA ASN A 917 -66.94 -8.02 15.73
C ASN A 917 -65.95 -8.15 16.87
N ASN A 918 -64.73 -7.64 16.68
CA ASN A 918 -63.69 -7.71 17.70
C ASN A 918 -64.07 -6.79 18.85
N GLY A 919 -64.46 -7.38 19.98
CA GLY A 919 -64.82 -6.60 21.14
C GLY A 919 -64.02 -6.96 22.37
N SER A 920 -63.19 -6.05 22.84
CA SER A 920 -62.38 -6.24 24.03
C SER A 920 -62.55 -5.05 24.95
N GLY A 921 -62.44 -5.31 26.26
CA GLY A 921 -62.67 -4.26 27.24
C GLY A 921 -61.69 -3.10 27.10
N ASP A 922 -60.41 -3.42 26.87
CA ASP A 922 -59.41 -2.37 26.74
C ASP A 922 -59.66 -1.51 25.50
N ARG A 923 -60.02 -2.13 24.38
CA ARG A 923 -60.30 -1.37 23.16
C ARG A 923 -61.60 -0.58 23.26
N THR A 924 -62.49 -0.93 24.18
CA THR A 924 -63.76 -0.25 24.30
C THR A 924 -63.72 0.89 25.31
N PHE A 925 -63.09 0.68 26.46
CA PHE A 925 -63.11 1.65 27.55
C PHE A 925 -61.79 2.40 27.71
N LEU A 926 -60.67 1.84 27.28
CA LEU A 926 -59.38 2.48 27.41
C LEU A 926 -58.92 3.14 26.11
N ASP A 927 -59.86 3.60 25.29
CA ASP A 927 -59.55 4.27 24.04
C ASP A 927 -59.44 5.77 24.18
N ASP A 928 -59.54 6.31 25.39
CA ASP A 928 -59.45 7.75 25.59
C ASP A 928 -58.09 8.28 25.15
N VAL A 929 -57.02 7.64 25.58
CA VAL A 929 -55.67 8.05 25.19
C VAL A 929 -54.91 6.85 24.61
N LYS B 71 -9.16 18.66 -25.26
CA LYS B 71 -8.98 18.08 -26.59
C LYS B 71 -9.00 16.55 -26.52
N THR B 72 -9.14 15.92 -27.68
CA THR B 72 -9.18 14.48 -27.79
C THR B 72 -8.26 14.03 -28.93
N LEU B 73 -8.13 12.72 -29.10
CA LEU B 73 -7.34 12.18 -30.19
C LEU B 73 -7.92 12.54 -31.56
N TYR B 74 -9.23 12.81 -31.63
CA TYR B 74 -9.83 13.24 -32.88
C TYR B 74 -9.34 14.62 -33.29
N ASN B 75 -9.10 15.50 -32.31
CA ASN B 75 -8.58 16.83 -32.60
C ASN B 75 -7.12 16.76 -33.05
N TYR B 76 -6.33 15.89 -32.43
CA TYR B 76 -4.91 15.79 -32.77
C TYR B 76 -4.68 15.08 -34.10
N TYR B 77 -5.53 14.12 -34.45
CA TYR B 77 -5.40 13.42 -35.72
C TYR B 77 -5.88 14.26 -36.90
N SER B 78 -6.54 15.39 -36.64
CA SER B 78 -7.02 16.27 -37.69
C SER B 78 -6.14 17.49 -37.90
N GLU B 79 -5.01 17.58 -37.20
CA GLU B 79 -4.12 18.72 -37.30
C GLU B 79 -2.70 18.24 -37.63
N GLY B 80 -1.99 19.06 -38.39
CA GLY B 80 -0.65 18.72 -38.81
C GLY B 80 0.40 19.69 -38.29
N PRO B 81 1.66 19.44 -38.62
CA PRO B 81 2.74 20.32 -38.16
C PRO B 81 2.66 21.71 -38.78
N SER B 82 3.20 22.68 -38.07
CA SER B 82 3.23 24.07 -38.50
C SER B 82 4.67 24.52 -38.68
N THR B 83 4.84 25.74 -39.22
CA THR B 83 6.18 26.24 -39.51
C THR B 83 7.06 26.39 -38.27
N PRO B 84 6.60 27.05 -37.18
CA PRO B 84 7.37 26.94 -35.93
C PRO B 84 7.15 25.55 -35.35
N ILE B 85 8.15 24.68 -35.49
CA ILE B 85 7.89 23.25 -35.36
C ILE B 85 8.23 22.74 -33.97
N MET B 86 9.24 23.33 -33.32
CA MET B 86 9.54 22.93 -31.95
C MET B 86 8.41 23.28 -30.98
N PRO B 87 7.86 24.50 -30.97
CA PRO B 87 6.70 24.74 -30.09
C PRO B 87 5.51 23.85 -30.42
N HIS B 88 5.27 23.59 -31.71
CA HIS B 88 4.17 22.71 -32.09
C HIS B 88 4.37 21.31 -31.54
N LEU B 89 5.55 20.74 -31.72
CA LEU B 89 5.81 19.39 -31.24
C LEU B 89 5.76 19.32 -29.72
N VAL B 90 6.29 20.33 -29.04
CA VAL B 90 6.31 20.32 -27.58
C VAL B 90 4.89 20.43 -27.03
N ASN B 91 4.08 21.34 -27.60
CA ASN B 91 2.70 21.47 -27.15
C ASN B 91 1.89 20.21 -27.45
N ARG B 92 2.14 19.60 -28.61
CA ARG B 92 1.46 18.35 -28.95
C ARG B 92 1.83 17.24 -27.96
N LEU B 93 3.11 17.15 -27.60
CA LEU B 93 3.54 16.14 -26.63
C LEU B 93 2.93 16.40 -25.26
N ARG B 94 2.83 17.67 -24.85
CA ARG B 94 2.19 17.98 -23.58
C ARG B 94 0.70 17.60 -23.61
N GLY B 95 0.03 17.89 -24.72
CA GLY B 95 -1.37 17.51 -24.83
C GLY B 95 -1.58 16.01 -24.83
N LEU B 96 -0.68 15.27 -25.47
CA LEU B 96 -0.78 13.81 -25.46
C LEU B 96 -0.46 13.24 -24.08
N ASP B 97 0.45 13.89 -23.34
CA ASP B 97 0.67 13.51 -21.96
C ASP B 97 -0.59 13.74 -21.13
N ALA B 98 -1.31 14.83 -21.40
CA ALA B 98 -2.55 15.11 -20.70
C ALA B 98 -3.65 14.09 -20.99
N LEU B 99 -3.48 13.24 -22.01
CA LEU B 99 -4.48 12.26 -22.38
C LEU B 99 -4.11 10.84 -21.96
N ALA B 100 -3.15 10.68 -21.04
CA ALA B 100 -2.72 9.37 -20.58
C ALA B 100 -3.42 9.06 -19.26
N LYS B 101 -4.62 8.49 -19.36
CA LYS B 101 -5.44 8.14 -18.21
C LYS B 101 -5.74 6.65 -18.24
N ILE B 102 -5.62 5.99 -17.08
CA ILE B 102 -5.79 4.55 -17.02
C ILE B 102 -6.72 4.21 -15.85
N ASP B 103 -7.32 5.24 -15.24
CA ASP B 103 -8.41 5.02 -14.30
C ASP B 103 -7.98 4.17 -13.11
N ALA B 104 -7.17 4.76 -12.21
CA ALA B 104 -6.51 4.07 -11.10
C ALA B 104 -7.37 3.04 -10.37
N THR B 105 -8.69 3.23 -10.39
CA THR B 105 -9.57 2.21 -9.83
C THR B 105 -9.30 0.83 -10.45
N LEU B 106 -8.95 0.81 -11.74
CA LEU B 106 -8.61 -0.45 -12.40
C LEU B 106 -7.46 -1.17 -11.69
N THR B 107 -6.48 -0.42 -11.18
CA THR B 107 -5.36 -1.05 -10.50
C THR B 107 -5.80 -1.83 -9.26
N LYS B 108 -6.99 -1.55 -8.73
CA LYS B 108 -7.47 -2.30 -7.58
C LYS B 108 -8.29 -3.52 -7.94
N VAL B 109 -8.61 -3.72 -9.22
CA VAL B 109 -9.41 -4.86 -9.66
C VAL B 109 -8.65 -5.75 -10.63
N ASP B 110 -7.88 -5.17 -11.56
CA ASP B 110 -7.19 -5.94 -12.58
C ASP B 110 -5.75 -5.43 -12.68
N MET B 111 -4.85 -6.07 -11.93
CA MET B 111 -3.43 -5.69 -11.96
C MET B 111 -2.80 -5.98 -13.31
N ASN B 112 -3.10 -7.15 -13.88
CA ASN B 112 -2.46 -7.53 -15.14
C ASN B 112 -2.94 -6.67 -16.31
N ALA B 113 -4.24 -6.40 -16.38
CA ALA B 113 -4.76 -5.52 -17.41
C ALA B 113 -4.19 -4.12 -17.28
N ALA B 114 -4.05 -3.63 -16.05
CA ALA B 114 -3.43 -2.33 -15.83
C ALA B 114 -1.98 -2.32 -16.30
N TYR B 115 -1.25 -3.39 -16.01
CA TYR B 115 0.13 -3.50 -16.51
C TYR B 115 0.18 -3.42 -18.02
N ILE B 116 -0.66 -4.23 -18.69
CA ILE B 116 -0.66 -4.29 -20.15
C ILE B 116 -1.01 -2.92 -20.74
N PHE B 117 -2.03 -2.27 -20.19
CA PHE B 117 -2.45 -0.98 -20.73
C PHE B 117 -1.42 0.11 -20.44
N ALA B 118 -0.70 0.02 -19.32
CA ALA B 118 0.23 1.06 -18.92
C ALA B 118 1.57 0.98 -19.64
N LEU B 119 2.11 -0.23 -19.80
CA LEU B 119 3.47 -0.35 -20.30
C LEU B 119 3.56 -0.69 -21.78
N ARG B 120 2.46 -1.11 -22.41
CA ARG B 120 2.46 -1.51 -23.82
C ARG B 120 1.35 -0.77 -24.56
N PRO B 121 1.58 0.50 -24.90
CA PRO B 121 0.57 1.25 -25.65
C PRO B 121 0.37 0.67 -27.05
N THR B 122 -0.81 0.93 -27.60
CA THR B 122 -1.30 0.23 -28.78
C THR B 122 -1.08 1.00 -30.08
N PHE B 123 -1.47 2.28 -30.13
CA PHE B 123 -1.35 3.11 -31.32
C PHE B 123 -2.02 2.48 -32.53
N PRO B 124 -3.34 2.39 -32.56
CA PRO B 124 -4.03 1.82 -33.73
C PRO B 124 -3.88 2.71 -34.95
N TYR B 125 -3.84 2.08 -36.12
CA TYR B 125 -3.75 2.82 -37.38
C TYR B 125 -4.40 2.00 -38.49
N SER B 126 -4.76 2.70 -39.57
CA SER B 126 -5.30 2.09 -40.77
C SER B 126 -4.32 2.27 -41.92
N TYR B 127 -4.28 1.28 -42.81
CA TYR B 127 -3.35 1.31 -43.92
C TYR B 127 -3.98 0.65 -45.14
N GLY B 128 -3.44 1.00 -46.30
CA GLY B 128 -3.84 0.38 -47.56
C GLY B 128 -2.77 0.54 -48.62
N TYR B 129 -2.97 -0.14 -49.74
CA TYR B 129 -2.13 -0.01 -50.91
C TYR B 129 -2.95 0.47 -52.09
N LYS B 130 -2.26 1.08 -53.05
CA LYS B 130 -2.91 1.59 -54.24
C LYS B 130 -1.99 1.45 -55.44
N GLN B 131 -2.46 0.76 -56.48
CA GLN B 131 -1.79 0.69 -57.76
C GLN B 131 -2.65 1.40 -58.81
N ARG B 132 -2.12 1.51 -60.03
CA ARG B 132 -2.72 2.34 -61.07
C ARG B 132 -3.44 1.55 -62.14
N PHE B 133 -2.80 0.53 -62.71
CA PHE B 133 -3.38 -0.17 -63.86
C PHE B 133 -3.49 -1.66 -63.62
N SER B 134 -4.01 -2.06 -62.47
CA SER B 134 -4.15 -3.46 -62.10
C SER B 134 -5.60 -3.77 -61.75
N ASN B 135 -6.08 -4.92 -62.22
CA ASN B 135 -7.38 -5.43 -61.82
C ASN B 135 -7.30 -6.27 -60.55
N ARG B 136 -6.10 -6.46 -60.01
CA ARG B 136 -5.93 -7.17 -58.75
C ARG B 136 -6.53 -6.34 -57.61
N ARG B 137 -7.10 -7.05 -56.64
CA ARG B 137 -7.72 -6.41 -55.48
C ARG B 137 -6.76 -6.51 -54.30
N LEU B 138 -6.29 -5.37 -53.82
CA LEU B 138 -5.34 -5.29 -52.72
C LEU B 138 -6.03 -4.72 -51.48
N THR B 139 -5.26 -4.66 -50.39
CA THR B 139 -5.79 -4.13 -49.15
C THR B 139 -6.07 -2.64 -49.28
N THR B 140 -7.16 -2.18 -48.65
CA THR B 140 -7.56 -0.79 -48.73
C THR B 140 -7.64 -0.09 -47.39
N SER B 141 -8.28 -0.70 -46.40
CA SER B 141 -8.52 -0.05 -45.11
C SER B 141 -8.27 -1.01 -43.96
N ALA B 142 -7.17 -1.75 -44.01
CA ALA B 142 -6.88 -2.67 -42.91
C ALA B 142 -6.47 -1.89 -41.67
N VAL B 143 -6.65 -2.52 -40.51
CA VAL B 143 -6.37 -1.90 -39.23
C VAL B 143 -5.33 -2.73 -38.50
N CYS B 144 -4.29 -2.07 -38.00
CA CYS B 144 -3.23 -2.73 -37.24
C CYS B 144 -2.91 -1.88 -36.02
N TYR B 145 -2.02 -2.38 -35.17
CA TYR B 145 -1.71 -1.75 -33.89
C TYR B 145 -0.19 -1.80 -33.71
N ALA B 146 0.45 -0.64 -33.75
CA ALA B 146 1.90 -0.54 -33.82
C ALA B 146 2.50 -0.34 -32.44
N ARG B 147 3.57 -1.09 -32.15
CA ARG B 147 4.24 -1.04 -30.86
C ARG B 147 5.75 -0.98 -31.06
N THR B 148 6.45 -0.40 -30.08
CA THR B 148 7.89 -0.19 -30.18
C THR B 148 8.57 -0.59 -28.88
N GLY B 149 9.79 -1.08 -29.01
CA GLY B 149 10.64 -1.30 -27.85
C GLY B 149 10.81 -2.79 -27.53
N LEU B 150 11.86 -3.07 -26.77
CA LEU B 150 12.11 -4.41 -26.27
C LEU B 150 11.54 -4.55 -24.86
N SER B 151 10.69 -5.56 -24.67
CA SER B 151 10.12 -5.79 -23.34
C SER B 151 11.09 -6.54 -22.44
N SER B 152 11.86 -7.45 -22.99
CA SER B 152 12.88 -8.19 -22.25
C SER B 152 14.02 -8.50 -23.20
N PHE B 153 14.95 -9.34 -22.76
CA PHE B 153 16.08 -9.75 -23.59
C PHE B 153 16.30 -11.24 -23.45
N LEU B 154 16.71 -11.88 -24.55
CA LEU B 154 16.98 -13.31 -24.57
C LEU B 154 18.47 -13.52 -24.78
N THR B 155 19.11 -14.23 -23.86
CA THR B 155 20.52 -14.59 -23.99
C THR B 155 20.66 -16.10 -23.79
N VAL B 156 21.88 -16.60 -23.96
CA VAL B 156 22.16 -17.98 -23.60
C VAL B 156 22.24 -18.09 -22.09
N ASN B 157 21.90 -19.27 -21.56
CA ASN B 157 21.94 -19.46 -20.12
C ASN B 157 23.38 -19.54 -19.63
N LYS B 158 23.55 -19.40 -18.32
CA LYS B 158 24.88 -19.36 -17.73
C LYS B 158 25.63 -20.67 -17.92
N THR B 159 24.91 -21.78 -18.07
CA THR B 159 25.51 -23.10 -18.16
C THR B 159 25.80 -23.53 -19.59
N TYR B 160 25.55 -22.67 -20.58
CA TYR B 160 25.78 -23.04 -21.98
C TYR B 160 27.28 -23.13 -22.24
N THR B 161 27.73 -24.32 -22.64
CA THR B 161 29.15 -24.59 -22.86
C THR B 161 29.54 -24.55 -24.33
N SER B 162 28.67 -25.03 -25.21
CA SER B 162 29.00 -25.14 -26.63
C SER B 162 29.23 -23.77 -27.25
N ASN B 163 29.80 -23.79 -28.46
CA ASN B 163 30.10 -22.57 -29.20
C ASN B 163 29.13 -22.32 -30.35
N SER B 164 28.28 -23.28 -30.68
CA SER B 164 27.34 -23.10 -31.78
C SER B 164 26.31 -22.04 -31.42
N PRO B 165 25.89 -21.22 -32.39
CA PRO B 165 24.87 -20.20 -32.09
C PRO B 165 23.52 -20.81 -31.79
N LEU B 166 22.73 -20.07 -31.03
CA LEU B 166 21.37 -20.47 -30.68
C LEU B 166 20.36 -19.55 -31.34
N LYS B 167 19.22 -20.10 -31.70
CA LYS B 167 18.19 -19.38 -32.47
C LYS B 167 17.55 -18.33 -31.58
N GLY B 168 17.96 -17.08 -31.75
CA GLY B 168 17.42 -15.97 -31.00
C GLY B 168 18.12 -15.65 -29.70
N GLY B 169 19.07 -16.48 -29.27
CA GLY B 169 19.76 -16.25 -28.03
C GLY B 169 21.08 -15.53 -28.19
N SER B 170 21.14 -14.29 -27.70
CA SER B 170 22.35 -13.50 -27.78
C SER B 170 23.42 -14.07 -26.85
N ARG B 171 24.68 -13.73 -27.14
CA ARG B 171 25.82 -14.16 -26.34
C ARG B 171 26.28 -13.07 -25.38
N GLY B 172 25.36 -12.26 -24.89
CA GLY B 172 25.70 -11.13 -24.04
C GLY B 172 24.79 -9.94 -24.28
N TRP B 173 24.49 -9.20 -23.23
CA TRP B 173 23.57 -8.07 -23.31
C TRP B 173 24.29 -6.76 -22.99
N PRO B 174 23.80 -5.65 -23.52
CA PRO B 174 24.42 -4.36 -23.20
C PRO B 174 24.06 -3.91 -21.79
N ILE B 175 24.89 -3.02 -21.25
CA ILE B 175 24.69 -2.43 -19.93
C ILE B 175 24.63 -0.92 -20.13
N PHE B 176 23.42 -0.36 -20.11
CA PHE B 176 23.23 1.07 -20.25
C PHE B 176 23.56 1.72 -18.92
N ASN B 177 24.84 2.03 -18.73
CA ASN B 177 25.33 2.52 -17.45
C ASN B 177 25.01 4.00 -17.28
N VAL B 178 24.43 4.35 -16.13
CA VAL B 178 24.07 5.71 -15.79
C VAL B 178 24.89 6.14 -14.59
N GLY B 179 25.45 7.35 -14.65
CA GLY B 179 26.27 7.89 -13.58
C GLY B 179 25.52 8.86 -12.70
N VAL B 180 26.28 9.56 -11.86
CA VAL B 180 25.74 10.54 -10.92
C VAL B 180 25.81 11.91 -11.57
N SER B 181 24.67 12.59 -11.62
CA SER B 181 24.62 13.92 -12.23
C SER B 181 25.33 14.93 -11.34
N PRO B 182 26.28 15.70 -11.87
CA PRO B 182 26.87 16.78 -11.07
C PRO B 182 25.85 17.81 -10.62
N HIS B 183 24.83 18.06 -11.43
CA HIS B 183 23.75 18.96 -11.02
C HIS B 183 22.92 18.31 -9.92
N VAL B 184 22.56 19.12 -8.92
CA VAL B 184 21.72 18.68 -7.81
C VAL B 184 20.32 19.25 -8.01
N ALA B 185 19.31 18.40 -7.86
CA ALA B 185 17.93 18.85 -7.99
C ALA B 185 17.63 19.92 -6.94
N GLU B 186 17.04 21.02 -7.38
CA GLU B 186 16.86 22.17 -6.51
C GLU B 186 15.80 21.87 -5.45
N PRO B 187 16.13 21.95 -4.16
CA PRO B 187 15.13 21.68 -3.13
C PRO B 187 14.23 22.90 -2.90
N HIS B 188 12.95 22.62 -2.68
CA HIS B 188 11.97 23.66 -2.41
C HIS B 188 11.70 23.75 -0.91
N MET B 189 11.01 24.84 -0.53
CA MET B 189 10.82 25.14 0.88
C MET B 189 9.92 24.12 1.56
N ARG B 190 10.14 23.92 2.86
CA ARG B 190 9.32 23.06 3.68
C ARG B 190 8.99 23.78 4.98
N THR B 191 7.84 23.45 5.55
CA THR B 191 7.40 24.00 6.82
C THR B 191 7.70 23.01 7.95
N LEU B 192 8.18 23.54 9.07
CA LEU B 192 8.64 22.69 10.16
C LEU B 192 7.47 22.10 10.94
N SER B 193 7.68 20.91 11.48
CA SER B 193 6.75 20.27 12.39
C SER B 193 6.86 20.94 13.76
N PRO B 194 5.89 20.72 14.65
CA PRO B 194 5.95 21.36 15.97
C PRO B 194 7.25 21.08 16.72
N ILE B 195 7.83 19.90 16.59
CA ILE B 195 9.14 19.63 17.19
C ILE B 195 10.22 20.44 16.48
N GLY B 196 10.19 20.45 15.14
CA GLY B 196 11.15 21.25 14.39
C GLY B 196 10.98 22.74 14.66
N LEU B 197 9.74 23.21 14.76
CA LEU B 197 9.51 24.60 15.11
C LEU B 197 9.98 24.91 16.52
N GLU B 198 9.82 23.96 17.45
CA GLU B 198 10.35 24.14 18.79
C GLU B 198 11.87 24.32 18.75
N VAL B 199 12.56 23.45 18.02
CA VAL B 199 14.02 23.57 17.92
C VAL B 199 14.42 24.89 17.25
N PHE B 200 13.68 25.29 16.21
CA PHE B 200 14.01 26.52 15.50
C PHE B 200 13.85 27.74 16.39
N SER B 201 12.69 27.89 17.02
CA SER B 201 12.49 28.99 17.96
C SER B 201 13.35 28.86 19.20
N GLN B 202 13.93 27.69 19.43
CA GLN B 202 14.84 27.48 20.55
C GLN B 202 16.22 28.06 20.26
N ASN B 203 16.87 27.57 19.20
CA ASN B 203 18.21 28.04 18.87
C ASN B 203 18.21 29.50 18.43
N LEU B 204 17.06 30.04 18.03
CA LEU B 204 16.94 31.45 17.68
C LEU B 204 16.77 32.35 18.90
N ALA B 205 16.45 31.78 20.05
CA ALA B 205 16.20 32.58 21.24
C ALA B 205 17.49 33.22 21.76
N THR B 206 17.34 34.35 22.43
CA THR B 206 18.47 35.09 22.97
C THR B 206 18.82 34.55 24.36
N PHE B 207 20.05 34.20 24.63
CA PHE B 207 20.40 33.70 25.90
C PHE B 207 21.43 34.61 26.48
N SER B 208 21.89 34.36 27.67
CA SER B 208 22.96 35.12 28.23
C SER B 208 23.73 34.00 28.68
N LYS B 209 24.95 33.88 28.23
CA LYS B 209 25.64 32.69 28.53
C LYS B 209 25.81 32.38 30.00
N THR B 210 26.80 32.88 30.71
CA THR B 210 26.87 32.64 32.17
C THR B 210 26.99 31.19 32.59
N LEU B 211 28.11 30.86 33.16
CA LEU B 211 28.40 29.51 33.54
C LEU B 211 27.52 28.91 34.58
N LEU B 212 26.64 29.68 35.14
CA LEU B 212 25.68 29.09 36.06
C LEU B 212 24.77 28.10 35.35
N THR B 213 24.16 28.53 34.25
CA THR B 213 23.25 27.69 33.43
C THR B 213 23.91 26.86 32.35
N ALA B 214 23.15 26.20 31.51
CA ALA B 214 23.65 25.32 30.46
C ALA B 214 23.87 26.01 29.13
N SER B 215 23.40 27.22 28.93
CA SER B 215 23.67 27.92 27.71
C SER B 215 25.14 28.07 27.49
N SER B 216 25.92 28.09 28.54
CA SER B 216 27.34 28.23 28.45
C SER B 216 28.03 26.99 28.03
N LYS B 217 27.29 25.95 27.80
CA LYS B 217 27.86 24.66 27.40
C LYS B 217 28.32 24.65 25.95
N VAL B 218 27.89 25.62 25.13
CA VAL B 218 28.43 25.74 23.78
C VAL B 218 29.86 26.27 23.81
N PHE B 219 30.27 26.87 24.93
CA PHE B 219 31.63 27.39 25.09
C PHE B 219 32.53 26.41 25.86
N THR B 220 32.13 26.05 27.07
CA THR B 220 32.92 25.12 27.88
C THR B 220 32.92 23.71 27.32
N GLN B 221 32.01 23.39 26.41
CA GLN B 221 31.96 22.10 25.74
C GLN B 221 31.78 22.38 24.25
N SER B 222 32.16 21.39 23.43
CA SER B 222 32.14 21.55 21.98
C SER B 222 30.79 22.10 21.52
N LEU B 223 30.83 22.89 20.44
CA LEU B 223 29.64 23.56 19.94
C LEU B 223 28.61 22.59 19.40
N TYR B 224 28.97 21.32 19.18
CA TYR B 224 28.00 20.29 18.81
C TYR B 224 27.46 19.59 20.06
N THR B 225 26.94 20.38 20.99
CA THR B 225 26.42 19.87 22.25
C THR B 225 24.90 19.75 22.19
N ALA B 226 24.37 18.80 22.94
CA ALA B 226 22.94 18.52 22.96
C ALA B 226 22.30 18.84 24.30
N ASP B 227 22.91 19.72 25.09
CA ASP B 227 22.36 20.08 26.39
C ASP B 227 21.46 21.29 26.36
N ILE B 228 21.45 22.06 25.28
CA ILE B 228 20.51 23.16 25.09
C ILE B 228 19.38 22.75 24.15
N LEU B 229 19.72 22.20 23.00
CA LEU B 229 18.75 21.55 22.13
C LEU B 229 18.56 20.12 22.60
N SER B 230 17.87 19.31 21.80
CA SER B 230 17.89 17.87 22.01
C SER B 230 19.01 17.27 21.15
N ILE B 231 19.20 15.95 21.25
CA ILE B 231 20.16 15.31 20.38
C ILE B 231 19.70 15.39 18.92
N PHE B 232 18.42 15.11 18.69
CA PHE B 232 17.88 15.22 17.34
C PHE B 232 17.92 16.66 16.84
N GLY B 233 17.64 17.62 17.73
CA GLY B 233 17.72 19.02 17.35
C GLY B 233 19.13 19.45 16.99
N GLU B 234 20.12 18.95 17.75
CA GLU B 234 21.51 19.24 17.40
C GLU B 234 21.89 18.61 16.06
N VAL B 235 21.43 17.39 15.81
CA VAL B 235 21.77 16.71 14.56
C VAL B 235 21.13 17.42 13.37
N PHE B 236 19.85 17.78 13.49
CA PHE B 236 19.10 18.38 12.39
C PHE B 236 19.11 19.90 12.45
N LEU B 237 20.04 20.50 13.18
CA LEU B 237 20.10 21.95 13.28
C LEU B 237 20.31 22.62 11.93
N PRO B 238 21.26 22.22 11.08
CA PRO B 238 21.38 22.88 9.77
C PRO B 238 20.12 22.80 8.93
N HIS B 239 19.43 21.66 8.96
CA HIS B 239 18.20 21.52 8.18
C HIS B 239 17.01 22.20 8.85
N VAL B 240 17.02 22.31 10.18
CA VAL B 240 16.01 23.10 10.86
C VAL B 240 16.16 24.58 10.50
N MET B 241 17.41 25.03 10.35
CA MET B 241 17.65 26.42 9.97
C MET B 241 17.20 26.69 8.54
N GLN B 242 17.41 25.75 7.63
CA GLN B 242 16.97 25.87 6.24
C GLN B 242 16.17 24.61 5.89
N PRO B 243 14.85 24.63 6.10
CA PRO B 243 14.02 23.47 5.75
C PRO B 243 13.74 23.40 4.26
N VAL B 244 14.41 22.46 3.58
CA VAL B 244 14.21 22.24 2.15
C VAL B 244 14.28 20.73 1.89
N SER B 245 13.67 20.32 0.78
CA SER B 245 13.66 18.91 0.42
C SER B 245 13.39 18.77 -1.08
N ASN B 246 13.72 17.60 -1.60
CA ASN B 246 13.49 17.27 -3.00
C ASN B 246 13.56 15.76 -3.16
N TYR B 247 12.63 15.19 -3.94
CA TYR B 247 12.46 13.74 -3.98
C TYR B 247 12.42 13.16 -5.38
N THR B 248 12.63 13.96 -6.42
CA THR B 248 12.68 13.41 -7.77
C THR B 248 13.76 12.35 -7.99
N PRO B 249 14.96 12.42 -7.38
CA PRO B 249 15.94 11.34 -7.60
C PRO B 249 15.43 9.95 -7.22
N ILE B 250 14.61 9.83 -6.18
CA ILE B 250 14.11 8.51 -5.81
C ILE B 250 12.89 8.12 -6.64
N LEU B 251 12.07 9.10 -7.03
CA LEU B 251 10.92 8.80 -7.88
C LEU B 251 11.35 8.32 -9.26
N VAL B 252 12.42 8.91 -9.79
CA VAL B 252 12.96 8.47 -11.08
C VAL B 252 13.37 7.01 -11.00
N ARG B 253 14.08 6.64 -9.93
CA ARG B 253 14.51 5.26 -9.79
C ARG B 253 13.35 4.32 -9.54
N ALA B 254 12.31 4.76 -8.83
CA ALA B 254 11.12 3.92 -8.65
C ALA B 254 10.45 3.64 -9.99
N LEU B 255 10.25 4.69 -10.79
CA LEU B 255 9.65 4.52 -12.11
C LEU B 255 10.50 3.58 -12.98
N LEU B 256 11.82 3.81 -13.00
CA LEU B 256 12.70 2.98 -13.79
C LEU B 256 12.66 1.53 -13.33
N ALA B 257 12.65 1.31 -12.01
CA ALA B 257 12.60 -0.04 -11.48
C ALA B 257 11.33 -0.77 -11.92
N LEU B 258 10.18 -0.11 -11.78
CA LEU B 258 8.93 -0.75 -12.19
C LEU B 258 8.93 -1.05 -13.68
N ILE B 259 9.33 -0.08 -14.50
CA ILE B 259 9.26 -0.24 -15.94
C ILE B 259 10.23 -1.30 -16.42
N HIS B 260 11.43 -1.36 -15.84
CA HIS B 260 12.42 -2.33 -16.26
C HIS B 260 12.12 -3.73 -15.75
N ILE B 261 11.51 -3.84 -14.55
CA ILE B 261 11.14 -5.15 -14.04
C ILE B 261 10.01 -5.74 -14.89
N LEU B 262 8.96 -4.95 -15.14
CA LEU B 262 7.84 -5.49 -15.89
C LEU B 262 8.11 -5.52 -17.39
N GLY B 263 8.74 -4.47 -17.92
CA GLY B 263 9.09 -4.44 -19.32
C GLY B 263 8.05 -3.77 -20.19
N PRO B 264 8.40 -2.64 -20.80
CA PRO B 264 7.48 -1.94 -21.68
C PRO B 264 7.67 -2.34 -23.14
N GLY B 265 6.76 -1.85 -23.98
CA GLY B 265 6.97 -1.95 -25.41
C GLY B 265 6.07 -2.89 -26.18
N SER B 266 6.67 -3.65 -27.10
CA SER B 266 5.92 -4.47 -28.03
C SER B 266 5.83 -5.94 -27.63
N GLY B 267 6.66 -6.38 -26.69
CA GLY B 267 6.75 -7.79 -26.35
C GLY B 267 7.92 -8.52 -27.00
N ASN B 268 8.56 -7.91 -27.99
CA ASN B 268 9.77 -8.50 -28.56
C ASN B 268 10.85 -8.57 -27.48
N CYS B 269 11.51 -9.73 -27.41
CA CYS B 269 12.41 -10.00 -26.29
C CYS B 269 13.73 -10.60 -26.74
N SER B 270 14.17 -10.31 -27.97
CA SER B 270 15.44 -10.83 -28.46
C SER B 270 15.89 -9.98 -29.64
N LEU B 271 17.08 -10.29 -30.15
CA LEU B 271 17.57 -9.61 -31.35
C LEU B 271 16.68 -9.93 -32.55
N SER B 272 16.22 -11.18 -32.65
CA SER B 272 15.30 -11.57 -33.71
C SER B 272 13.96 -10.87 -33.52
N SER B 273 13.35 -10.46 -34.63
CA SER B 273 12.07 -9.78 -34.61
C SER B 273 10.89 -10.75 -34.58
N SER B 274 11.15 -12.06 -34.48
CA SER B 274 10.09 -13.05 -34.42
C SER B 274 9.80 -13.55 -33.01
N ILE B 275 10.76 -13.46 -32.09
CA ILE B 275 10.55 -13.89 -30.72
C ILE B 275 9.79 -12.80 -29.97
N PHE B 276 8.72 -13.20 -29.28
CA PHE B 276 7.90 -12.25 -28.54
C PHE B 276 7.58 -12.81 -27.17
N GLU B 277 7.28 -11.90 -26.25
CA GLU B 277 6.85 -12.27 -24.90
C GLU B 277 5.36 -12.56 -24.92
N SER B 278 4.96 -13.69 -24.35
CA SER B 278 3.55 -14.08 -24.35
C SER B 278 2.70 -13.04 -23.62
N SER B 279 3.16 -12.58 -22.47
CA SER B 279 2.49 -11.53 -21.71
C SER B 279 3.49 -10.98 -20.70
N ILE B 280 3.03 -10.05 -19.87
CA ILE B 280 3.90 -9.54 -18.79
C ILE B 280 4.16 -10.67 -17.81
N PRO B 281 5.41 -10.89 -17.39
CA PRO B 281 5.72 -12.08 -16.59
C PRO B 281 5.05 -12.07 -15.23
N GLN B 282 4.79 -13.27 -14.72
CA GLN B 282 4.16 -13.46 -13.43
C GLN B 282 5.08 -14.04 -12.37
N PHE B 283 6.27 -14.48 -12.73
CA PHE B 283 7.21 -15.07 -11.77
C PHE B 283 8.63 -14.69 -12.17
N PHE B 284 9.40 -14.21 -11.21
CA PHE B 284 10.79 -13.82 -11.41
C PHE B 284 11.72 -14.71 -10.60
N THR B 285 12.97 -14.75 -11.03
CA THR B 285 14.03 -15.46 -10.32
C THR B 285 15.17 -14.48 -10.08
N VAL B 286 15.62 -14.40 -8.84
CA VAL B 286 16.77 -13.55 -8.51
C VAL B 286 18.06 -14.31 -8.84
N SER B 287 19.14 -13.55 -9.00
CA SER B 287 20.45 -14.13 -9.25
C SER B 287 21.52 -13.16 -8.75
N HIS B 288 22.60 -13.73 -8.22
CA HIS B 288 23.71 -12.96 -7.69
C HIS B 288 24.95 -13.18 -8.54
N SER B 289 25.70 -12.11 -8.79
CA SER B 289 26.94 -12.16 -9.55
C SER B 289 27.93 -11.18 -8.94
N THR B 290 29.04 -11.71 -8.42
CA THR B 290 30.03 -10.85 -7.76
C THR B 290 30.65 -9.86 -8.74
N ASN B 291 31.00 -10.34 -9.94
CA ASN B 291 31.72 -9.49 -10.89
C ASN B 291 30.84 -8.45 -11.55
N MET B 292 29.57 -8.78 -11.81
CA MET B 292 28.68 -7.93 -12.60
C MET B 292 27.85 -6.97 -11.77
N SER B 293 27.50 -7.34 -10.54
CA SER B 293 26.61 -6.50 -9.75
C SER B 293 27.31 -5.24 -9.28
N ASN B 294 26.55 -4.13 -9.25
CA ASN B 294 27.03 -2.87 -8.72
C ASN B 294 26.47 -2.71 -7.31
N ARG B 295 27.15 -3.34 -6.36
CA ARG B 295 26.67 -3.42 -4.99
C ARG B 295 27.12 -2.23 -4.17
N THR B 296 26.46 -2.04 -3.03
CA THR B 296 26.81 -1.02 -2.06
C THR B 296 26.83 -1.63 -0.67
N ARG B 297 27.56 -0.98 0.23
CA ARG B 297 27.79 -1.49 1.57
C ARG B 297 26.81 -0.87 2.54
N TYR B 298 26.21 -1.71 3.39
CA TYR B 298 25.24 -1.30 4.39
C TYR B 298 25.77 -1.60 5.79
N CYS B 299 25.53 -0.69 6.72
CA CYS B 299 25.86 -0.90 8.12
C CYS B 299 24.63 -0.63 8.97
N LEU B 300 24.20 -1.62 9.75
CA LEU B 300 22.98 -1.55 10.54
C LEU B 300 23.33 -1.34 12.00
N HIS B 301 22.72 -0.34 12.62
CA HIS B 301 22.92 -0.03 14.03
C HIS B 301 21.57 0.21 14.69
N THR B 302 21.62 0.62 15.96
CA THR B 302 20.48 1.19 16.66
C THR B 302 20.82 2.63 17.04
N TRP B 303 19.77 3.40 17.34
CA TRP B 303 19.99 4.81 17.68
C TRP B 303 20.89 4.97 18.89
N SER B 304 20.64 4.18 19.94
CA SER B 304 21.49 4.23 21.12
C SER B 304 22.91 3.77 20.80
N ALA B 305 23.05 2.71 20.00
CA ALA B 305 24.37 2.24 19.63
C ALA B 305 25.06 3.19 18.65
N TYR B 306 24.29 3.80 17.74
CA TYR B 306 24.88 4.74 16.80
C TYR B 306 25.35 6.00 17.50
N LYS B 307 24.65 6.42 18.55
CA LYS B 307 25.08 7.59 19.31
C LYS B 307 26.43 7.35 19.99
N ASP B 308 26.63 6.14 20.52
CA ASP B 308 27.83 5.83 21.29
C ASP B 308 29.09 5.68 20.44
N MET B 309 28.96 5.63 19.11
CA MET B 309 30.14 5.54 18.26
C MET B 309 31.02 6.78 18.42
N PHE B 310 30.40 7.95 18.40
CA PHE B 310 31.10 9.22 18.46
C PHE B 310 31.29 9.63 19.92
N ARG B 311 31.68 10.89 20.15
CA ARG B 311 31.96 11.36 21.50
C ARG B 311 30.77 11.17 22.42
N ASN B 312 29.71 11.94 22.19
CA ASN B 312 28.40 11.66 22.76
C ASN B 312 27.24 11.86 21.79
N GLY B 313 27.40 12.69 20.75
CA GLY B 313 26.38 12.90 19.76
C GLY B 313 26.93 12.63 18.36
N ILE B 314 26.01 12.45 17.42
CA ILE B 314 26.40 12.06 16.07
C ILE B 314 26.53 13.33 15.22
N PRO B 315 27.46 13.37 14.27
CA PRO B 315 27.77 14.63 13.58
C PRO B 315 26.60 15.08 12.71
N PRO B 316 26.38 16.39 12.60
CA PRO B 316 25.37 16.89 11.66
C PRO B 316 25.69 16.55 10.21
N GLN B 317 26.97 16.50 9.85
CA GLN B 317 27.41 16.13 8.51
C GLN B 317 28.13 14.79 8.60
N SER B 318 27.68 13.82 7.82
CA SER B 318 28.28 12.49 7.83
C SER B 318 29.72 12.55 7.33
N THR B 319 30.57 11.71 7.93
CA THR B 319 31.99 11.71 7.60
C THR B 319 32.22 10.99 6.26
N LEU B 320 33.48 10.84 5.88
CA LEU B 320 33.86 10.32 4.57
C LEU B 320 33.64 8.82 4.43
N PRO B 321 34.25 7.97 5.28
CA PRO B 321 34.16 6.54 4.94
C PRO B 321 32.82 5.91 5.29
N GLY B 328 29.29 1.18 5.63
CA GLY B 328 30.00 2.42 5.49
C GLY B 328 29.28 3.61 6.10
N SER B 329 29.75 4.82 5.79
CA SER B 329 29.17 6.01 6.39
C SER B 329 28.99 7.17 5.41
N SER B 330 29.05 6.91 4.09
CA SER B 330 28.88 7.99 3.13
C SER B 330 27.48 8.59 3.19
N ALA B 331 26.50 7.80 3.61
CA ALA B 331 25.13 8.27 3.76
C ALA B 331 24.53 7.70 5.02
N ARG B 332 23.56 8.42 5.58
CA ARG B 332 22.89 8.00 6.81
C ARG B 332 21.39 8.23 6.68
N VAL B 333 20.60 7.23 7.07
CA VAL B 333 19.15 7.31 7.02
C VAL B 333 18.61 6.91 8.39
N LEU B 334 17.71 7.73 8.92
CA LEU B 334 17.09 7.49 10.22
C LEU B 334 15.66 6.99 9.99
N ILE B 335 15.37 5.79 10.48
CA ILE B 335 14.08 5.14 10.28
C ILE B 335 13.48 4.84 11.64
N PRO B 336 12.27 5.32 11.94
CA PRO B 336 11.59 4.86 13.15
C PRO B 336 11.28 3.37 13.06
N ALA B 337 11.24 2.72 14.22
CA ALA B 337 11.04 1.27 14.26
C ALA B 337 9.68 0.86 13.68
N ALA B 338 8.70 1.76 13.66
CA ALA B 338 7.40 1.43 13.11
C ALA B 338 7.39 1.40 11.59
N LEU B 339 8.37 2.01 10.94
CA LEU B 339 8.45 2.05 9.49
C LEU B 339 9.36 0.99 8.89
N VAL B 340 10.16 0.31 9.72
CA VAL B 340 11.07 -0.71 9.20
C VAL B 340 10.28 -1.92 8.69
N THR B 341 9.19 -2.27 9.38
CA THR B 341 8.41 -3.45 9.01
C THR B 341 7.55 -3.23 7.77
N SER B 342 7.47 -2.01 7.26
CA SER B 342 6.69 -1.75 6.06
C SER B 342 7.32 -2.44 4.86
N PRO B 343 6.51 -2.88 3.89
CA PRO B 343 7.06 -3.51 2.69
C PRO B 343 7.93 -2.57 1.86
N MET B 344 7.80 -1.27 2.08
CA MET B 344 8.55 -0.27 1.33
C MET B 344 10.02 -0.23 1.71
N PHE B 345 10.40 -0.78 2.86
CA PHE B 345 11.75 -0.58 3.38
C PHE B 345 12.84 -1.18 2.49
N PRO B 346 12.76 -2.43 2.04
CA PRO B 346 13.80 -2.93 1.14
C PRO B 346 13.91 -2.17 -0.16
N TRP B 347 12.79 -1.69 -0.71
CA TRP B 347 12.82 -0.86 -1.91
C TRP B 347 13.23 0.57 -1.61
N LEU B 348 13.30 0.95 -0.33
CA LEU B 348 13.79 2.24 0.10
C LEU B 348 15.30 2.24 0.29
N LEU B 349 15.85 1.14 0.79
CA LEU B 349 17.31 0.99 0.74
C LEU B 349 17.80 0.94 -0.70
N ALA B 350 17.06 0.25 -1.57
CA ALA B 350 17.27 0.39 -3.00
C ALA B 350 16.68 1.71 -3.49
N LEU B 351 16.91 2.00 -4.77
CA LEU B 351 16.42 3.21 -5.45
C LEU B 351 17.16 4.45 -4.97
N VAL B 352 17.98 4.29 -3.94
CA VAL B 352 18.95 5.31 -3.56
C VAL B 352 20.37 4.75 -3.56
N SER B 353 20.55 3.44 -3.53
CA SER B 353 21.83 2.79 -3.67
C SER B 353 22.21 2.72 -5.14
N SER B 354 23.35 2.09 -5.43
CA SER B 354 23.74 1.83 -6.81
C SER B 354 23.23 0.46 -7.22
N GLY B 355 22.72 0.37 -8.45
CA GLY B 355 22.15 -0.86 -8.95
C GLY B 355 22.78 -1.30 -10.26
N PRO B 356 22.46 -2.53 -10.69
CA PRO B 356 21.59 -3.50 -10.02
C PRO B 356 22.38 -4.44 -9.11
N GLN B 357 22.08 -4.44 -7.81
CA GLN B 357 22.78 -5.32 -6.87
C GLN B 357 22.44 -6.78 -7.11
N PHE B 358 21.34 -7.06 -7.79
CA PHE B 358 20.97 -8.43 -8.14
C PHE B 358 20.31 -8.41 -9.51
N PHE B 359 20.35 -9.57 -10.18
CA PHE B 359 19.79 -9.70 -11.52
C PHE B 359 18.47 -10.44 -11.46
N LEU B 360 17.53 -10.04 -12.32
CA LEU B 360 16.21 -10.63 -12.38
C LEU B 360 16.02 -11.34 -13.71
N TYR B 361 15.44 -12.55 -13.65
CA TYR B 361 15.15 -13.33 -14.84
C TYR B 361 13.69 -13.78 -14.79
N SER B 362 13.14 -14.10 -15.96
CA SER B 362 11.87 -14.81 -15.98
C SER B 362 12.08 -16.22 -15.45
N LYS B 363 11.11 -16.71 -14.69
CA LYS B 363 11.27 -17.98 -14.00
C LYS B 363 11.53 -19.12 -14.99
N ASP B 364 10.59 -19.35 -15.90
CA ASP B 364 10.72 -20.37 -16.93
C ASP B 364 10.43 -19.72 -18.28
N ALA B 365 11.48 -19.47 -19.07
CA ALA B 365 11.32 -18.82 -20.36
C ALA B 365 10.58 -19.68 -21.37
N SER B 366 10.38 -20.96 -21.09
CA SER B 366 9.71 -21.85 -22.01
C SER B 366 8.21 -21.60 -22.10
N ILE B 367 7.64 -20.77 -21.23
CA ILE B 367 6.20 -20.54 -21.21
C ILE B 367 5.82 -19.10 -21.44
N ASN B 368 6.77 -18.15 -21.39
CA ASN B 368 6.46 -16.75 -21.65
C ASN B 368 6.98 -16.26 -22.99
N THR B 369 7.52 -17.15 -23.83
CA THR B 369 8.08 -16.77 -25.11
C THR B 369 7.41 -17.54 -26.23
N VAL B 370 7.10 -16.84 -27.32
CA VAL B 370 6.47 -17.42 -28.50
C VAL B 370 7.23 -16.96 -29.73
N ASP B 371 7.02 -17.67 -30.83
CA ASP B 371 7.58 -17.33 -32.13
C ASP B 371 6.43 -17.03 -33.09
N ILE B 372 6.52 -15.89 -33.78
CA ILE B 372 5.48 -15.44 -34.68
C ILE B 372 5.98 -15.60 -36.12
N GLY B 373 5.17 -16.26 -36.95
CA GLY B 373 5.54 -16.52 -38.32
C GLY B 373 5.32 -15.33 -39.23
N SER B 374 5.68 -15.52 -40.50
CA SER B 374 5.51 -14.47 -41.49
C SER B 374 4.03 -14.13 -41.69
N ARG B 375 3.18 -15.15 -41.74
CA ARG B 375 1.74 -14.93 -41.93
C ARG B 375 0.99 -14.75 -40.63
N GLY B 376 1.57 -15.15 -39.49
CA GLY B 376 0.93 -14.90 -38.21
C GLY B 376 0.76 -16.12 -37.32
N ARG B 377 1.36 -17.24 -37.69
CA ARG B 377 1.24 -18.45 -36.88
C ARG B 377 2.12 -18.34 -35.65
N ILE B 378 1.52 -18.59 -34.48
CA ILE B 378 2.23 -18.59 -33.21
C ILE B 378 2.53 -20.04 -32.86
N THR B 379 3.81 -20.39 -32.76
CA THR B 379 4.23 -21.77 -32.62
C THR B 379 4.54 -22.12 -31.18
N SER B 380 4.97 -23.37 -30.99
CA SER B 380 5.38 -23.97 -29.72
C SER B 380 6.56 -23.19 -29.16
N PRO B 381 6.98 -23.43 -27.90
CA PRO B 381 8.11 -22.66 -27.35
C PRO B 381 9.35 -22.73 -28.22
N ILE B 382 10.24 -21.77 -28.00
CA ILE B 382 11.43 -21.51 -28.80
C ILE B 382 12.19 -22.82 -29.05
N PRO B 383 12.71 -23.03 -30.26
CA PRO B 383 13.33 -24.33 -30.58
C PRO B 383 14.44 -24.74 -29.62
N ASP B 384 15.24 -23.79 -29.13
CA ASP B 384 16.31 -24.07 -28.19
C ASP B 384 16.13 -23.26 -26.91
N VAL B 385 14.89 -23.18 -26.42
CA VAL B 385 14.60 -22.43 -25.21
C VAL B 385 15.17 -23.08 -23.95
N ALA B 386 15.56 -24.35 -24.03
CA ALA B 386 16.13 -25.03 -22.88
C ALA B 386 17.52 -24.52 -22.52
N ASN B 387 18.16 -23.74 -23.40
CA ASN B 387 19.48 -23.19 -23.17
C ASN B 387 19.46 -21.66 -23.21
N LEU B 388 18.35 -21.05 -22.80
CA LEU B 388 18.18 -19.62 -22.90
C LEU B 388 17.71 -19.04 -21.58
N ASP B 389 18.09 -17.78 -21.35
CA ASP B 389 17.68 -17.00 -20.19
C ASP B 389 16.95 -15.75 -20.66
N LEU B 390 15.83 -15.45 -20.00
CA LEU B 390 15.00 -14.30 -20.31
C LEU B 390 15.33 -13.20 -19.31
N HIS B 391 16.36 -12.43 -19.62
CA HIS B 391 16.70 -11.26 -18.81
C HIS B 391 15.59 -10.22 -18.87
N ARG B 392 15.33 -9.58 -17.75
CA ARG B 392 14.50 -8.39 -17.75
C ARG B 392 15.37 -7.17 -18.05
N LEU B 393 14.71 -6.06 -18.41
CA LEU B 393 15.46 -4.82 -18.63
C LEU B 393 16.16 -4.34 -17.36
N TRP B 394 15.73 -4.83 -16.20
CA TRP B 394 16.43 -4.56 -14.94
C TRP B 394 17.91 -4.89 -15.06
N ASN B 395 18.25 -6.00 -15.72
CA ASN B 395 19.62 -6.42 -15.89
C ASN B 395 20.39 -5.61 -16.92
N LEU B 396 19.69 -4.84 -17.76
CA LEU B 396 20.34 -4.12 -18.86
C LEU B 396 20.76 -2.71 -18.50
N PHE B 397 20.52 -2.27 -17.27
CA PHE B 397 20.83 -0.92 -16.84
C PHE B 397 21.77 -0.95 -15.64
N ARG B 398 22.49 0.15 -15.46
CA ARG B 398 23.45 0.29 -14.37
C ARG B 398 23.35 1.71 -13.83
N PHE B 399 23.03 1.84 -12.55
CA PHE B 399 22.87 3.14 -11.92
C PHE B 399 23.91 3.33 -10.83
N ASP B 400 24.34 4.58 -10.64
CA ASP B 400 25.32 4.93 -9.62
C ASP B 400 24.61 5.72 -8.54
N GLY B 401 24.49 5.12 -7.35
CA GLY B 401 23.92 5.79 -6.21
C GLY B 401 24.89 5.87 -5.05
N HIS B 402 24.37 5.92 -3.82
CA HIS B 402 25.23 5.88 -2.66
C HIS B 402 25.90 4.52 -2.54
N ARG B 403 27.19 4.54 -2.25
CA ARG B 403 27.98 3.31 -2.10
C ARG B 403 28.05 2.81 -0.67
N TYR B 404 27.85 3.70 0.31
CA TYR B 404 27.89 3.33 1.71
C TYR B 404 26.69 3.95 2.41
N ILE B 405 25.93 3.13 3.14
CA ILE B 405 24.71 3.58 3.79
C ILE B 405 24.67 3.08 5.22
N ASP B 406 24.37 3.98 6.15
CA ASP B 406 24.18 3.65 7.56
C ASP B 406 22.69 3.62 7.85
N VAL B 407 22.15 2.42 8.10
CA VAL B 407 20.78 2.25 8.55
C VAL B 407 20.79 2.30 10.07
N VAL B 408 20.05 3.24 10.64
CA VAL B 408 20.19 3.61 12.04
C VAL B 408 19.10 2.98 12.92
N ILE B 409 17.85 3.09 12.52
CA ILE B 409 16.70 2.55 13.26
C ILE B 409 16.63 3.16 14.65
N VAL B 410 15.70 4.10 14.84
CA VAL B 410 15.58 4.86 16.08
C VAL B 410 14.32 4.42 16.81
N GLY B 411 14.43 4.25 18.12
CA GLY B 411 13.30 3.87 18.94
C GLY B 411 13.19 2.38 19.14
N VAL B 412 14.33 1.71 19.33
CA VAL B 412 14.37 0.26 19.43
C VAL B 412 15.23 -0.14 20.63
N ASP B 413 14.97 -1.35 21.13
CA ASP B 413 15.63 -1.85 22.32
C ASP B 413 16.94 -2.55 21.95
N ARG B 414 17.61 -3.10 22.97
CA ARG B 414 18.90 -3.77 22.78
C ARG B 414 18.73 -5.24 22.43
N ASP B 415 17.50 -5.74 22.33
CA ASP B 415 17.21 -7.10 21.91
C ASP B 415 16.56 -7.14 20.53
N TYR B 416 16.72 -6.08 19.74
CA TYR B 416 16.08 -6.00 18.44
C TYR B 416 16.62 -7.07 17.50
N VAL B 417 15.70 -7.72 16.79
CA VAL B 417 16.03 -8.78 15.83
C VAL B 417 15.76 -8.25 14.43
N TRP B 418 16.74 -8.43 13.54
CA TRP B 418 16.56 -7.99 12.16
C TRP B 418 15.47 -8.85 11.51
N PRO B 419 14.37 -8.27 11.06
CA PRO B 419 13.22 -9.07 10.60
C PRO B 419 13.25 -9.47 9.13
N TYR B 420 14.39 -9.37 8.45
CA TYR B 420 14.44 -9.62 7.02
C TYR B 420 15.48 -10.64 6.59
N GLN B 421 16.39 -11.06 7.47
CA GLN B 421 17.39 -12.04 7.10
C GLN B 421 17.92 -12.71 8.36
N ASN B 422 17.90 -14.04 8.38
CA ASN B 422 18.46 -14.77 9.50
C ASN B 422 19.99 -14.69 9.48
N GLY B 423 20.59 -14.57 10.65
CA GLY B 423 22.03 -14.46 10.76
C GLY B 423 22.57 -13.07 10.61
N VAL B 424 21.72 -12.06 10.48
CA VAL B 424 22.13 -10.67 10.38
C VAL B 424 21.84 -10.00 11.71
N TYR B 425 22.88 -9.44 12.33
CA TYR B 425 22.79 -8.88 13.67
C TYR B 425 22.99 -7.37 13.61
N VAL B 426 22.04 -6.64 14.16
CA VAL B 426 22.11 -5.18 14.19
C VAL B 426 23.03 -4.75 15.33
N HIS B 427 23.91 -3.79 15.04
CA HIS B 427 24.82 -3.28 16.05
C HIS B 427 24.03 -2.61 17.17
N GLY B 428 24.18 -3.13 18.38
CA GLY B 428 23.37 -2.70 19.50
C GLY B 428 22.08 -3.46 19.70
N GLY B 429 21.83 -4.49 18.89
CA GLY B 429 20.64 -5.30 19.03
C GLY B 429 20.94 -6.70 19.51
N LYS B 430 20.13 -7.66 19.09
CA LYS B 430 20.33 -9.05 19.50
C LYS B 430 21.63 -9.61 18.91
N GLY B 431 22.36 -10.35 19.72
CA GLY B 431 23.61 -10.93 19.30
C GLY B 431 23.44 -12.31 18.68
N PRO B 432 24.55 -12.91 18.25
CA PRO B 432 24.48 -14.24 17.61
C PRO B 432 23.88 -15.32 18.49
N ASN B 433 24.47 -15.55 19.66
CA ASN B 433 24.06 -16.65 20.54
C ASN B 433 23.14 -16.14 21.64
N GLY B 434 22.00 -15.58 21.24
CA GLY B 434 21.06 -15.06 22.19
C GLY B 434 21.58 -13.91 23.02
N THR B 435 22.68 -13.28 22.60
CA THR B 435 23.30 -12.21 23.37
C THR B 435 22.55 -10.90 23.17
N ASP B 436 22.90 -9.91 23.98
CA ASP B 436 22.25 -8.61 23.94
C ASP B 436 23.30 -7.53 23.72
N ASN B 437 22.87 -6.42 23.10
CA ASN B 437 23.75 -5.28 22.82
C ASN B 437 24.95 -5.70 21.98
N TYR B 438 24.67 -6.13 20.76
CA TYR B 438 25.71 -6.58 19.85
C TYR B 438 26.70 -5.44 19.59
N GLY B 439 28.00 -5.74 19.73
CA GLY B 439 29.02 -4.73 19.72
C GLY B 439 29.69 -4.45 18.39
N ASN B 440 29.50 -5.29 17.39
CA ASN B 440 30.14 -5.13 16.09
C ASN B 440 29.17 -4.53 15.08
N ALA B 441 29.66 -3.57 14.30
CA ALA B 441 28.89 -2.99 13.20
C ALA B 441 29.39 -3.62 11.90
N ASP B 442 28.87 -4.80 11.61
CA ASP B 442 29.31 -5.54 10.44
C ASP B 442 28.84 -4.85 9.16
N VAL B 443 29.69 -4.89 8.15
CA VAL B 443 29.41 -4.30 6.85
C VAL B 443 28.88 -5.40 5.93
N HIS B 444 27.72 -5.16 5.33
CA HIS B 444 27.08 -6.11 4.43
C HIS B 444 27.21 -5.59 3.01
N ASP B 445 27.78 -6.42 2.13
CA ASP B 445 28.05 -6.05 0.74
C ASP B 445 26.86 -6.44 -0.12
N GLY B 446 26.12 -5.43 -0.60
CA GLY B 446 24.99 -5.68 -1.47
C GLY B 446 23.68 -5.84 -0.74
N ILE B 447 22.60 -5.36 -1.35
CA ILE B 447 21.27 -5.49 -0.75
C ILE B 447 20.79 -6.93 -0.71
N GLY B 448 21.49 -7.85 -1.38
CA GLY B 448 21.09 -9.24 -1.36
C GLY B 448 21.47 -10.01 -0.10
N THR B 449 22.45 -9.51 0.65
CA THR B 449 22.85 -10.19 1.89
C THR B 449 21.76 -10.06 2.95
N ILE B 450 21.35 -8.83 3.25
CA ILE B 450 20.17 -8.57 4.05
C ILE B 450 18.97 -8.68 3.12
N PHE B 451 17.75 -8.63 3.68
CA PHE B 451 16.52 -8.68 2.88
C PHE B 451 16.44 -9.98 2.09
N SER B 452 16.28 -11.08 2.83
CA SER B 452 16.26 -12.42 2.26
C SER B 452 15.29 -12.56 1.09
N SER B 453 14.37 -11.62 0.92
CA SER B 453 13.54 -11.58 -0.29
C SER B 453 14.34 -11.31 -1.55
N PHE B 454 15.59 -10.86 -1.42
CA PHE B 454 16.48 -10.62 -2.55
C PHE B 454 17.68 -11.56 -2.53
N ASN B 455 17.48 -12.79 -2.03
CA ASN B 455 18.58 -13.73 -1.92
C ASN B 455 18.95 -14.29 -3.30
N ASP B 456 19.92 -15.20 -3.31
CA ASP B 456 20.53 -15.67 -4.54
C ASP B 456 19.53 -16.36 -5.46
N ASN B 457 18.98 -17.49 -5.03
CA ASN B 457 18.04 -18.26 -5.84
C ASN B 457 16.68 -18.22 -5.17
N VAL B 458 15.90 -17.20 -5.51
CA VAL B 458 14.57 -16.99 -4.91
C VAL B 458 13.57 -16.76 -6.03
N ASN B 459 12.49 -17.55 -6.01
CA ASN B 459 11.38 -17.37 -6.94
C ASN B 459 10.35 -16.43 -6.32
N VAL B 460 10.05 -15.35 -7.02
CA VAL B 460 9.24 -14.25 -6.50
C VAL B 460 8.03 -14.06 -7.40
N GLN B 461 6.85 -14.01 -6.79
CA GLN B 461 5.66 -13.64 -7.54
C GLN B 461 5.71 -12.16 -7.89
N THR B 462 5.10 -11.80 -9.03
CA THR B 462 5.16 -10.42 -9.49
C THR B 462 4.52 -9.45 -8.49
N SER B 463 3.37 -9.83 -7.93
CA SER B 463 2.62 -8.89 -7.08
C SER B 463 3.40 -8.54 -5.82
N ASP B 464 4.01 -9.53 -5.17
CA ASP B 464 4.70 -9.28 -3.91
C ASP B 464 6.10 -8.72 -4.09
N LEU B 465 6.58 -8.60 -5.33
CA LEU B 465 7.80 -7.87 -5.63
C LEU B 465 7.52 -6.44 -6.07
N ILE B 466 6.30 -6.14 -6.49
CA ILE B 466 5.93 -4.79 -6.91
C ILE B 466 5.15 -4.05 -5.82
N LEU B 467 4.62 -4.77 -4.83
CA LEU B 467 3.85 -4.12 -3.77
C LEU B 467 4.70 -3.12 -2.99
N GLY B 468 5.95 -3.48 -2.70
CA GLY B 468 6.83 -2.56 -2.02
C GLY B 468 7.07 -1.27 -2.80
N LEU B 469 7.29 -1.41 -4.11
CA LEU B 469 7.47 -0.24 -4.96
C LEU B 469 6.22 0.63 -4.97
N LEU B 470 5.04 0.00 -5.07
CA LEU B 470 3.79 0.76 -5.10
C LEU B 470 3.59 1.52 -3.79
N THR B 471 3.81 0.84 -2.66
CA THR B 471 3.65 1.50 -1.36
C THR B 471 4.65 2.64 -1.19
N LEU B 472 5.90 2.42 -1.60
CA LEU B 472 6.91 3.46 -1.52
C LEU B 472 6.51 4.69 -2.34
N TRP B 473 6.10 4.47 -3.58
CA TRP B 473 5.70 5.60 -4.43
C TRP B 473 4.51 6.33 -3.84
N ASN B 474 3.49 5.60 -3.41
CA ASN B 474 2.31 6.25 -2.86
C ASN B 474 2.65 7.06 -1.62
N HIS B 475 3.41 6.49 -0.70
CA HIS B 475 3.76 7.18 0.54
C HIS B 475 4.58 8.44 0.25
N ILE B 476 5.62 8.32 -0.58
CA ILE B 476 6.48 9.46 -0.84
C ILE B 476 5.71 10.56 -1.57
N THR B 477 4.91 10.18 -2.56
CA THR B 477 4.19 11.19 -3.35
C THR B 477 3.12 11.89 -2.52
N THR B 478 2.37 11.14 -1.69
CA THR B 478 1.28 11.73 -0.94
C THR B 478 1.73 12.36 0.38
N THR B 479 2.97 12.14 0.81
CA THR B 479 3.44 12.67 2.08
C THR B 479 4.57 13.67 1.94
N TYR B 480 5.62 13.34 1.19
CA TYR B 480 6.84 14.13 1.18
C TYR B 480 7.07 14.93 -0.09
N ALA B 481 6.40 14.61 -1.19
CA ALA B 481 6.69 15.19 -2.49
C ALA B 481 5.56 16.09 -2.95
N THR B 482 5.86 16.89 -3.98
CA THR B 482 4.91 17.79 -4.60
C THR B 482 4.69 17.37 -6.06
N GLU B 483 3.78 18.07 -6.73
CA GLU B 483 3.43 17.72 -8.10
C GLU B 483 4.58 17.99 -9.05
N GLU B 484 5.31 19.09 -8.85
CA GLU B 484 6.41 19.44 -9.74
C GLU B 484 7.49 18.36 -9.72
N GLU B 485 7.80 17.84 -8.53
CA GLU B 485 8.80 16.78 -8.42
C GLU B 485 8.35 15.53 -9.16
N VAL B 486 7.07 15.17 -9.06
CA VAL B 486 6.56 13.99 -9.75
C VAL B 486 6.64 14.17 -11.26
N THR B 487 6.24 15.34 -11.76
CA THR B 487 6.31 15.58 -13.20
C THR B 487 7.76 15.56 -13.69
N MET B 488 8.67 16.19 -12.95
CA MET B 488 10.08 16.16 -13.33
C MET B 488 10.61 14.73 -13.34
N ALA B 489 10.23 13.94 -12.35
CA ALA B 489 10.66 12.55 -12.30
C ALA B 489 10.14 11.77 -13.50
N ILE B 490 8.88 11.99 -13.87
CA ILE B 490 8.29 11.31 -15.02
C ILE B 490 9.08 11.66 -16.28
N LYS B 491 9.32 12.95 -16.50
CA LYS B 491 10.01 13.38 -17.72
C LYS B 491 11.45 12.87 -17.76
N ILE B 492 12.14 12.87 -16.62
CA ILE B 492 13.52 12.37 -16.59
C ILE B 492 13.55 10.86 -16.83
N ALA B 493 12.67 10.11 -16.16
CA ALA B 493 12.64 8.66 -16.32
C ALA B 493 12.21 8.24 -17.71
N ALA B 494 11.47 9.09 -18.42
CA ALA B 494 11.07 8.75 -19.79
C ALA B 494 12.27 8.61 -20.73
N ALA B 495 13.41 9.22 -20.38
CA ALA B 495 14.58 9.16 -21.27
C ALA B 495 15.26 7.80 -21.22
N PHE B 496 15.17 7.08 -20.10
CA PHE B 496 15.80 5.78 -19.93
C PHE B 496 14.78 4.65 -19.87
N ALA B 497 13.61 4.86 -20.45
CA ALA B 497 12.49 3.94 -20.26
C ALA B 497 12.49 2.76 -21.23
N LEU B 498 12.96 2.93 -22.46
CA LEU B 498 12.83 1.92 -23.49
C LEU B 498 14.18 1.58 -24.10
N VAL B 499 14.30 0.35 -24.56
CA VAL B 499 15.49 -0.15 -25.24
C VAL B 499 15.07 -0.69 -26.60
N TYR B 500 15.78 -0.26 -27.65
CA TYR B 500 15.44 -0.65 -29.01
C TYR B 500 16.61 -1.41 -29.65
N PRO B 501 16.32 -2.38 -30.51
CA PRO B 501 17.38 -3.11 -31.20
C PRO B 501 17.99 -2.24 -32.31
N VAL B 502 18.93 -2.85 -33.04
CA VAL B 502 19.52 -2.17 -34.19
C VAL B 502 18.43 -1.90 -35.22
N GLN B 503 18.61 -0.83 -35.99
CA GLN B 503 17.65 -0.47 -37.02
C GLN B 503 17.90 -1.29 -38.27
N PRO B 504 16.96 -2.14 -38.68
CA PRO B 504 17.14 -2.90 -39.93
C PRO B 504 16.73 -2.06 -41.12
N ILE B 505 17.53 -2.12 -42.17
CA ILE B 505 17.29 -1.32 -43.36
C ILE B 505 17.53 -2.17 -44.60
N VAL B 506 16.65 -2.05 -45.58
CA VAL B 506 16.78 -2.77 -46.83
C VAL B 506 17.31 -1.82 -47.90
N TYR B 507 17.60 -2.35 -49.07
CA TYR B 507 18.04 -1.52 -50.19
C TYR B 507 17.55 -2.18 -51.47
N SER B 508 16.72 -1.45 -52.22
CA SER B 508 16.06 -1.97 -53.41
C SER B 508 17.01 -2.21 -54.57
N GLY B 509 18.25 -1.75 -54.48
CA GLY B 509 19.12 -1.79 -55.64
C GLY B 509 18.80 -0.66 -56.60
N CYS B 510 19.28 -0.81 -57.83
CA CYS B 510 19.09 0.23 -58.83
C CYS B 510 18.55 -0.39 -60.11
N PRO B 511 17.80 0.39 -60.91
CA PRO B 511 17.34 -0.12 -62.21
C PRO B 511 18.49 -0.54 -63.11
N ARG B 512 18.23 -1.54 -63.94
CA ARG B 512 19.26 -2.07 -64.83
C ARG B 512 19.78 -1.02 -65.79
N ALA B 513 18.92 -0.11 -66.24
CA ALA B 513 19.33 0.91 -67.20
C ALA B 513 20.42 1.82 -66.65
N PHE B 514 20.59 1.87 -65.33
CA PHE B 514 21.63 2.67 -64.70
C PHE B 514 22.76 1.81 -64.13
N GLN B 515 22.90 0.58 -64.63
CA GLN B 515 23.91 -0.33 -64.08
C GLN B 515 25.31 0.24 -64.21
N SER B 516 25.56 1.04 -65.24
CA SER B 516 26.88 1.63 -65.46
C SER B 516 27.04 2.99 -64.80
N HIS B 517 26.04 3.45 -64.03
CA HIS B 517 26.07 4.76 -63.41
C HIS B 517 25.92 4.66 -61.89
N THR B 518 26.30 3.53 -61.30
CA THR B 518 26.03 3.25 -59.90
C THR B 518 27.27 2.73 -59.19
N SER B 519 27.31 2.98 -57.88
CA SER B 519 28.21 2.29 -56.98
C SER B 519 27.48 1.29 -56.08
N TYR B 520 26.17 1.42 -55.93
CA TYR B 520 25.33 0.50 -55.16
C TYR B 520 24.25 -0.01 -56.11
N TYR B 521 24.54 -1.10 -56.82
CA TYR B 521 23.62 -1.66 -57.80
C TYR B 521 22.78 -2.80 -57.25
N GLN B 522 23.42 -3.74 -56.54
CA GLN B 522 22.70 -4.90 -56.04
C GLN B 522 21.81 -4.52 -54.86
N PRO B 523 20.60 -5.08 -54.78
CA PRO B 523 19.80 -4.90 -53.57
C PRO B 523 20.41 -5.64 -52.39
N SER B 524 20.19 -5.11 -51.19
CA SER B 524 20.85 -5.68 -50.02
C SER B 524 19.98 -5.42 -48.79
N SER B 525 20.50 -5.76 -47.62
CA SER B 525 19.81 -5.54 -46.36
C SER B 525 20.84 -5.52 -45.22
N GLU B 526 20.42 -4.96 -44.09
CA GLU B 526 21.28 -4.79 -42.94
C GLU B 526 20.46 -4.92 -41.66
N ASN B 527 20.95 -5.75 -40.74
CA ASN B 527 20.34 -5.94 -39.40
C ASN B 527 18.94 -6.52 -39.48
N CYS B 528 18.64 -7.23 -40.56
CA CYS B 528 17.35 -7.92 -40.72
C CYS B 528 17.54 -9.36 -40.24
N TYR B 529 16.96 -9.68 -39.09
CA TYR B 529 17.22 -10.96 -38.43
C TYR B 529 15.92 -11.52 -37.87
N THR B 530 15.52 -12.69 -38.37
CA THR B 530 14.39 -13.44 -37.83
C THR B 530 14.79 -14.90 -37.69
N THR B 531 14.14 -15.59 -36.76
CA THR B 531 14.53 -16.95 -36.42
C THR B 531 13.41 -17.98 -36.57
N ASP B 532 12.23 -17.58 -37.00
CA ASP B 532 11.13 -18.53 -37.11
C ASP B 532 11.30 -19.42 -38.33
N THR B 533 11.14 -20.73 -38.13
CA THR B 533 11.23 -21.70 -39.21
C THR B 533 9.90 -22.37 -39.51
N ALA B 534 8.84 -22.05 -38.76
CA ALA B 534 7.53 -22.64 -39.02
C ALA B 534 7.00 -22.21 -40.38
N GLU B 535 7.21 -20.96 -40.75
CA GLU B 535 6.75 -20.42 -42.03
C GLU B 535 7.95 -20.05 -42.90
N VAL B 536 7.66 -19.44 -44.04
CA VAL B 536 8.71 -19.05 -44.98
C VAL B 536 9.34 -17.75 -44.53
N LYS B 537 10.67 -17.73 -44.47
CA LYS B 537 11.40 -16.54 -44.08
C LYS B 537 11.45 -15.55 -45.24
N SER B 538 11.33 -14.26 -44.90
CA SER B 538 11.42 -13.22 -45.91
C SER B 538 12.82 -13.18 -46.50
N THR B 539 12.90 -12.83 -47.79
CA THR B 539 14.18 -12.80 -48.49
C THR B 539 15.11 -11.73 -47.94
N TRP B 540 14.57 -10.72 -47.25
CA TRP B 540 15.39 -9.64 -46.73
C TRP B 540 16.09 -10.01 -45.42
N ASP B 541 15.67 -11.09 -44.75
CA ASP B 541 16.30 -11.54 -43.52
C ASP B 541 17.43 -12.50 -43.90
N THR B 542 18.67 -12.00 -43.82
CA THR B 542 19.83 -12.79 -44.21
C THR B 542 20.93 -12.73 -43.15
N VAL B 543 20.60 -12.32 -41.92
CA VAL B 543 21.59 -12.17 -40.87
C VAL B 543 21.84 -13.54 -40.23
N GLU B 544 23.10 -13.96 -40.21
CA GLU B 544 23.52 -15.16 -39.50
C GLU B 544 24.18 -14.73 -38.20
N LEU B 545 23.58 -15.11 -37.07
CA LEU B 545 24.00 -14.61 -35.76
C LEU B 545 25.28 -15.33 -35.34
N SER B 546 26.40 -14.82 -35.84
CA SER B 546 27.71 -15.28 -35.40
C SER B 546 28.17 -14.42 -34.23
N VAL B 547 29.37 -14.70 -33.73
CA VAL B 547 29.89 -13.97 -32.56
C VAL B 547 30.11 -12.50 -32.91
N GLN B 548 30.80 -12.25 -34.03
CA GLN B 548 31.06 -10.87 -34.43
C GLN B 548 29.77 -10.14 -34.77
N VAL B 549 28.86 -10.82 -35.47
CA VAL B 549 27.56 -10.22 -35.78
C VAL B 549 26.79 -9.96 -34.50
N ASN B 550 26.87 -10.87 -33.52
CA ASN B 550 26.21 -10.66 -32.25
C ASN B 550 26.73 -9.41 -31.56
N ASN B 551 28.07 -9.25 -31.52
CA ASN B 551 28.65 -8.07 -30.89
C ASN B 551 28.24 -6.79 -31.61
N ALA B 552 28.28 -6.81 -32.94
CA ALA B 552 27.93 -5.63 -33.72
C ALA B 552 26.47 -5.25 -33.52
N MET B 553 25.58 -6.23 -33.47
CA MET B 553 24.17 -5.95 -33.25
C MET B 553 23.92 -5.48 -31.81
N VAL B 554 24.67 -6.02 -30.84
CA VAL B 554 24.51 -5.59 -29.46
C VAL B 554 24.93 -4.14 -29.29
N LEU B 555 26.03 -3.75 -29.94
CA LEU B 555 26.51 -2.37 -29.84
C LEU B 555 25.74 -1.39 -30.73
N GLY B 556 24.57 -1.78 -31.24
CA GLY B 556 23.77 -0.88 -32.03
C GLY B 556 22.47 -0.49 -31.34
N MET B 557 22.18 -1.13 -30.21
CA MET B 557 20.97 -0.82 -29.47
C MET B 557 21.04 0.59 -28.89
N THR B 558 19.89 1.26 -28.84
CA THR B 558 19.84 2.68 -28.54
C THR B 558 18.74 3.00 -27.54
N LEU B 559 18.93 4.11 -26.83
CA LEU B 559 17.92 4.66 -25.94
C LEU B 559 16.94 5.51 -26.76
N PRO B 560 15.85 5.98 -26.14
CA PRO B 560 14.88 6.80 -26.90
C PRO B 560 15.48 7.98 -27.64
N PHE B 561 16.46 8.66 -27.03
CA PHE B 561 17.10 9.78 -27.71
C PHE B 561 18.16 9.34 -28.71
N GLY B 562 18.46 8.05 -28.80
CA GLY B 562 19.41 7.54 -29.76
C GLY B 562 20.79 7.19 -29.21
N GLN B 563 20.96 7.24 -27.90
CA GLN B 563 22.27 6.97 -27.33
C GLN B 563 22.55 5.47 -27.32
N PRO B 564 23.62 5.02 -27.97
CA PRO B 564 24.00 3.60 -27.89
C PRO B 564 24.85 3.32 -26.66
N THR B 565 25.37 2.10 -26.55
CA THR B 565 26.20 1.72 -25.42
C THR B 565 27.53 1.16 -25.90
N VAL B 566 28.53 1.29 -25.03
CA VAL B 566 29.82 0.64 -25.22
C VAL B 566 30.15 -0.36 -24.12
N SER B 567 29.39 -0.36 -23.02
CA SER B 567 29.53 -1.35 -21.98
C SER B 567 28.72 -2.60 -22.32
N SER B 568 29.09 -3.72 -21.70
CA SER B 568 28.42 -4.98 -21.98
C SER B 568 28.64 -5.94 -20.82
N ALA B 569 27.90 -7.04 -20.85
CA ALA B 569 28.07 -8.11 -19.88
C ALA B 569 27.94 -9.45 -20.59
N GLN B 570 28.52 -10.48 -20.00
CA GLN B 570 28.49 -11.82 -20.59
C GLN B 570 28.59 -12.85 -19.48
N TRP B 571 27.61 -13.73 -19.39
CA TRP B 571 27.57 -14.82 -18.43
C TRP B 571 27.46 -16.12 -19.23
N PHE B 572 28.61 -16.70 -19.56
CA PHE B 572 28.67 -17.86 -20.42
C PHE B 572 29.73 -18.82 -19.89
N ASN B 573 29.47 -20.12 -20.05
CA ASN B 573 30.37 -21.18 -19.59
C ASN B 573 30.66 -21.04 -18.09
N ASN B 574 29.62 -20.67 -17.33
CA ASN B 574 29.69 -20.46 -15.89
C ASN B 574 30.70 -19.38 -15.51
N ILE B 575 31.04 -18.51 -16.46
CA ILE B 575 31.95 -17.39 -16.23
C ILE B 575 31.21 -16.11 -16.52
N ASP B 576 31.22 -15.18 -15.57
CA ASP B 576 30.51 -13.91 -15.67
C ASP B 576 31.52 -12.77 -15.69
N LYS B 577 31.36 -11.86 -16.65
CA LYS B 577 32.28 -10.75 -16.80
C LYS B 577 31.55 -9.56 -17.39
N ALA B 578 31.81 -8.38 -16.83
CA ALA B 578 31.20 -7.13 -17.28
C ALA B 578 32.29 -6.16 -17.71
N GLU B 579 32.11 -5.54 -18.86
CA GLU B 579 33.02 -4.53 -19.39
C GLU B 579 32.28 -3.19 -19.32
N ILE B 580 32.62 -2.38 -18.32
CA ILE B 580 32.00 -1.08 -18.11
C ILE B 580 33.00 0.00 -18.52
N SER B 581 32.55 0.90 -19.40
CA SER B 581 33.40 1.96 -19.92
C SER B 581 33.20 3.23 -19.10
N MET B 582 34.19 4.12 -19.19
CA MET B 582 34.12 5.40 -18.51
C MET B 582 33.10 6.35 -19.12
N PHE B 583 32.60 6.06 -20.32
CA PHE B 583 31.62 6.89 -21.00
C PHE B 583 30.22 6.35 -20.69
N LYS B 584 29.46 7.12 -19.91
CA LYS B 584 28.11 6.72 -19.56
C LYS B 584 27.10 7.19 -20.61
N VAL B 585 25.91 6.55 -20.58
CA VAL B 585 24.82 6.95 -21.45
C VAL B 585 24.01 8.09 -20.88
N GLY B 586 24.20 8.43 -19.61
CA GLY B 586 23.45 9.49 -18.98
C GLY B 586 23.75 9.55 -17.50
N ASN B 587 23.12 10.50 -16.84
CA ASN B 587 23.31 10.71 -15.42
C ASN B 587 21.98 10.97 -14.75
N LEU B 588 21.87 10.56 -13.49
CA LEU B 588 20.70 10.80 -12.67
C LEU B 588 21.11 11.49 -11.38
N PRO B 589 20.32 12.45 -10.90
CA PRO B 589 20.68 13.14 -9.66
C PRO B 589 20.66 12.20 -8.47
N LEU B 590 21.58 12.44 -7.54
CA LEU B 590 21.64 11.66 -6.32
C LEU B 590 20.53 12.09 -5.35
N GLN B 591 20.08 11.13 -4.54
CA GLN B 591 19.03 11.39 -3.57
C GLN B 591 19.64 11.73 -2.21
N ASN B 592 19.25 12.88 -1.68
CA ASN B 592 19.73 13.30 -0.36
C ASN B 592 18.98 12.54 0.72
N LEU B 593 19.70 11.70 1.46
CA LEU B 593 19.08 10.91 2.52
C LEU B 593 18.77 11.73 3.76
N ASP B 594 19.34 12.93 3.89
CA ASP B 594 19.00 13.78 5.02
C ASP B 594 17.54 14.20 4.97
N TYR B 595 17.04 14.54 3.78
CA TYR B 595 15.62 14.84 3.63
C TYR B 595 14.77 13.64 4.00
N LEU B 596 15.21 12.45 3.57
CA LEU B 596 14.50 11.21 3.90
C LEU B 596 14.39 11.03 5.42
N SER B 597 15.52 11.17 6.12
CA SER B 597 15.52 11.02 7.57
C SER B 597 14.67 12.09 8.25
N LEU B 598 14.73 13.33 7.76
CA LEU B 598 13.94 14.41 8.36
C LEU B 598 12.45 14.15 8.20
N ASP B 599 12.04 13.72 7.02
CA ASP B 599 10.61 13.45 6.79
C ASP B 599 10.14 12.24 7.58
N MET B 600 10.95 11.18 7.62
CA MET B 600 10.55 9.96 8.31
C MET B 600 10.67 10.07 9.82
N MET B 601 11.37 11.08 10.34
CA MET B 601 11.38 11.38 11.76
C MET B 601 10.45 12.53 12.11
N GLU B 602 9.61 12.96 11.17
CA GLU B 602 8.56 13.95 11.41
C GLU B 602 9.12 15.27 11.94
N PHE B 603 10.26 15.69 11.39
CA PHE B 603 10.74 17.04 11.64
C PHE B 603 10.18 18.06 10.65
N TYR B 604 9.79 17.61 9.46
CA TYR B 604 9.09 18.42 8.49
C TYR B 604 7.60 18.12 8.54
N ALA B 605 6.79 19.15 8.33
CA ALA B 605 5.36 18.95 8.20
C ALA B 605 5.07 18.28 6.87
N PRO B 606 4.24 17.22 6.83
CA PRO B 606 3.99 16.53 5.57
C PRO B 606 3.30 17.44 4.56
N THR B 607 3.63 17.22 3.28
CA THR B 607 3.04 17.96 2.18
C THR B 607 1.84 17.18 1.67
N THR B 608 0.71 17.31 2.39
CA THR B 608 -0.53 16.63 2.05
C THR B 608 -1.48 17.65 1.43
N GLY B 609 -2.00 17.32 0.24
CA GLY B 609 -2.84 18.23 -0.50
C GLY B 609 -2.13 18.99 -1.59
N GLN B 610 -0.83 18.78 -1.78
CA GLN B 610 -0.06 19.43 -2.82
C GLN B 610 0.10 18.55 -4.07
N LEU B 611 -0.90 17.72 -4.34
CA LEU B 611 -0.90 16.82 -5.50
C LEU B 611 -2.23 17.05 -6.22
N TYR B 612 -2.24 17.96 -7.19
CA TYR B 612 -3.47 18.28 -7.91
C TYR B 612 -3.72 17.37 -9.12
N ASP B 613 -2.79 16.48 -9.45
CA ASP B 613 -2.96 15.53 -10.53
C ASP B 613 -3.35 14.18 -9.95
N ILE B 614 -4.44 13.60 -10.46
CA ILE B 614 -4.96 12.37 -9.88
C ILE B 614 -4.15 11.14 -10.25
N ARG B 615 -3.30 11.23 -11.28
CA ARG B 615 -2.48 10.09 -11.69
C ARG B 615 -1.12 10.07 -11.02
N SER B 616 -0.77 11.09 -10.24
CA SER B 616 0.58 11.22 -9.69
C SER B 616 0.77 10.46 -8.38
N ASP B 617 -0.26 9.82 -7.84
CA ASP B 617 -0.18 9.15 -6.55
C ASP B 617 -0.23 7.63 -6.64
N ASN B 618 -0.34 7.06 -7.84
CA ASN B 618 -0.50 5.62 -7.99
C ASN B 618 0.83 4.91 -8.19
N LEU B 619 1.56 5.26 -9.27
CA LEU B 619 2.80 4.69 -9.79
C LEU B 619 2.54 4.04 -11.15
N ILE B 620 1.55 3.14 -11.21
CA ILE B 620 1.21 2.50 -12.46
C ILE B 620 0.73 3.53 -13.48
N LEU B 621 -0.13 4.45 -13.04
CA LEU B 621 -0.53 5.55 -13.91
C LEU B 621 0.67 6.43 -14.26
N SER B 622 1.50 6.73 -13.27
CA SER B 622 2.71 7.50 -13.52
C SER B 622 3.64 6.77 -14.47
N ALA B 623 3.83 5.47 -14.27
CA ALA B 623 4.68 4.69 -15.17
C ALA B 623 4.12 4.67 -16.59
N HIS B 624 2.80 4.61 -16.73
CA HIS B 624 2.18 4.75 -18.05
C HIS B 624 2.52 6.10 -18.66
N ARG B 625 2.46 7.17 -17.85
CA ARG B 625 2.81 8.49 -18.37
C ARG B 625 4.25 8.54 -18.86
N THR B 626 5.19 7.97 -18.10
CA THR B 626 6.58 8.03 -18.55
C THR B 626 6.83 7.11 -19.74
N VAL B 627 6.12 5.98 -19.84
CA VAL B 627 6.27 5.13 -21.01
C VAL B 627 5.77 5.84 -22.26
N ASN B 628 4.61 6.49 -22.16
CA ASN B 628 4.10 7.28 -23.29
C ASN B 628 5.05 8.41 -23.63
N LEU B 629 5.60 9.07 -22.60
CA LEU B 629 6.55 10.15 -22.84
C LEU B 629 7.82 9.63 -23.52
N GLY B 630 8.29 8.45 -23.15
CA GLY B 630 9.46 7.88 -23.80
C GLY B 630 9.21 7.50 -25.25
N ILE B 631 8.02 6.96 -25.53
CA ILE B 631 7.68 6.66 -26.93
C ILE B 631 7.58 7.96 -27.72
N GLY B 632 7.04 9.01 -27.10
CA GLY B 632 7.05 10.32 -27.75
C GLY B 632 8.45 10.84 -27.97
N TYR B 633 9.34 10.61 -26.99
CA TYR B 633 10.73 11.03 -27.13
C TYR B 633 11.41 10.35 -28.31
N THR B 634 11.20 9.03 -28.45
CA THR B 634 11.86 8.34 -29.56
C THR B 634 11.22 8.70 -30.90
N ALA B 635 9.90 8.93 -30.94
CA ALA B 635 9.27 9.37 -32.18
C ALA B 635 9.80 10.75 -32.60
N LEU B 636 9.88 11.67 -31.64
CA LEU B 636 10.42 13.00 -31.95
C LEU B 636 11.90 12.94 -32.28
N ALA B 637 12.65 12.01 -31.69
CA ALA B 637 14.06 11.85 -32.04
C ALA B 637 14.22 11.38 -33.46
N ASP B 638 13.41 10.40 -33.88
CA ASP B 638 13.44 9.96 -35.28
C ASP B 638 13.05 11.09 -36.22
N PHE B 639 12.03 11.87 -35.84
CA PHE B 639 11.60 12.98 -36.67
C PHE B 639 12.69 14.05 -36.77
N PHE B 640 13.39 14.32 -35.67
CA PHE B 640 14.50 15.26 -35.70
C PHE B 640 15.65 14.75 -36.56
N ALA B 641 15.92 13.44 -36.48
CA ALA B 641 16.96 12.86 -37.33
C ALA B 641 16.62 13.02 -38.79
N TYR B 642 15.34 12.84 -39.15
CA TYR B 642 14.92 13.14 -40.52
C TYR B 642 15.08 14.62 -40.83
N LEU B 643 14.70 15.49 -39.89
CA LEU B 643 14.80 16.93 -40.12
C LEU B 643 16.25 17.39 -40.20
N ALA B 644 17.12 16.83 -39.36
CA ALA B 644 18.53 17.17 -39.37
C ALA B 644 19.33 16.31 -40.36
N SER B 645 18.67 15.40 -41.06
CA SER B 645 19.31 14.53 -42.05
C SER B 645 20.44 13.72 -41.42
N VAL B 646 20.06 12.88 -40.46
CA VAL B 646 20.99 12.01 -39.76
C VAL B 646 20.82 10.59 -40.30
N PRO B 647 21.83 10.02 -40.97
CA PRO B 647 21.67 8.68 -41.51
C PRO B 647 21.54 7.63 -40.41
N ALA B 648 20.85 6.53 -40.75
CA ALA B 648 20.69 5.43 -39.82
C ALA B 648 22.00 4.70 -39.55
N GLN B 649 23.00 4.86 -40.40
CA GLN B 649 24.29 4.20 -40.23
C GLN B 649 25.22 4.97 -39.30
N SER B 650 24.79 6.12 -38.80
CA SER B 650 25.56 6.85 -37.79
C SER B 650 25.38 6.29 -36.40
N PHE B 651 24.55 5.26 -36.23
CA PHE B 651 24.30 4.65 -34.92
C PHE B 651 24.66 3.17 -34.90
N TYR B 652 25.42 2.69 -35.87
CA TYR B 652 25.84 1.30 -35.91
C TYR B 652 27.15 1.14 -35.16
N HIS B 653 27.77 -0.04 -35.25
CA HIS B 653 29.05 -0.25 -34.58
C HIS B 653 30.19 0.46 -35.31
N ASP B 654 30.07 0.64 -36.63
CA ASP B 654 31.10 1.27 -37.44
C ASP B 654 30.79 2.73 -37.75
N ARG B 655 30.16 3.44 -36.81
CA ARG B 655 29.81 4.84 -37.05
C ARG B 655 31.01 5.76 -37.11
N MET B 656 32.13 5.38 -36.49
CA MET B 656 33.30 6.24 -36.42
C MET B 656 34.38 5.88 -37.43
N VAL B 657 34.36 4.67 -37.98
CA VAL B 657 35.40 4.22 -38.90
C VAL B 657 34.95 4.47 -40.34
N THR B 658 33.65 4.48 -40.57
CA THR B 658 33.12 4.60 -41.93
C THR B 658 33.54 5.92 -42.58
N SER B 659 33.06 7.04 -42.04
CA SER B 659 33.39 8.34 -42.61
C SER B 659 33.01 9.42 -41.62
N PRO B 660 33.85 10.45 -41.45
CA PRO B 660 33.59 11.54 -40.54
C PRO B 660 32.21 12.19 -40.62
N ILE B 661 31.36 11.87 -41.60
CA ILE B 661 30.08 12.54 -41.73
C ILE B 661 29.17 12.26 -40.55
N SER B 662 29.47 11.19 -39.79
CA SER B 662 28.65 10.88 -38.63
C SER B 662 28.71 12.01 -37.61
N LYS B 663 29.92 12.49 -37.31
CA LYS B 663 30.07 13.59 -36.37
C LYS B 663 29.45 14.88 -36.91
N GLN B 664 29.55 15.11 -38.22
CA GLN B 664 28.92 16.27 -38.82
C GLN B 664 27.40 16.23 -38.68
N THR B 665 26.81 15.04 -38.75
CA THR B 665 25.38 14.92 -38.52
C THR B 665 25.04 15.04 -37.03
N TYR B 666 25.92 14.52 -36.17
CA TYR B 666 25.74 14.67 -34.72
C TYR B 666 25.70 16.15 -34.34
N SER B 667 26.48 16.97 -35.05
CA SER B 667 26.56 18.39 -34.73
C SER B 667 25.25 19.14 -34.93
N VAL B 668 24.27 18.54 -35.62
CA VAL B 668 22.94 19.10 -35.76
C VAL B 668 21.90 18.33 -34.95
N TYR B 669 22.07 17.01 -34.88
CA TYR B 669 21.20 16.19 -34.04
C TYR B 669 21.26 16.66 -32.60
N GLU B 670 22.46 17.04 -32.14
CA GLU B 670 22.64 17.54 -30.78
C GLU B 670 21.89 18.85 -30.58
N ARG B 671 21.92 19.75 -31.57
CA ARG B 671 21.16 20.99 -31.44
C ARG B 671 19.67 20.71 -31.34
N PHE B 672 19.16 19.80 -32.17
CA PHE B 672 17.73 19.47 -32.11
C PHE B 672 17.35 18.91 -30.74
N ILE B 673 18.13 17.94 -30.25
CA ILE B 673 17.81 17.32 -28.97
C ILE B 673 17.96 18.33 -27.83
N GLU B 674 18.99 19.19 -27.89
CA GLU B 674 19.18 20.17 -26.83
C GLU B 674 18.02 21.16 -26.79
N ARG B 675 17.53 21.60 -27.95
CA ARG B 675 16.38 22.50 -27.95
C ARG B 675 15.14 21.81 -27.39
N PHE B 676 14.90 20.56 -27.79
CA PHE B 676 13.71 19.86 -27.29
C PHE B 676 13.78 19.65 -25.78
N VAL B 677 14.94 19.24 -25.28
CA VAL B 677 15.08 18.98 -23.84
C VAL B 677 15.00 20.28 -23.04
N ASP B 678 15.59 21.37 -23.55
CA ASP B 678 15.51 22.63 -22.85
C ASP B 678 14.12 23.25 -22.91
N ASP B 679 13.29 22.83 -23.87
CA ASP B 679 11.94 23.39 -23.98
C ASP B 679 10.87 22.53 -23.31
N PHE B 680 11.11 21.25 -23.10
CA PHE B 680 10.09 20.36 -22.53
C PHE B 680 10.49 19.80 -21.16
N VAL B 681 11.64 19.13 -21.07
CA VAL B 681 11.99 18.44 -19.83
C VAL B 681 12.32 19.44 -18.72
N GLY B 682 13.11 20.46 -19.05
CA GLY B 682 13.56 21.41 -18.06
C GLY B 682 14.78 20.99 -17.26
N TRP B 683 15.33 19.81 -17.53
CA TRP B 683 16.53 19.33 -16.87
C TRP B 683 17.74 19.58 -17.78
N ASP B 684 18.93 19.41 -17.19
CA ASP B 684 20.17 19.63 -17.93
C ASP B 684 20.30 18.59 -19.04
N ARG B 685 20.68 19.05 -20.24
CA ARG B 685 20.78 18.16 -21.38
C ARG B 685 21.86 17.10 -21.19
N CYS B 686 23.01 17.50 -20.62
CA CYS B 686 24.15 16.59 -20.52
C CYS B 686 23.83 15.37 -19.67
N ASP B 687 22.79 15.44 -18.83
CA ASP B 687 22.38 14.27 -18.07
C ASP B 687 21.53 13.31 -18.89
N LEU B 688 20.83 13.81 -19.90
CA LEU B 688 19.88 13.01 -20.66
C LEU B 688 20.41 12.55 -22.02
N PHE B 689 21.29 13.32 -22.65
CA PHE B 689 21.82 12.94 -23.96
C PHE B 689 23.18 13.60 -24.17
N ASN B 690 24.21 12.78 -24.33
CA ASN B 690 25.53 13.24 -24.77
C ASN B 690 25.88 12.57 -26.08
N LEU B 691 27.05 12.90 -26.61
CA LEU B 691 27.63 12.22 -27.76
C LEU B 691 28.75 11.27 -27.35
N ASP B 692 28.93 11.04 -26.05
CA ASP B 692 30.10 10.31 -25.57
C ASP B 692 30.10 8.87 -26.07
N THR B 693 28.97 8.16 -25.94
CA THR B 693 28.92 6.78 -26.37
C THR B 693 28.92 6.66 -27.89
N LEU B 694 28.38 7.67 -28.58
CA LEU B 694 28.43 7.67 -30.04
C LEU B 694 29.85 7.79 -30.55
N LEU B 695 30.66 8.63 -29.91
CA LEU B 695 32.01 8.93 -30.38
C LEU B 695 33.04 7.90 -29.92
N ALA B 696 32.64 6.89 -29.16
CA ALA B 696 33.56 5.87 -28.67
C ALA B 696 33.25 4.50 -29.26
N ALA B 697 32.91 4.45 -30.55
CA ALA B 697 32.58 3.20 -31.19
C ALA B 697 33.81 2.30 -31.32
N LYS B 698 33.55 0.99 -31.46
CA LYS B 698 34.62 0.01 -31.51
C LYS B 698 34.73 -0.73 -32.83
N ARG B 699 33.65 -0.78 -33.63
CA ARG B 699 33.69 -1.22 -35.02
C ARG B 699 33.89 -2.74 -35.14
N ILE B 700 34.15 -3.41 -34.03
CA ILE B 700 34.48 -4.85 -34.01
C ILE B 700 35.65 -5.09 -34.96
N ALA B 701 35.78 -6.31 -35.47
CA ALA B 701 36.92 -6.66 -36.31
C ALA B 701 36.50 -7.09 -37.71
N GLY B 702 35.60 -8.07 -37.80
CA GLY B 702 35.33 -8.71 -39.07
C GLY B 702 33.90 -8.64 -39.58
N VAL B 703 33.20 -7.55 -39.28
CA VAL B 703 31.86 -7.32 -39.80
C VAL B 703 31.95 -6.20 -40.83
N ALA B 704 31.59 -6.53 -42.07
CA ALA B 704 31.68 -5.60 -43.19
C ALA B 704 30.33 -4.95 -43.45
N SER B 705 30.34 -3.63 -43.65
CA SER B 705 29.11 -2.90 -43.89
C SER B 705 28.51 -3.30 -45.24
N SER B 706 27.18 -3.38 -45.28
CA SER B 706 26.49 -3.71 -46.52
C SER B 706 26.60 -2.55 -47.51
N PRO B 707 26.64 -2.85 -48.81
CA PRO B 707 26.73 -1.78 -49.81
C PRO B 707 25.42 -1.02 -49.96
N ILE B 708 25.12 -0.16 -48.97
CA ILE B 708 23.88 0.60 -48.98
C ILE B 708 24.21 2.09 -48.87
N PRO B 709 23.58 2.95 -49.67
CA PRO B 709 23.78 4.39 -49.51
C PRO B 709 23.18 4.89 -48.21
N TRP B 710 23.73 6.00 -47.73
CA TRP B 710 23.29 6.60 -46.47
C TRP B 710 22.13 7.57 -46.75
N HIS B 711 21.02 6.97 -47.22
CA HIS B 711 19.82 7.72 -47.57
C HIS B 711 18.68 7.52 -46.59
N CYS B 712 18.84 6.67 -45.58
CA CYS B 712 17.79 6.37 -44.63
C CYS B 712 18.08 7.05 -43.31
N SER B 713 17.08 7.74 -42.77
CA SER B 713 17.23 8.44 -41.50
C SER B 713 17.18 7.47 -40.33
N LEU B 714 17.61 7.95 -39.17
CA LEU B 714 17.50 7.17 -37.94
C LEU B 714 16.04 6.98 -37.59
N GLN B 715 15.62 5.72 -37.44
CA GLN B 715 14.23 5.42 -37.16
C GLN B 715 14.14 4.12 -36.36
N ARG B 716 13.45 4.19 -35.23
CA ARG B 716 13.18 3.01 -34.41
C ARG B 716 11.71 2.72 -34.23
N CYS B 717 10.85 3.73 -34.31
CA CYS B 717 9.41 3.54 -34.29
C CYS B 717 8.83 3.54 -35.70
N PRO B 718 7.89 2.65 -35.98
CA PRO B 718 7.23 2.66 -37.29
C PRO B 718 6.54 3.99 -37.56
N LEU B 719 6.17 4.16 -38.83
CA LEU B 719 5.58 5.42 -39.27
C LEU B 719 4.30 5.79 -38.52
N PRO B 720 3.33 4.89 -38.27
CA PRO B 720 2.10 5.33 -37.60
C PRO B 720 2.32 5.98 -36.25
N ILE B 721 3.25 5.46 -35.44
CA ILE B 721 3.53 6.08 -34.15
C ILE B 721 4.17 7.44 -34.33
N ILE B 722 5.06 7.55 -35.32
CA ILE B 722 5.72 8.83 -35.60
C ILE B 722 4.70 9.89 -35.98
N MET B 723 3.75 9.54 -36.85
CA MET B 723 2.74 10.52 -37.24
C MET B 723 1.68 10.73 -36.17
N HIS B 724 1.54 9.79 -35.24
CA HIS B 724 0.72 10.04 -34.05
C HIS B 724 1.33 11.13 -33.19
N TYR B 725 2.63 11.01 -32.90
CA TYR B 725 3.27 11.97 -32.02
C TYR B 725 3.57 13.30 -32.69
N THR B 726 3.88 13.30 -33.99
CA THR B 726 4.24 14.52 -34.69
C THR B 726 3.10 15.17 -35.46
N GLY B 727 2.08 14.40 -35.82
CA GLY B 727 0.96 14.95 -36.56
C GLY B 727 1.07 14.89 -38.06
N LEU B 728 2.02 14.11 -38.59
CA LEU B 728 2.16 13.98 -40.03
C LEU B 728 0.98 13.23 -40.62
N HIS B 729 0.67 13.53 -41.89
CA HIS B 729 -0.41 12.90 -42.61
C HIS B 729 0.14 12.23 -43.85
N PHE B 730 -0.19 10.95 -44.03
CA PHE B 730 0.28 10.16 -45.16
C PHE B 730 -0.87 9.37 -45.78
N GLY B 731 -2.00 10.04 -46.00
CA GLY B 731 -3.16 9.38 -46.55
C GLY B 731 -3.04 9.13 -48.04
N GLN B 732 -4.10 8.56 -48.60
CA GLN B 732 -4.15 8.25 -50.03
C GLN B 732 -4.46 9.47 -50.88
N GLU B 733 -4.77 10.61 -50.28
CA GLU B 733 -5.05 11.83 -51.02
C GLU B 733 -3.80 12.47 -51.61
N HIS B 734 -2.62 12.00 -51.22
CA HIS B 734 -1.36 12.57 -51.70
C HIS B 734 -0.76 11.77 -52.86
N ILE B 735 -1.47 10.77 -53.36
CA ILE B 735 -1.01 9.97 -54.50
C ILE B 735 -1.67 10.52 -55.75
N THR B 736 -0.87 10.80 -56.77
CA THR B 736 -1.35 11.45 -57.98
C THR B 736 -1.65 10.43 -59.07
N VAL B 737 -2.62 10.77 -59.93
CA VAL B 737 -2.95 9.98 -61.11
C VAL B 737 -2.50 10.69 -62.37
N ARG B 738 -3.03 11.88 -62.63
CA ARG B 738 -2.40 12.90 -63.48
C ARG B 738 -1.95 12.36 -64.85
N ASP B 739 -2.90 12.07 -65.73
CA ASP B 739 -2.55 11.93 -67.14
C ASP B 739 -1.82 13.18 -67.61
N VAL B 740 -0.59 13.01 -68.07
CA VAL B 740 0.30 14.13 -68.33
C VAL B 740 0.11 14.64 -69.74
N ALA B 741 -0.05 15.96 -69.88
CA ALA B 741 -0.14 16.63 -71.17
C ALA B 741 1.03 17.57 -71.43
N GLY B 742 1.39 18.40 -70.45
CA GLY B 742 2.44 19.39 -70.62
C GLY B 742 3.77 18.95 -70.04
N VAL B 743 4.66 19.93 -69.89
CA VAL B 743 6.01 19.70 -69.38
C VAL B 743 6.23 20.30 -68.00
N GLU B 744 5.19 20.91 -67.41
CA GLU B 744 5.33 21.55 -66.11
C GLU B 744 5.75 20.55 -65.05
N GLY B 745 6.71 20.96 -64.22
CA GLY B 745 7.16 20.14 -63.10
C GLY B 745 8.21 19.11 -63.43
N LEU B 746 8.70 19.07 -64.66
CA LEU B 746 9.68 18.08 -65.08
C LEU B 746 11.01 18.73 -65.43
N GLN B 747 12.08 17.97 -65.25
CA GLN B 747 13.43 18.39 -65.59
C GLN B 747 14.09 17.31 -66.43
N GLN B 748 15.06 17.73 -67.23
CA GLN B 748 15.84 16.83 -68.08
C GLN B 748 17.23 16.67 -67.48
N ILE B 749 17.64 15.43 -67.29
CA ILE B 749 18.92 15.10 -66.65
C ILE B 749 19.83 14.54 -67.72
N VAL B 750 20.98 15.18 -67.92
CA VAL B 750 21.91 14.83 -68.99
C VAL B 750 23.26 14.50 -68.38
N MET B 751 23.87 13.43 -68.88
CA MET B 751 25.26 13.08 -68.57
C MET B 751 25.97 12.85 -69.89
N ARG B 752 26.94 13.71 -70.21
CA ARG B 752 27.72 13.56 -71.43
C ARG B 752 29.09 12.97 -71.10
N ASN B 753 29.58 12.13 -71.99
CA ASN B 753 30.84 11.43 -71.79
C ASN B 753 32.01 12.28 -72.31
N ASP B 754 33.18 11.66 -72.42
CA ASP B 754 34.40 12.42 -72.75
C ASP B 754 34.30 13.06 -74.12
N GLN B 755 33.84 12.33 -75.12
CA GLN B 755 33.78 12.83 -76.49
C GLN B 755 32.51 13.60 -76.80
N GLY B 756 31.64 13.82 -75.82
CA GLY B 756 30.46 14.62 -76.00
C GLY B 756 29.18 13.87 -76.29
N LYS B 757 29.18 12.54 -76.16
CA LYS B 757 27.98 11.76 -76.39
C LYS B 757 27.08 11.78 -75.17
N ILE B 758 25.79 12.01 -75.39
CA ILE B 758 24.80 12.00 -74.31
C ILE B 758 24.45 10.55 -73.99
N VAL B 759 24.53 10.20 -72.70
CA VAL B 759 24.37 8.81 -72.29
C VAL B 759 23.19 8.60 -71.34
N VAL B 760 22.56 9.66 -70.82
CA VAL B 760 21.46 9.46 -69.88
C VAL B 760 20.19 10.11 -70.41
N ASP B 761 20.18 11.44 -70.49
CA ASP B 761 19.05 12.23 -71.00
C ASP B 761 17.69 11.71 -70.54
N ALA B 762 17.45 11.68 -69.24
CA ALA B 762 16.23 11.11 -68.70
C ALA B 762 15.33 12.20 -68.12
N LEU B 763 14.06 11.84 -67.93
CA LEU B 763 13.11 12.72 -67.25
C LEU B 763 13.26 12.55 -65.75
N GLY B 764 13.06 13.65 -65.01
CA GLY B 764 13.18 13.60 -63.57
C GLY B 764 12.36 14.68 -62.91
N THR B 765 12.14 14.50 -61.61
CA THR B 765 11.47 15.48 -60.78
C THR B 765 12.38 15.89 -59.63
N ALA B 766 12.28 17.15 -59.23
CA ALA B 766 13.15 17.69 -58.20
C ALA B 766 12.62 17.33 -56.82
N ALA B 767 13.46 16.69 -56.02
CA ALA B 767 13.09 16.39 -54.65
C ALA B 767 12.96 17.70 -53.86
N PRO B 768 11.97 17.79 -52.97
CA PRO B 768 11.78 19.04 -52.24
C PRO B 768 12.93 19.31 -51.27
N SER B 769 13.20 20.59 -51.07
CA SER B 769 14.19 21.03 -50.09
C SER B 769 13.54 21.22 -48.73
N ARG B 770 14.36 21.22 -47.69
CA ARG B 770 13.82 21.39 -46.34
C ARG B 770 13.21 22.76 -46.15
N LEU B 771 13.68 23.77 -46.88
CA LEU B 771 13.05 25.09 -46.82
C LEU B 771 11.62 25.04 -47.35
N ALA B 772 11.42 24.38 -48.50
CA ALA B 772 10.07 24.26 -49.06
C ALA B 772 9.16 23.48 -48.13
N VAL B 773 9.68 22.43 -47.50
CA VAL B 773 8.88 21.67 -46.53
C VAL B 773 8.54 22.54 -45.33
N LYS B 774 9.48 23.41 -44.92
CA LYS B 774 9.19 24.33 -43.82
C LYS B 774 8.05 25.29 -44.19
N LEU B 775 8.06 25.81 -45.41
CA LEU B 775 6.95 26.66 -45.84
C LEU B 775 5.73 25.89 -46.31
N ASP B 776 5.84 24.57 -46.51
CA ASP B 776 4.70 23.77 -46.93
C ASP B 776 4.93 22.33 -46.47
N TRP B 777 4.25 21.94 -45.39
CA TRP B 777 4.45 20.62 -44.81
C TRP B 777 3.77 19.50 -45.58
N SER B 778 2.87 19.83 -46.51
CA SER B 778 2.26 18.79 -47.34
C SER B 778 3.27 18.23 -48.34
N ARG B 779 4.27 19.03 -48.72
CA ARG B 779 5.24 18.58 -49.71
C ARG B 779 5.98 17.34 -49.24
N LEU B 780 6.22 17.21 -47.94
CA LEU B 780 6.82 15.98 -47.41
C LEU B 780 5.91 14.79 -47.63
N SER B 781 4.62 14.95 -47.36
CA SER B 781 3.67 13.84 -47.51
C SER B 781 3.65 13.35 -48.96
N ALA B 782 3.49 14.29 -49.90
CA ALA B 782 3.58 13.91 -51.31
C ALA B 782 4.91 13.26 -51.62
N TRP B 783 5.98 13.74 -50.97
CA TRP B 783 7.28 13.09 -51.13
C TRP B 783 7.21 11.62 -50.73
N TYR B 784 6.57 11.34 -49.59
CA TYR B 784 6.37 9.95 -49.19
C TYR B 784 5.58 9.18 -50.23
N SER B 785 4.64 9.84 -50.92
CA SER B 785 3.86 9.16 -51.94
C SER B 785 4.65 8.95 -53.23
N ASP B 786 5.80 9.61 -53.39
CA ASP B 786 6.53 9.55 -54.64
C ASP B 786 7.69 8.57 -54.63
N THR B 787 8.19 8.18 -53.45
CA THR B 787 9.37 7.34 -53.36
C THR B 787 9.17 6.11 -52.48
N THR B 788 7.93 5.74 -52.18
CA THR B 788 7.64 4.62 -51.29
C THR B 788 7.00 3.49 -52.07
N CYS B 789 7.53 2.28 -51.89
CA CYS B 789 6.98 1.08 -52.51
C CYS B 789 6.83 0.00 -51.45
N ALA B 790 5.79 -0.81 -51.60
CA ALA B 790 5.57 -1.91 -50.67
C ALA B 790 6.67 -2.96 -50.83
N ILE B 791 7.25 -3.37 -49.71
CA ILE B 791 8.40 -4.29 -49.75
C ILE B 791 7.91 -5.69 -50.10
N PRO B 792 8.45 -6.32 -51.14
CA PRO B 792 8.07 -7.71 -51.44
C PRO B 792 8.65 -8.67 -50.41
N LEU B 793 8.01 -9.84 -50.32
CA LEU B 793 8.35 -10.83 -49.29
C LEU B 793 9.25 -11.94 -49.81
N SER B 794 8.96 -12.50 -50.98
CA SER B 794 9.68 -13.67 -51.49
C SER B 794 10.67 -13.35 -52.59
N ASP B 795 10.75 -12.09 -53.03
CA ASP B 795 11.69 -11.68 -54.06
C ASP B 795 12.36 -10.38 -53.66
N ARG B 796 13.58 -10.18 -54.16
CA ARG B 796 14.36 -8.98 -53.88
C ARG B 796 14.21 -7.91 -54.95
N VAL B 797 13.10 -7.90 -55.66
CA VAL B 797 12.84 -6.92 -56.72
C VAL B 797 11.66 -6.07 -56.28
N MET B 798 11.89 -4.78 -56.07
CA MET B 798 10.83 -3.84 -55.77
C MET B 798 10.38 -3.15 -57.04
N GLU B 799 9.06 -3.07 -57.24
CA GLU B 799 8.52 -2.53 -58.48
C GLU B 799 8.91 -1.07 -58.69
N ILE B 800 9.29 -0.35 -57.64
CA ILE B 800 9.76 1.03 -57.80
C ILE B 800 11.04 1.04 -58.63
N ILE B 801 11.90 0.04 -58.44
CA ILE B 801 13.12 -0.07 -59.22
C ILE B 801 12.84 -0.29 -60.69
N ASN B 802 11.68 -0.87 -61.03
CA ASN B 802 11.33 -1.06 -62.43
C ASN B 802 10.95 0.23 -63.13
N TYR B 803 10.79 1.34 -62.38
CA TYR B 803 10.30 2.57 -62.99
C TYR B 803 11.19 3.78 -62.68
N ALA B 804 11.82 3.80 -61.52
CA ALA B 804 12.46 5.03 -61.06
C ALA B 804 13.73 4.72 -60.29
N ALA B 805 14.57 5.76 -60.16
CA ALA B 805 15.81 5.70 -59.40
C ALA B 805 16.08 7.08 -58.83
N ILE B 806 17.17 7.20 -58.07
CA ILE B 806 17.59 8.46 -57.49
C ILE B 806 18.84 8.94 -58.23
N TRP B 807 18.83 10.19 -58.67
CA TRP B 807 19.95 10.81 -59.35
C TRP B 807 20.54 11.85 -58.41
N ASP B 808 21.74 11.60 -57.91
CA ASP B 808 22.40 12.48 -56.96
C ASP B 808 23.59 13.15 -57.61
N PRO B 809 23.52 14.45 -57.92
CA PRO B 809 24.67 15.12 -58.57
C PRO B 809 25.92 15.14 -57.73
N THR B 810 25.82 15.00 -56.41
CA THR B 810 26.97 15.05 -55.52
C THR B 810 27.63 13.69 -55.32
N GLN B 811 27.13 12.65 -55.97
CA GLN B 811 27.74 11.33 -55.92
C GLN B 811 28.54 11.11 -57.19
N GLU B 812 29.67 10.42 -57.06
CA GLU B 812 30.54 10.18 -58.21
C GLU B 812 29.80 9.39 -59.29
N ARG B 813 29.08 8.36 -58.90
CA ARG B 813 28.12 7.68 -59.77
C ARG B 813 26.72 8.11 -59.30
N ARG B 814 26.07 8.95 -60.11
CA ARG B 814 24.93 9.73 -59.63
C ARG B 814 23.67 8.89 -59.42
N ALA B 815 23.57 7.72 -60.03
CA ALA B 815 22.36 6.92 -59.94
C ALA B 815 22.37 6.08 -58.66
N THR B 816 21.23 6.04 -57.98
CA THR B 816 21.09 5.31 -56.73
C THR B 816 19.64 4.88 -56.57
N GLY B 817 19.41 3.94 -55.67
CA GLY B 817 18.08 3.39 -55.41
C GLY B 817 17.43 3.96 -54.16
N PHE B 818 16.63 3.13 -53.50
CA PHE B 818 15.87 3.52 -52.32
C PHE B 818 16.19 2.57 -51.17
N VAL B 819 16.14 3.08 -49.94
CA VAL B 819 16.62 2.30 -48.81
C VAL B 819 15.46 1.80 -47.94
N TYR B 820 14.75 2.71 -47.27
CA TYR B 820 13.67 2.37 -46.33
C TYR B 820 14.19 1.61 -45.12
N THR B 821 13.49 1.73 -43.99
CA THR B 821 13.70 0.85 -42.85
C THR B 821 12.64 -0.25 -42.85
N TYR B 822 13.11 -1.49 -42.73
CA TYR B 822 12.26 -2.68 -42.82
C TYR B 822 12.26 -3.40 -41.49
N PHE B 823 11.08 -3.62 -40.92
CA PHE B 823 11.02 -4.20 -39.59
C PHE B 823 11.07 -5.72 -39.62
N SER B 824 9.98 -6.36 -40.07
CA SER B 824 9.89 -7.79 -40.36
C SER B 824 8.45 -8.10 -40.78
N PRO B 825 8.20 -9.15 -41.55
CA PRO B 825 6.82 -9.65 -41.67
C PRO B 825 6.27 -10.16 -40.35
N ASN B 826 7.12 -10.76 -39.50
CA ASN B 826 6.67 -11.28 -38.22
C ASN B 826 6.34 -10.15 -37.25
N PHE B 827 7.18 -9.11 -37.22
CA PHE B 827 6.92 -7.98 -36.33
C PHE B 827 5.63 -7.27 -36.72
N LEU B 828 5.23 -7.34 -37.99
CA LEU B 828 3.97 -6.76 -38.43
C LEU B 828 2.80 -7.72 -38.22
N SER B 829 3.05 -9.03 -38.27
CA SER B 829 2.03 -9.99 -37.87
C SER B 829 1.69 -9.81 -36.39
N SER B 830 2.69 -9.45 -35.59
CA SER B 830 2.46 -9.13 -34.18
C SER B 830 1.58 -7.90 -34.00
N PHE B 831 1.41 -7.07 -35.04
CA PHE B 831 0.56 -5.89 -34.97
C PHE B 831 -0.90 -6.20 -35.21
N ASN B 832 -1.26 -7.45 -35.51
CA ASN B 832 -2.64 -7.82 -35.80
C ASN B 832 -3.47 -8.03 -34.55
N ALA B 833 -2.89 -7.94 -33.37
CA ALA B 833 -3.60 -8.11 -32.11
C ALA B 833 -3.78 -6.76 -31.43
N SER B 834 -4.99 -6.54 -30.90
CA SER B 834 -5.28 -5.29 -30.21
C SER B 834 -4.48 -5.13 -28.93
N GLU B 835 -4.04 -6.23 -28.33
CA GLU B 835 -3.26 -6.21 -27.11
C GLU B 835 -2.07 -7.15 -27.25
N PRO B 836 -0.94 -6.85 -26.61
CA PRO B 836 0.26 -7.68 -26.77
C PRO B 836 0.22 -8.97 -25.96
N ILE B 837 -0.76 -9.82 -26.27
CA ILE B 837 -0.88 -11.15 -25.69
C ILE B 837 -0.93 -12.15 -26.83
N PHE B 838 0.02 -13.09 -26.84
CA PHE B 838 0.08 -14.11 -27.88
C PHE B 838 0.55 -15.40 -27.23
N ASN B 839 -0.35 -16.38 -27.04
CA ASN B 839 0.07 -17.66 -26.50
C ASN B 839 -0.14 -18.80 -27.49
N THR B 840 -1.38 -19.16 -27.82
CA THR B 840 -1.63 -20.03 -28.97
C THR B 840 -2.93 -19.66 -29.66
N SER B 841 -3.87 -19.09 -28.90
CA SER B 841 -5.24 -18.91 -29.37
C SER B 841 -5.45 -17.60 -30.12
N ILE B 842 -4.48 -16.70 -30.11
CA ILE B 842 -4.61 -15.45 -30.85
C ILE B 842 -4.41 -15.72 -32.33
N ASN B 843 -5.29 -15.13 -33.14
CA ASN B 843 -5.24 -15.28 -34.60
C ASN B 843 -4.58 -14.03 -35.17
N LEU B 844 -3.27 -14.11 -35.40
CA LEU B 844 -2.53 -13.01 -36.01
C LEU B 844 -2.58 -13.03 -37.53
N THR B 845 -3.08 -14.12 -38.12
CA THR B 845 -3.20 -14.18 -39.57
C THR B 845 -4.46 -13.44 -40.01
N PRO B 846 -4.35 -12.44 -40.88
CA PRO B 846 -5.54 -11.70 -41.30
C PRO B 846 -6.34 -12.48 -42.32
N PRO B 847 -7.57 -12.86 -41.98
CA PRO B 847 -8.39 -13.62 -42.94
C PRO B 847 -9.05 -12.71 -43.97
N TYR B 848 -9.47 -13.34 -45.07
CA TYR B 848 -10.22 -12.73 -46.16
C TYR B 848 -9.44 -11.66 -46.93
N ASP B 849 -8.14 -11.50 -46.66
CA ASP B 849 -7.35 -10.47 -47.31
C ASP B 849 -6.26 -11.04 -48.20
N ASP B 850 -5.37 -11.88 -47.64
CA ASP B 850 -4.27 -12.63 -48.25
C ASP B 850 -3.24 -11.76 -48.94
N THR B 851 -3.38 -10.44 -48.90
CA THR B 851 -2.41 -9.56 -49.56
C THR B 851 -1.06 -9.59 -48.84
N SER B 852 -1.07 -9.77 -47.52
CA SER B 852 0.16 -9.72 -46.73
C SER B 852 1.06 -10.90 -47.02
N HIS B 853 0.55 -11.89 -47.76
CA HIS B 853 1.33 -13.08 -48.08
C HIS B 853 2.40 -12.82 -49.13
N THR B 854 2.34 -11.69 -49.83
CA THR B 854 3.32 -11.35 -50.86
C THR B 854 3.97 -10.00 -50.65
N VAL B 855 3.22 -9.01 -50.16
CA VAL B 855 3.74 -7.67 -49.89
C VAL B 855 3.60 -7.43 -48.38
N ILE B 856 4.66 -6.93 -47.76
CA ILE B 856 4.68 -6.90 -46.29
C ILE B 856 4.03 -5.63 -45.76
N GLN B 857 4.73 -4.50 -45.89
CA GLN B 857 4.27 -3.15 -45.59
C GLN B 857 5.43 -2.20 -45.77
N ASN B 858 5.17 -0.89 -45.84
CA ASN B 858 6.25 0.10 -45.80
C ASN B 858 5.92 1.12 -44.71
N LEU B 859 6.49 0.91 -43.53
CA LEU B 859 6.30 1.78 -42.38
C LEU B 859 7.51 2.69 -42.14
N SER B 860 8.34 2.89 -43.15
CA SER B 860 9.56 3.65 -43.00
C SER B 860 9.31 5.15 -43.22
N MET B 861 10.21 5.96 -42.67
CA MET B 861 10.25 7.36 -43.01
C MET B 861 10.69 7.52 -44.47
N PRO B 862 10.26 8.60 -45.14
CA PRO B 862 10.66 8.79 -46.54
C PRO B 862 12.16 8.98 -46.70
N GLN B 863 12.63 9.06 -47.94
CA GLN B 863 14.05 9.26 -48.18
C GLN B 863 14.50 10.60 -47.62
N MET B 864 15.73 10.63 -47.13
CA MET B 864 16.27 11.84 -46.50
C MET B 864 16.39 12.94 -47.54
N LEU B 865 15.85 14.12 -47.22
CA LEU B 865 15.80 15.22 -48.19
C LEU B 865 17.17 15.81 -48.48
N SER B 866 18.18 15.50 -47.66
CA SER B 866 19.53 15.98 -47.90
C SER B 866 20.52 14.90 -47.50
N PHE B 867 21.52 14.69 -48.35
CA PHE B 867 22.59 13.74 -48.07
C PHE B 867 23.86 14.44 -47.58
N ASP B 868 23.78 15.74 -47.32
CA ASP B 868 24.88 16.49 -46.73
C ASP B 868 24.32 17.29 -45.55
N PRO B 869 24.88 17.13 -44.35
CA PRO B 869 24.29 17.82 -43.18
C PRO B 869 24.45 19.32 -43.23
N TYR B 870 25.46 19.85 -43.91
CA TYR B 870 25.77 21.28 -43.85
C TYR B 870 25.33 22.05 -45.09
N TYR B 871 25.51 21.49 -46.28
CA TYR B 871 25.28 22.22 -47.52
C TYR B 871 24.15 21.56 -48.31
N GLU B 872 23.25 22.39 -48.82
CA GLU B 872 22.03 21.94 -49.47
C GLU B 872 22.23 21.88 -50.98
N SER B 873 21.98 20.71 -51.57
CA SER B 873 22.01 20.52 -53.00
C SER B 873 20.78 19.73 -53.42
N THR B 874 20.39 19.87 -54.68
CA THR B 874 19.18 19.27 -55.21
C THR B 874 19.49 17.97 -55.93
N PHE B 875 18.87 16.88 -55.49
CA PHE B 875 18.90 15.62 -56.20
C PHE B 875 17.51 15.35 -56.79
N TYR B 876 17.43 14.34 -57.65
CA TYR B 876 16.23 14.14 -58.44
C TYR B 876 15.73 12.70 -58.32
N VAL B 877 14.41 12.55 -58.48
CA VAL B 877 13.81 11.25 -58.72
C VAL B 877 13.69 11.09 -60.23
N VAL B 878 14.46 10.18 -60.80
CA VAL B 878 14.62 10.07 -62.25
C VAL B 878 13.92 8.81 -62.74
N SER B 879 13.47 8.86 -63.99
CA SER B 879 12.86 7.70 -64.62
C SER B 879 13.94 6.73 -65.10
N ALA B 880 13.53 5.49 -65.32
CA ALA B 880 14.46 4.43 -65.73
C ALA B 880 14.52 4.23 -67.23
N ASP B 881 13.41 4.43 -67.94
CA ASP B 881 13.38 4.20 -69.38
C ASP B 881 12.59 5.25 -70.16
N ASN B 882 12.11 6.30 -69.50
CA ASN B 882 11.33 7.39 -70.07
C ASN B 882 9.94 6.95 -70.52
N GLU B 883 9.62 5.67 -70.44
CA GLU B 883 8.24 5.23 -70.68
C GLU B 883 7.32 5.75 -69.57
N TRP B 884 7.79 5.72 -68.33
CA TRP B 884 7.06 6.26 -67.20
C TRP B 884 7.49 7.69 -66.93
N ILE B 885 6.52 8.59 -66.85
CA ILE B 885 6.78 10.01 -66.59
C ILE B 885 6.64 10.24 -65.09
N PRO B 886 7.65 10.80 -64.42
CA PRO B 886 7.55 11.03 -62.97
C PRO B 886 6.36 11.90 -62.58
N THR B 887 5.99 12.87 -63.40
CA THR B 887 4.84 13.71 -63.10
C THR B 887 3.54 12.92 -63.07
N SER B 888 3.46 11.83 -63.84
CA SER B 888 2.23 11.03 -63.90
C SER B 888 1.95 10.26 -62.62
N GLY B 889 2.88 10.27 -61.67
CA GLY B 889 2.68 9.57 -60.42
C GLY B 889 3.25 8.16 -60.45
N PRO B 890 3.25 7.50 -59.29
CA PRO B 890 3.86 6.17 -59.21
C PRO B 890 3.10 5.14 -60.01
N ALA B 891 3.84 4.16 -60.53
CA ALA B 891 3.27 3.01 -61.21
C ALA B 891 3.37 1.73 -60.39
N TRP B 892 3.93 1.81 -59.18
CA TRP B 892 4.09 0.67 -58.31
C TRP B 892 3.00 0.67 -57.24
N LYS B 893 3.11 -0.24 -56.27
CA LYS B 893 2.18 -0.31 -55.16
C LYS B 893 2.55 0.78 -54.15
N VAL B 894 1.69 1.79 -54.03
CA VAL B 894 1.93 2.93 -53.14
C VAL B 894 1.18 2.68 -51.84
N PRO B 895 1.85 2.63 -50.70
CA PRO B 895 1.15 2.51 -49.43
C PRO B 895 0.62 3.85 -48.95
N TYR B 896 -0.43 3.79 -48.14
CA TYR B 896 -0.95 4.97 -47.48
C TYR B 896 -1.39 4.60 -46.06
N LEU B 897 -1.14 5.52 -45.14
CA LEU B 897 -1.33 5.32 -43.71
C LEU B 897 -2.29 6.37 -43.16
N GLU B 898 -2.87 6.06 -42.00
CA GLU B 898 -3.70 7.02 -41.29
C GLU B 898 -3.75 6.62 -39.82
N ASN B 899 -3.75 7.62 -38.95
CA ASN B 899 -3.94 7.36 -37.53
C ASN B 899 -5.42 7.27 -37.22
N VAL B 900 -5.81 6.22 -36.51
CA VAL B 900 -7.21 5.92 -36.25
C VAL B 900 -7.45 5.85 -34.75
N VAL B 901 -8.65 6.24 -34.35
CA VAL B 901 -9.09 6.16 -32.95
C VAL B 901 -9.91 4.88 -32.81
N LYS B 902 -9.34 3.88 -32.14
CA LYS B 902 -9.98 2.57 -32.05
C LYS B 902 -9.49 1.89 -30.77
N ARG B 903 -10.34 1.87 -29.74
CA ARG B 903 -10.00 1.21 -28.50
C ARG B 903 -10.09 -0.31 -28.67
N SER B 904 -9.37 -1.01 -27.80
CA SER B 904 -9.35 -2.48 -27.84
C SER B 904 -10.56 -3.04 -27.08
N GLY B 905 -10.83 -4.32 -27.34
CA GLY B 905 -11.93 -4.97 -26.65
C GLY B 905 -11.70 -5.10 -25.15
N ARG B 906 -10.49 -5.48 -24.75
CA ARG B 906 -10.19 -5.60 -23.33
C ARG B 906 -10.17 -4.25 -22.64
N ARG B 907 -9.73 -3.20 -23.34
CA ARG B 907 -9.80 -1.86 -22.76
C ARG B 907 -11.23 -1.44 -22.49
N LEU B 908 -12.13 -1.71 -23.44
CA LEU B 908 -13.54 -1.41 -23.23
C LEU B 908 -14.13 -2.25 -22.12
N LEU B 909 -13.72 -3.52 -22.02
CA LEU B 909 -14.18 -4.37 -20.93
C LEU B 909 -13.76 -3.81 -19.57
N ALA B 910 -12.50 -3.37 -19.47
CA ALA B 910 -12.03 -2.78 -18.22
C ALA B 910 -12.77 -1.49 -17.91
N GLU B 911 -13.03 -0.67 -18.94
CA GLU B 911 -13.77 0.57 -18.74
C GLU B 911 -15.18 0.27 -18.23
N LEU B 912 -15.82 -0.77 -18.78
CA LEU B 912 -17.13 -1.17 -18.29
C LEU B 912 -17.07 -1.64 -16.85
N ARG B 913 -16.04 -2.43 -16.51
CA ARG B 913 -15.94 -2.98 -15.17
C ARG B 913 -15.67 -1.91 -14.12
N ILE B 914 -14.87 -0.89 -14.45
CA ILE B 914 -14.45 0.08 -13.45
C ILE B 914 -15.31 1.34 -13.42
N ALA B 915 -16.15 1.57 -14.43
CA ALA B 915 -16.97 2.77 -14.47
C ALA B 915 -18.46 2.45 -14.51
N SER B 916 -18.90 1.56 -15.39
CA SER B 916 -20.33 1.30 -15.54
C SER B 916 -20.87 0.49 -14.36
N ASN B 917 -20.15 -0.55 -13.96
CA ASN B 917 -20.61 -1.48 -12.93
C ASN B 917 -19.76 -1.39 -11.67
N ASN B 918 -19.32 -0.19 -11.32
CA ASN B 918 -18.52 0.04 -10.12
C ASN B 918 -19.45 0.36 -8.95
N GLY B 919 -19.66 -0.62 -8.07
CA GLY B 919 -20.45 -0.41 -6.88
C GLY B 919 -19.64 0.14 -5.73
N SER B 920 -18.57 -0.58 -5.37
CA SER B 920 -17.64 -0.15 -4.33
C SER B 920 -18.33 0.04 -2.99
N GLY B 921 -18.70 1.29 -2.69
CA GLY B 921 -19.23 1.64 -1.39
C GLY B 921 -18.53 2.87 -0.83
N ASP B 922 -17.23 2.97 -1.11
CA ASP B 922 -16.47 4.17 -0.79
C ASP B 922 -16.70 5.29 -1.80
N ARG B 923 -17.30 5.00 -2.94
CA ARG B 923 -17.71 6.03 -3.89
C ARG B 923 -19.21 6.29 -3.87
N THR B 924 -20.01 5.33 -3.41
CA THR B 924 -21.44 5.55 -3.26
C THR B 924 -21.75 6.38 -2.02
N PHE B 925 -21.00 6.18 -0.95
CA PHE B 925 -21.29 6.80 0.34
C PHE B 925 -20.27 7.85 0.76
N LEU B 926 -18.99 7.62 0.49
CA LEU B 926 -17.95 8.61 0.82
C LEU B 926 -17.69 9.55 -0.35
N ASP B 927 -18.77 10.15 -0.85
CA ASP B 927 -18.68 11.08 -1.98
C ASP B 927 -18.81 12.54 -1.57
N ASP B 928 -19.20 12.81 -0.32
CA ASP B 928 -19.32 14.20 0.12
C ASP B 928 -17.95 14.83 0.34
N VAL B 929 -16.93 14.02 0.61
CA VAL B 929 -15.56 14.48 0.82
C VAL B 929 -15.50 15.54 1.91
#